data_9FRF
#
_entry.id   9FRF
#
_cell.length_a   1.00
_cell.length_b   1.00
_cell.length_c   1.00
_cell.angle_alpha   90.00
_cell.angle_beta   90.00
_cell.angle_gamma   90.00
#
_symmetry.space_group_name_H-M   'P 1'
#
loop_
_entity.id
_entity.type
_entity.pdbx_description
1 polymer 'Gamma-aminobutyric acid receptor subunit rho-1'
2 non-polymer '(R)-amino-3-hydroxybutanoic acid'
3 non-polymer 2-acetamido-2-deoxy-beta-D-glucopyranose
4 non-polymer DECANE
5 non-polymer N-OCTANE
6 non-polymer HEXANE
7 non-polymer 'CHLORIDE ION'
8 water water
#
_entity_poly.entity_id   1
_entity_poly.type   'polypeptide(L)'
_entity_poly.pdbx_seq_one_letter_code
;MLAVPNMRFGIFLLWWGWVLATESRMHWPGREVHEMSKKGRPQRQRREVHEDAHKQVSPILRRSPDITKSPLTKSEQLLR
IDDHDFSMRPGFGGPAIPVGVDVQVESLDSISEVDMDFTMTLYLRHYWKDERLSFPSTNNLSMTFDGRLVKKIWVPDMFF
VHSKRSFIHDTTTDNVMLRVQPDGKVLYSLRVTVTAMCNMDFSRFPLDTQTCSLEIESYAYTEDDLMLYWKKGNDSLKTD
ERISLSQFLIQEFHTTTKLAFYSSTGWYNRLYINFTLRRHIFFFLLQTYFPATLMVMLSWVSFWIDRRAVPARVPLGITT
VLTMSTIITGVNASMPRVSYIKAVDIYLWVSFVFVFLSVLEYAAVNYLTTVQERKEQKLREKLPCTSGLPPPRTAMLDGN
YSDGEVNDLDNYMPENGEKPDRMMVQLTLASERSSPQRKSQRSSYVSMRIDTHAIDKYSRIIFPAAYILFNLIYWSIFS
;
_entity_poly.pdbx_strand_id   A,E,B,C,D
#
loop_
_chem_comp.id
_chem_comp.type
_chem_comp.name
_chem_comp.formula
A1IFF non-polymer '(R)-amino-3-hydroxybutanoic acid' 'C4 H9 N O3'
CL non-polymer 'CHLORIDE ION' 'Cl -1'
D10 non-polymer DECANE 'C10 H22'
HEX non-polymer HEXANE 'C6 H14'
NAG D-saccharide, beta linking 2-acetamido-2-deoxy-beta-D-glucopyranose 'C8 H15 N O6'
OCT non-polymer N-OCTANE 'C8 H18'
#
# COMPACT_ATOMS: atom_id res chain seq x y z
N LEU A 78 31.86 17.96 -36.17
CA LEU A 78 32.34 19.27 -35.71
C LEU A 78 33.31 19.12 -34.52
N LEU A 79 32.81 18.47 -33.47
CA LEU A 79 33.58 18.08 -32.30
C LEU A 79 34.41 16.84 -32.59
N ARG A 80 35.70 16.91 -32.28
CA ARG A 80 36.66 15.84 -32.57
C ARG A 80 36.58 14.77 -31.48
N ILE A 81 35.57 13.92 -31.59
CA ILE A 81 35.31 13.01 -30.48
C ILE A 81 36.19 11.76 -30.56
N ASP A 82 36.54 11.34 -31.77
CA ASP A 82 37.33 10.15 -32.02
C ASP A 82 38.81 10.31 -31.71
N ASP A 83 39.26 11.49 -31.26
CA ASP A 83 40.68 11.78 -31.26
C ASP A 83 41.36 11.50 -29.93
N HIS A 84 40.58 11.27 -28.88
CA HIS A 84 40.98 11.47 -27.50
C HIS A 84 40.45 10.34 -26.64
N ASP A 85 41.11 10.15 -25.49
CA ASP A 85 40.77 9.17 -24.46
C ASP A 85 40.02 9.86 -23.34
N PHE A 86 38.70 9.82 -23.41
CA PHE A 86 37.80 10.42 -22.40
C PHE A 86 37.62 9.58 -21.16
N SER A 87 38.44 8.54 -20.93
CA SER A 87 38.46 7.91 -19.61
C SER A 87 39.27 8.71 -18.60
N MET A 88 40.00 9.72 -19.05
CA MET A 88 40.87 10.52 -18.19
C MET A 88 40.33 11.94 -18.11
N ARG A 89 40.41 12.53 -16.91
CA ARG A 89 39.84 13.84 -16.70
C ARG A 89 40.72 14.90 -17.38
N PRO A 90 40.21 16.12 -17.54
CA PRO A 90 41.08 17.22 -17.98
C PRO A 90 42.11 17.57 -16.91
N GLY A 91 43.36 17.74 -17.35
CA GLY A 91 44.49 17.94 -16.45
C GLY A 91 44.93 16.72 -15.68
N PHE A 92 44.66 15.52 -16.20
CA PHE A 92 45.02 14.26 -15.56
C PHE A 92 46.51 14.22 -15.28
N GLY A 93 46.89 13.92 -14.04
CA GLY A 93 48.29 13.95 -13.73
C GLY A 93 48.83 15.29 -13.31
N GLY A 94 47.95 16.26 -13.10
CA GLY A 94 48.35 17.61 -12.77
C GLY A 94 47.38 18.17 -11.75
N PRO A 95 47.30 19.50 -11.63
CA PRO A 95 46.43 20.12 -10.62
C PRO A 95 44.95 19.88 -10.87
N ALA A 96 44.18 20.13 -9.81
CA ALA A 96 42.76 19.80 -9.77
C ALA A 96 41.95 20.65 -10.74
N ILE A 97 40.84 20.09 -11.22
CA ILE A 97 39.96 20.78 -12.16
C ILE A 97 38.86 21.46 -11.36
N PRO A 98 38.64 22.81 -11.60
CA PRO A 98 37.49 23.38 -10.87
C PRO A 98 36.16 23.19 -11.57
N VAL A 99 35.13 22.90 -10.80
CA VAL A 99 33.78 22.65 -11.32
C VAL A 99 32.79 23.48 -10.51
N GLY A 100 32.02 24.33 -11.19
CA GLY A 100 31.05 25.18 -10.53
C GLY A 100 29.62 24.68 -10.72
N VAL A 101 28.74 25.02 -9.76
CA VAL A 101 27.40 24.44 -9.67
C VAL A 101 26.38 25.53 -9.38
N ASP A 102 25.18 25.43 -9.98
CA ASP A 102 24.03 26.17 -9.49
C ASP A 102 22.76 25.38 -9.73
N VAL A 103 21.67 25.79 -9.05
CA VAL A 103 20.51 24.94 -8.84
C VAL A 103 19.23 25.78 -8.88
N GLN A 104 18.15 25.20 -9.42
CA GLN A 104 16.81 25.76 -9.29
C GLN A 104 15.85 24.69 -8.76
N VAL A 105 15.14 24.97 -7.66
CA VAL A 105 14.22 23.97 -7.12
C VAL A 105 12.87 24.09 -7.81
N GLU A 106 12.40 22.99 -8.39
CA GLU A 106 11.05 23.02 -8.97
C GLU A 106 9.94 22.73 -7.94
N SER A 107 10.06 21.69 -7.10
CA SER A 107 9.00 21.41 -6.13
C SER A 107 9.54 20.65 -4.92
N LEU A 108 8.86 20.85 -3.78
CA LEU A 108 9.05 20.05 -2.58
C LEU A 108 7.83 19.15 -2.43
N ASP A 109 8.01 17.85 -2.60
CA ASP A 109 6.93 16.97 -3.01
C ASP A 109 6.16 16.32 -1.87
N SER A 110 6.84 15.84 -0.81
CA SER A 110 6.13 15.22 0.30
C SER A 110 7.08 15.08 1.48
N ILE A 111 6.50 14.80 2.66
CA ILE A 111 7.24 14.66 3.91
C ILE A 111 6.60 13.56 4.74
N SER A 112 7.43 12.77 5.43
CA SER A 112 6.94 11.67 6.26
C SER A 112 7.56 11.74 7.64
N GLU A 113 6.72 11.69 8.68
CA GLU A 113 7.25 11.60 10.04
C GLU A 113 7.58 10.15 10.41
N VAL A 114 6.81 9.20 9.90
CA VAL A 114 7.01 7.79 10.18
C VAL A 114 8.31 7.32 9.56
N ASP A 115 8.66 7.86 8.39
CA ASP A 115 9.90 7.44 7.76
C ASP A 115 11.05 8.42 7.94
N MET A 116 10.76 9.63 8.41
CA MET A 116 11.71 10.73 8.59
C MET A 116 12.50 11.03 7.31
N ASP A 117 11.77 11.52 6.30
CA ASP A 117 12.40 11.87 5.04
C ASP A 117 11.52 12.86 4.26
N PHE A 118 12.13 13.49 3.25
CA PHE A 118 11.38 14.30 2.29
C PHE A 118 11.81 14.00 0.85
N THR A 119 10.98 14.45 -0.08
CA THR A 119 11.22 14.33 -1.52
C THR A 119 11.25 15.69 -2.21
N MET A 120 12.22 15.87 -3.13
CA MET A 120 12.42 17.14 -3.84
C MET A 120 12.74 16.88 -5.32
N THR A 121 12.28 17.79 -6.19
CA THR A 121 12.57 17.77 -7.63
C THR A 121 13.26 19.08 -8.02
N LEU A 122 14.35 18.99 -8.79
CA LEU A 122 15.13 20.17 -9.11
C LEU A 122 15.87 20.02 -10.44
N TYR A 123 16.37 21.17 -10.93
CA TYR A 123 17.28 21.28 -12.06
C TYR A 123 18.69 21.53 -11.53
N LEU A 124 19.68 20.80 -12.05
CA LEU A 124 21.06 20.85 -11.55
C LEU A 124 22.02 21.11 -12.71
N ARG A 125 22.97 22.05 -12.54
CA ARG A 125 23.81 22.55 -13.63
C ARG A 125 25.30 22.52 -13.26
N HIS A 126 26.16 22.27 -14.25
CA HIS A 126 27.60 22.14 -14.07
C HIS A 126 28.36 22.99 -15.09
N TYR A 127 29.53 23.51 -14.68
CA TYR A 127 30.34 24.39 -15.51
C TYR A 127 31.83 24.01 -15.44
N TRP A 128 32.47 23.78 -16.59
CA TRP A 128 33.91 23.53 -16.62
C TRP A 128 34.45 23.77 -18.03
N LYS A 129 35.78 23.73 -18.15
CA LYS A 129 36.47 23.90 -19.44
C LYS A 129 37.27 22.65 -19.78
N ASP A 130 37.19 22.24 -21.06
CA ASP A 130 37.99 21.13 -21.60
C ASP A 130 38.39 21.48 -23.02
N GLU A 131 39.68 21.69 -23.27
CA GLU A 131 40.17 22.11 -24.57
C GLU A 131 40.11 21.02 -25.63
N ARG A 132 39.83 19.77 -25.24
CA ARG A 132 39.65 18.73 -26.24
C ARG A 132 38.35 18.88 -27.02
N LEU A 133 37.48 19.79 -26.58
CA LEU A 133 36.17 20.04 -27.16
C LEU A 133 36.09 21.39 -27.85
N SER A 134 37.24 21.98 -28.18
CA SER A 134 37.31 23.23 -28.92
C SER A 134 36.96 23.02 -30.40
N PHE A 135 36.42 24.06 -31.03
CA PHE A 135 36.05 24.04 -32.43
C PHE A 135 36.11 25.44 -33.00
N PRO A 136 36.35 25.58 -34.31
CA PRO A 136 36.49 26.90 -34.92
C PRO A 136 35.16 27.50 -35.34
N SER A 137 35.07 28.83 -35.19
CA SER A 137 33.91 29.59 -35.64
C SER A 137 34.31 31.06 -35.65
N THR A 138 33.50 31.87 -36.33
CA THR A 138 33.72 33.31 -36.43
C THR A 138 32.82 34.10 -35.50
N ASN A 139 31.87 33.46 -34.83
CA ASN A 139 30.85 34.19 -34.11
C ASN A 139 31.12 34.23 -32.62
N ASN A 140 31.91 33.30 -32.09
CA ASN A 140 32.29 33.29 -30.69
C ASN A 140 31.09 33.01 -29.79
N LEU A 141 30.08 32.33 -30.31
CA LEU A 141 28.86 32.05 -29.56
C LEU A 141 28.79 30.58 -29.16
N SER A 142 27.93 30.31 -28.18
CA SER A 142 27.60 28.99 -27.65
C SER A 142 26.65 28.21 -28.57
N MET A 143 26.92 26.90 -28.67
CA MET A 143 26.10 26.01 -29.49
C MET A 143 25.51 24.84 -28.70
N THR A 144 24.32 24.39 -29.07
CA THR A 144 23.63 23.29 -28.41
C THR A 144 23.74 22.02 -29.25
N PHE A 145 23.93 20.90 -28.58
CA PHE A 145 24.13 19.61 -29.23
C PHE A 145 23.10 18.61 -28.73
N ASP A 146 22.76 17.65 -29.59
CA ASP A 146 21.68 16.70 -29.30
C ASP A 146 21.54 16.17 -27.90
N GLY A 147 22.60 15.60 -27.36
CA GLY A 147 22.47 14.96 -26.06
C GLY A 147 22.94 13.53 -26.00
N ARG A 148 23.05 12.85 -27.15
CA ARG A 148 23.64 11.52 -27.21
C ARG A 148 25.17 11.55 -27.16
N LEU A 149 25.78 12.73 -27.17
CA LEU A 149 27.22 12.85 -27.03
C LEU A 149 27.67 12.81 -25.57
N VAL A 150 26.75 12.97 -24.62
CA VAL A 150 27.12 12.99 -23.21
C VAL A 150 27.79 11.69 -22.80
N LYS A 151 27.46 10.59 -23.46
CA LYS A 151 28.03 9.30 -23.10
C LYS A 151 29.34 9.01 -23.81
N LYS A 152 29.85 9.94 -24.63
CA LYS A 152 31.15 9.79 -25.27
C LYS A 152 32.25 10.62 -24.61
N ILE A 153 31.91 11.81 -24.11
CA ILE A 153 32.87 12.73 -23.51
C ILE A 153 33.01 12.47 -22.02
N TRP A 154 33.92 13.19 -21.37
CA TRP A 154 34.07 13.14 -19.92
C TRP A 154 33.10 14.11 -19.24
N VAL A 155 32.57 13.69 -18.10
CA VAL A 155 31.56 14.43 -17.33
C VAL A 155 31.76 14.22 -15.83
N PRO A 156 31.57 15.25 -15.00
CA PRO A 156 31.72 15.10 -13.54
C PRO A 156 30.72 14.11 -12.93
N ASP A 157 31.01 13.67 -11.70
CA ASP A 157 30.34 12.52 -11.10
C ASP A 157 29.63 12.79 -9.77
N MET A 158 28.66 13.69 -9.74
CA MET A 158 28.08 14.12 -8.48
C MET A 158 27.04 13.11 -7.98
N PHE A 159 26.95 12.97 -6.65
CA PHE A 159 25.90 12.13 -6.07
C PHE A 159 25.33 12.84 -4.84
N PHE A 160 24.11 12.43 -4.44
CA PHE A 160 23.43 13.02 -3.29
C PHE A 160 23.71 12.18 -2.06
N VAL A 161 24.32 12.79 -1.05
CA VAL A 161 24.75 12.08 0.15
C VAL A 161 23.59 11.87 1.12
N HIS A 162 23.55 10.67 1.72
CA HIS A 162 22.53 10.28 2.71
C HIS A 162 21.15 10.18 2.10
N SER A 163 21.08 9.85 0.81
CA SER A 163 19.81 9.79 0.10
C SER A 163 19.29 8.36 0.07
N LYS A 164 17.96 8.23 0.04
CA LYS A 164 17.31 6.93 0.00
C LYS A 164 17.13 6.40 -1.43
N ARG A 165 16.65 7.25 -2.34
CA ARG A 165 16.52 6.87 -3.75
C ARG A 165 16.38 8.14 -4.60
N SER A 166 16.64 7.99 -5.91
CA SER A 166 16.58 9.09 -6.87
C SER A 166 16.49 8.52 -8.29
N PHE A 167 16.00 9.35 -9.22
CA PHE A 167 16.12 9.02 -10.64
C PHE A 167 16.18 10.28 -11.50
N ILE A 168 16.61 10.09 -12.77
CA ILE A 168 16.60 11.11 -13.81
C ILE A 168 15.42 10.83 -14.73
N HIS A 169 14.74 11.89 -15.15
CA HIS A 169 13.53 11.81 -15.95
C HIS A 169 13.87 11.45 -17.41
N ASP A 170 13.00 10.66 -18.06
CA ASP A 170 13.37 10.19 -19.40
C ASP A 170 12.19 10.11 -20.37
N THR A 171 11.25 11.03 -20.28
CA THR A 171 10.16 11.09 -21.26
C THR A 171 10.03 12.52 -21.77
N THR A 172 10.05 12.72 -23.09
CA THR A 172 10.04 11.72 -24.16
C THR A 172 11.43 11.14 -24.46
N THR A 173 12.45 11.80 -23.94
CA THR A 173 13.84 11.39 -24.03
C THR A 173 14.49 11.76 -22.70
N ASP A 174 15.77 11.44 -22.54
CA ASP A 174 16.50 11.89 -21.36
C ASP A 174 16.47 13.40 -21.25
N ASN A 175 16.11 13.90 -20.07
CA ASN A 175 16.02 15.34 -19.81
C ASN A 175 17.41 15.88 -19.47
N VAL A 176 18.22 16.07 -20.52
CA VAL A 176 19.64 16.39 -20.42
C VAL A 176 19.96 17.46 -21.47
N MET A 177 20.91 18.35 -21.14
CA MET A 177 21.24 19.44 -22.05
C MET A 177 22.76 19.63 -22.05
N LEU A 178 23.33 19.91 -23.22
CA LEU A 178 24.77 20.10 -23.36
C LEU A 178 25.03 21.25 -24.32
N ARG A 179 25.76 22.27 -23.83
CA ARG A 179 26.13 23.44 -24.61
C ARG A 179 27.64 23.67 -24.51
N VAL A 180 28.27 24.00 -25.64
CA VAL A 180 29.71 24.17 -25.73
C VAL A 180 30.05 25.43 -26.51
N GLN A 181 31.08 26.17 -26.04
CA GLN A 181 31.73 27.36 -26.57
C GLN A 181 32.98 27.00 -27.37
N PRO A 182 33.35 27.80 -28.38
CA PRO A 182 34.51 27.46 -29.24
C PRO A 182 35.84 27.30 -28.54
N ASP A 183 35.99 27.82 -27.33
CA ASP A 183 37.21 27.62 -26.56
C ASP A 183 37.14 26.43 -25.64
N GLY A 184 36.05 25.67 -25.66
CA GLY A 184 35.96 24.47 -24.88
C GLY A 184 35.27 24.62 -23.55
N LYS A 185 34.64 25.76 -23.28
CA LYS A 185 33.83 25.89 -22.08
C LYS A 185 32.52 25.13 -22.25
N VAL A 186 32.09 24.44 -21.20
CA VAL A 186 30.99 23.50 -21.27
C VAL A 186 29.93 23.85 -20.22
N LEU A 187 28.67 23.75 -20.61
CA LEU A 187 27.53 23.81 -19.70
C LEU A 187 26.70 22.54 -19.81
N TYR A 188 26.38 21.92 -18.67
CA TYR A 188 25.73 20.61 -18.60
C TYR A 188 24.56 20.69 -17.62
N SER A 189 23.36 20.23 -18.02
CA SER A 189 22.21 20.32 -17.12
C SER A 189 21.33 19.06 -17.17
N LEU A 190 20.71 18.76 -16.02
CA LEU A 190 19.81 17.61 -15.91
C LEU A 190 18.68 17.83 -14.87
N ARG A 191 17.56 17.13 -15.05
CA ARG A 191 16.39 17.23 -14.14
C ARG A 191 16.28 15.96 -13.32
N VAL A 192 16.09 16.06 -11.99
CA VAL A 192 16.14 14.89 -11.11
C VAL A 192 15.16 15.04 -9.95
N THR A 193 14.78 13.88 -9.39
CA THR A 193 13.97 13.77 -8.17
C THR A 193 14.72 12.96 -7.13
N VAL A 194 14.75 13.43 -5.88
CA VAL A 194 15.51 12.81 -4.79
C VAL A 194 14.63 12.68 -3.54
N THR A 195 14.85 11.60 -2.79
CA THR A 195 14.29 11.38 -1.46
C THR A 195 15.43 11.25 -0.45
N ALA A 196 15.38 12.04 0.62
CA ALA A 196 16.55 12.25 1.47
C ALA A 196 16.16 12.17 2.95
N MET A 197 17.17 11.80 3.76
CA MET A 197 17.00 11.61 5.20
C MET A 197 16.91 12.92 5.96
N CYS A 198 16.06 12.95 7.00
CA CYS A 198 15.90 14.12 7.84
C CYS A 198 15.49 13.70 9.24
N ASN A 199 16.34 13.98 10.23
CA ASN A 199 16.06 13.63 11.62
C ASN A 199 15.15 14.66 12.27
N MET A 200 14.08 14.18 12.92
CA MET A 200 13.03 15.05 13.43
C MET A 200 12.84 14.90 14.93
N ASP A 201 12.52 16.02 15.58
CA ASP A 201 12.24 16.12 17.01
C ASP A 201 10.77 16.46 17.22
N PHE A 202 10.06 15.60 17.96
CA PHE A 202 8.62 15.74 18.21
C PHE A 202 8.29 16.04 19.66
N SER A 203 9.21 16.61 20.44
CA SER A 203 8.86 16.97 21.80
C SER A 203 7.85 18.11 21.93
N ARG A 204 7.76 19.02 20.96
CA ARG A 204 6.75 20.07 20.99
C ARG A 204 5.65 19.85 19.97
N PHE A 205 5.46 18.62 19.53
CA PHE A 205 4.49 18.33 18.50
C PHE A 205 3.09 18.52 19.07
N PRO A 206 2.17 19.21 18.32
CA PRO A 206 2.37 19.60 16.91
C PRO A 206 2.77 21.06 16.70
N LEU A 207 3.22 21.71 17.75
CA LEU A 207 3.67 23.10 17.65
C LEU A 207 5.17 23.19 17.37
N ASP A 208 5.65 22.41 16.42
CA ASP A 208 7.07 22.16 16.27
C ASP A 208 7.63 22.84 15.04
N THR A 209 8.96 22.97 15.01
CA THR A 209 9.67 23.54 13.87
C THR A 209 10.79 22.58 13.47
N GLN A 210 10.96 22.33 12.17
CA GLN A 210 12.01 21.42 11.73
C GLN A 210 12.93 22.10 10.71
N THR A 211 14.21 21.65 10.67
CA THR A 211 15.17 22.15 9.70
C THR A 211 15.78 20.99 8.90
N CYS A 212 15.99 21.20 7.60
CA CYS A 212 16.38 20.14 6.67
C CYS A 212 17.52 20.59 5.75
N SER A 213 18.19 19.62 5.13
CA SER A 213 19.24 19.94 4.14
C SER A 213 19.44 18.82 3.14
N LEU A 214 19.95 19.19 1.96
CA LEU A 214 20.28 18.26 0.88
C LEU A 214 21.77 18.41 0.56
N GLU A 215 22.47 17.28 0.48
CA GLU A 215 23.93 17.23 0.42
C GLU A 215 24.41 16.78 -0.95
N ILE A 216 25.49 17.41 -1.46
CA ILE A 216 25.99 17.15 -2.80
C ILE A 216 27.50 16.96 -2.74
N GLU A 217 27.99 15.93 -3.43
CA GLU A 217 29.40 15.57 -3.34
C GLU A 217 29.82 14.72 -4.53
N SER A 218 31.12 14.71 -4.81
CA SER A 218 31.72 13.91 -5.89
C SER A 218 32.09 12.54 -5.36
N TYR A 219 31.84 11.50 -6.16
CA TYR A 219 32.03 10.15 -5.65
C TYR A 219 33.49 9.70 -5.73
N ALA A 220 34.16 9.93 -6.85
CA ALA A 220 35.43 9.27 -7.09
C ALA A 220 36.66 10.14 -6.86
N TYR A 221 36.53 11.47 -6.91
CA TYR A 221 37.69 12.38 -7.00
C TYR A 221 37.80 13.15 -5.68
N THR A 222 39.00 13.19 -5.10
CA THR A 222 39.26 13.96 -3.89
C THR A 222 39.62 15.39 -4.25
N GLU A 223 39.70 16.24 -3.22
CA GLU A 223 40.03 17.64 -3.44
C GLU A 223 41.41 17.84 -4.08
N ASP A 224 42.21 16.77 -4.21
CA ASP A 224 43.46 16.91 -4.93
C ASP A 224 43.26 16.81 -6.44
N ASP A 225 42.10 16.33 -6.89
CA ASP A 225 41.82 16.17 -8.31
C ASP A 225 40.62 16.96 -8.80
N LEU A 226 39.64 17.25 -7.96
CA LEU A 226 38.49 18.04 -8.38
C LEU A 226 38.14 19.04 -7.28
N MET A 227 37.81 20.27 -7.69
CA MET A 227 37.47 21.35 -6.77
C MET A 227 36.05 21.80 -7.07
N LEU A 228 35.18 21.70 -6.07
CA LEU A 228 33.74 21.91 -6.25
C LEU A 228 33.26 23.12 -5.46
N TYR A 229 32.56 24.03 -6.12
CA TYR A 229 32.14 25.28 -5.50
C TYR A 229 30.82 25.77 -6.11
N TRP A 230 30.10 26.59 -5.33
CA TRP A 230 28.94 27.33 -5.85
C TRP A 230 29.38 28.37 -6.88
N LYS A 231 28.77 28.33 -8.06
CA LYS A 231 29.18 29.23 -9.14
C LYS A 231 29.10 30.70 -8.80
N LYS A 232 27.94 31.16 -8.33
CA LYS A 232 27.76 32.59 -8.10
C LYS A 232 27.61 32.91 -6.62
N GLY A 233 28.24 32.15 -5.74
CA GLY A 233 28.11 32.57 -4.34
C GLY A 233 26.71 32.29 -3.85
N ASN A 234 26.13 33.22 -3.08
CA ASN A 234 24.81 33.02 -2.51
C ASN A 234 23.70 33.11 -3.56
N ASP A 235 23.97 33.69 -4.72
CA ASP A 235 23.02 33.82 -5.82
C ASP A 235 22.83 32.53 -6.61
N SER A 236 23.38 31.41 -6.16
CA SER A 236 23.43 30.16 -6.94
C SER A 236 22.18 29.30 -6.80
N LEU A 237 21.15 29.78 -6.11
CA LEU A 237 20.01 28.98 -5.71
C LEU A 237 18.74 29.78 -5.99
N LYS A 238 17.90 29.23 -6.85
CA LYS A 238 16.63 29.84 -7.20
C LYS A 238 15.50 28.90 -6.81
N THR A 239 14.30 29.45 -6.65
CA THR A 239 13.17 28.65 -6.20
C THR A 239 11.92 29.02 -6.99
N ASP A 240 11.17 27.99 -7.37
CA ASP A 240 9.94 28.19 -8.14
C ASP A 240 8.88 28.87 -7.28
N GLU A 241 8.17 29.84 -7.87
CA GLU A 241 7.13 30.56 -7.12
C GLU A 241 5.91 29.71 -6.79
N ARG A 242 5.77 28.53 -7.39
CA ARG A 242 4.63 27.65 -7.18
C ARG A 242 4.77 26.72 -5.98
N ILE A 243 5.90 26.75 -5.27
CA ILE A 243 6.20 25.74 -4.25
C ILE A 243 5.32 25.93 -3.02
N SER A 244 4.72 24.83 -2.55
CA SER A 244 3.74 24.89 -1.49
C SER A 244 3.59 23.52 -0.83
N LEU A 245 3.23 23.53 0.46
CA LEU A 245 2.80 22.33 1.18
C LEU A 245 1.55 22.65 1.97
N SER A 246 0.60 21.70 2.00
CA SER A 246 -0.68 21.98 2.64
C SER A 246 -0.57 22.06 4.16
N GLN A 247 0.48 21.48 4.76
CA GLN A 247 0.59 21.38 6.21
C GLN A 247 1.70 22.24 6.79
N PHE A 248 2.58 22.81 5.98
CA PHE A 248 3.74 23.53 6.48
C PHE A 248 3.91 24.88 5.80
N LEU A 249 4.47 25.82 6.55
CA LEU A 249 5.04 27.05 6.02
C LEU A 249 6.53 26.83 5.76
N ILE A 250 7.00 27.21 4.57
CA ILE A 250 8.37 26.96 4.15
C ILE A 250 9.14 28.28 4.18
N GLN A 251 10.34 28.25 4.74
CA GLN A 251 11.10 29.48 4.91
C GLN A 251 12.59 29.19 4.95
N GLU A 252 13.39 30.24 4.68
CA GLU A 252 14.82 30.32 5.02
C GLU A 252 15.70 29.40 4.17
N PHE A 253 15.52 29.47 2.85
CA PHE A 253 16.38 28.75 1.91
C PHE A 253 17.78 29.37 1.84
N HIS A 254 18.84 28.57 2.01
CA HIS A 254 20.19 29.10 1.84
C HIS A 254 21.21 27.98 1.70
N THR A 255 22.44 28.36 1.31
CA THR A 255 23.49 27.42 0.88
C THR A 255 24.77 27.54 1.71
N THR A 256 25.43 26.40 1.98
CA THR A 256 26.70 26.40 2.72
C THR A 256 27.67 25.36 2.13
N THR A 257 28.91 25.35 2.66
CA THR A 257 29.96 24.43 2.22
C THR A 257 30.73 23.88 3.42
N LYS A 258 31.23 22.63 3.29
CA LYS A 258 32.04 22.01 4.33
C LYS A 258 32.91 20.91 3.72
N LEU A 259 34.02 20.61 4.39
CA LEU A 259 34.94 19.55 3.99
C LEU A 259 34.64 18.26 4.76
N ALA A 260 34.76 17.12 4.05
CA ALA A 260 34.43 15.81 4.62
C ALA A 260 35.57 14.82 4.44
N PHE A 261 35.66 13.87 5.38
CA PHE A 261 36.77 12.92 5.45
C PHE A 261 36.23 11.50 5.52
N TYR A 262 36.81 10.61 4.72
CA TYR A 262 36.56 9.18 4.83
C TYR A 262 37.91 8.50 5.07
N SER A 263 37.95 7.55 6.02
CA SER A 263 39.21 7.02 6.52
C SER A 263 40.01 6.32 5.43
N SER A 264 39.32 5.62 4.55
CA SER A 264 39.95 4.74 3.60
C SER A 264 40.31 5.45 2.29
N THR A 265 39.76 6.64 2.04
CA THR A 265 39.81 7.22 0.69
C THR A 265 40.14 8.72 0.62
N GLY A 266 39.94 9.52 1.68
CA GLY A 266 40.49 10.86 1.65
C GLY A 266 39.48 11.95 1.92
N TRP A 267 39.81 13.16 1.44
CA TRP A 267 39.11 14.40 1.75
C TRP A 267 38.29 14.88 0.56
N TYR A 268 37.09 15.41 0.84
CA TYR A 268 36.16 15.80 -0.22
C TYR A 268 35.46 17.11 0.12
N ASN A 269 35.07 17.87 -0.92
CA ASN A 269 34.23 19.06 -0.77
C ASN A 269 32.75 18.68 -0.82
N ARG A 270 31.94 19.31 0.03
CA ARG A 270 30.52 19.01 0.16
C ARG A 270 29.69 20.28 0.16
N LEU A 271 28.62 20.32 -0.63
CA LEU A 271 27.76 21.49 -0.72
C LEU A 271 26.41 21.19 -0.06
N TYR A 272 25.81 22.23 0.53
CA TYR A 272 24.57 22.10 1.31
C TYR A 272 23.51 23.04 0.78
N ILE A 273 22.26 22.58 0.82
CA ILE A 273 21.05 23.38 0.62
C ILE A 273 20.19 23.22 1.86
N ASN A 274 19.86 24.34 2.52
CA ASN A 274 19.20 24.32 3.82
C ASN A 274 17.84 25.01 3.77
N PHE A 275 16.89 24.55 4.60
CA PHE A 275 15.59 25.19 4.70
C PHE A 275 14.88 24.80 6.00
N THR A 276 13.82 25.55 6.32
CA THR A 276 13.09 25.45 7.57
C THR A 276 11.59 25.25 7.30
N LEU A 277 10.92 24.50 8.19
CA LEU A 277 9.49 24.21 8.07
C LEU A 277 8.76 24.52 9.37
N ARG A 278 7.54 25.08 9.26
CA ARG A 278 6.69 25.35 10.41
C ARG A 278 5.28 24.82 10.17
N ARG A 279 4.75 24.10 11.16
CA ARG A 279 3.51 23.32 11.03
C ARG A 279 2.29 24.20 11.29
N HIS A 280 1.18 23.98 10.55
CA HIS A 280 -0.04 24.72 10.88
C HIS A 280 -0.82 23.94 11.94
N ILE A 281 -1.38 24.66 12.92
CA ILE A 281 -1.99 24.00 14.07
C ILE A 281 -3.50 23.86 13.98
N PHE A 282 -4.15 24.52 13.03
CA PHE A 282 -5.61 24.58 13.01
C PHE A 282 -6.28 23.20 12.98
N PHE A 283 -5.62 22.26 12.28
CA PHE A 283 -6.23 20.95 12.10
C PHE A 283 -6.30 20.26 13.46
N PHE A 284 -5.27 20.44 14.27
CA PHE A 284 -5.14 19.74 15.53
C PHE A 284 -6.00 20.37 16.61
N LEU A 285 -6.10 21.70 16.64
CA LEU A 285 -7.11 22.33 17.47
C LEU A 285 -8.43 21.62 17.28
N LEU A 286 -8.93 21.70 16.04
CA LEU A 286 -10.30 21.29 15.75
C LEU A 286 -10.50 19.79 15.87
N GLN A 287 -9.44 19.00 15.69
CA GLN A 287 -9.59 17.55 15.64
C GLN A 287 -9.19 16.85 16.94
N THR A 288 -8.47 17.53 17.83
CA THR A 288 -8.03 16.90 19.07
C THR A 288 -8.33 17.72 20.33
N TYR A 289 -8.01 19.02 20.31
CA TYR A 289 -8.02 19.75 21.58
C TYR A 289 -9.44 20.16 21.97
N PHE A 290 -10.29 20.44 20.97
CA PHE A 290 -11.66 20.83 21.28
C PHE A 290 -12.48 19.69 21.85
N PRO A 291 -12.52 18.50 21.22
CA PRO A 291 -13.35 17.41 21.76
C PRO A 291 -12.95 16.94 23.14
N ALA A 292 -11.64 16.94 23.46
CA ALA A 292 -11.23 16.58 24.81
C ALA A 292 -11.76 17.57 25.85
N THR A 293 -11.70 18.87 25.54
CA THR A 293 -12.28 19.90 26.38
C THR A 293 -13.79 19.69 26.56
N LEU A 294 -14.49 19.30 25.50
CA LEU A 294 -15.93 19.11 25.60
C LEU A 294 -16.27 17.92 26.48
N MET A 295 -15.46 16.85 26.42
CA MET A 295 -15.67 15.73 27.34
C MET A 295 -15.48 16.16 28.80
N VAL A 296 -14.44 16.95 29.07
CA VAL A 296 -14.25 17.45 30.42
C VAL A 296 -15.44 18.29 30.85
N MET A 297 -15.95 19.15 29.95
CA MET A 297 -17.10 19.95 30.37
C MET A 297 -18.35 19.11 30.56
N LEU A 298 -18.49 18.00 29.84
CA LEU A 298 -19.63 17.11 30.07
C LEU A 298 -19.57 16.48 31.45
N SER A 299 -18.37 16.14 31.92
CA SER A 299 -18.27 15.47 33.23
C SER A 299 -18.74 16.36 34.39
N TRP A 300 -18.73 17.68 34.21
CA TRP A 300 -19.09 18.65 35.24
C TRP A 300 -20.60 18.68 35.47
N VAL A 301 -21.39 18.33 34.45
CA VAL A 301 -22.85 18.37 34.54
C VAL A 301 -23.35 17.50 35.68
N SER A 302 -22.58 16.48 36.07
CA SER A 302 -23.00 15.57 37.12
C SER A 302 -23.20 16.29 38.44
N PHE A 303 -22.38 17.29 38.73
CA PHE A 303 -22.47 18.00 39.99
C PHE A 303 -23.80 18.75 40.14
N TRP A 304 -24.59 18.86 39.07
CA TRP A 304 -25.82 19.65 39.08
C TRP A 304 -27.09 18.80 39.18
N ILE A 305 -26.95 17.50 39.46
CA ILE A 305 -28.02 16.52 39.37
C ILE A 305 -28.24 15.86 40.73
N ASP A 306 -29.51 15.62 41.05
CA ASP A 306 -29.92 15.10 42.36
C ASP A 306 -29.13 13.84 42.72
N ARG A 307 -28.55 13.83 43.93
CA ARG A 307 -27.68 12.74 44.32
C ARG A 307 -28.43 11.42 44.44
N ARG A 308 -29.76 11.46 44.41
CA ARG A 308 -30.59 10.28 44.54
C ARG A 308 -30.76 9.52 43.22
N ALA A 309 -30.44 10.15 42.10
CA ALA A 309 -30.59 9.53 40.78
C ALA A 309 -29.31 8.80 40.42
N VAL A 310 -29.14 7.65 41.09
CA VAL A 310 -27.92 6.85 40.94
C VAL A 310 -27.72 6.33 39.52
N PRO A 311 -28.71 5.68 38.89
CA PRO A 311 -28.49 5.17 37.54
C PRO A 311 -28.39 6.25 36.48
N ALA A 312 -28.51 7.52 36.83
CA ALA A 312 -28.21 8.60 35.90
C ALA A 312 -26.80 9.12 36.08
N ARG A 313 -26.40 9.37 37.34
CA ARG A 313 -25.11 9.99 37.62
C ARG A 313 -23.94 9.04 37.38
N VAL A 314 -24.15 7.72 37.50
CA VAL A 314 -23.04 6.79 37.30
C VAL A 314 -22.64 6.66 35.83
N PRO A 315 -23.57 6.31 34.92
CA PRO A 315 -23.18 6.20 33.50
C PRO A 315 -22.69 7.50 32.89
N LEU A 316 -23.19 8.65 33.36
CA LEU A 316 -22.74 9.92 32.83
C LEU A 316 -21.23 10.09 32.98
N GLY A 317 -20.67 9.57 34.06
CA GLY A 317 -19.24 9.69 34.25
C GLY A 317 -18.49 8.62 33.50
N ILE A 318 -19.03 7.39 33.56
CA ILE A 318 -18.32 6.28 32.93
C ILE A 318 -18.17 6.49 31.43
N THR A 319 -19.22 6.98 30.78
CA THR A 319 -19.18 7.11 29.32
C THR A 319 -18.13 8.13 28.87
N THR A 320 -17.91 9.17 29.68
CA THR A 320 -16.91 10.17 29.34
C THR A 320 -15.51 9.59 29.50
N VAL A 321 -15.27 8.80 30.55
CA VAL A 321 -13.99 8.11 30.66
C VAL A 321 -13.73 7.28 29.41
N LEU A 322 -14.74 6.51 29.00
CA LEU A 322 -14.58 5.57 27.89
C LEU A 322 -14.39 6.27 26.55
N THR A 323 -15.02 7.44 26.36
CA THR A 323 -14.74 8.26 25.17
C THR A 323 -13.33 8.86 25.18
N MET A 324 -12.86 9.33 26.33
CA MET A 324 -11.55 9.99 26.36
C MET A 324 -10.47 8.99 25.99
N SER A 325 -10.67 7.72 26.35
CA SER A 325 -9.73 6.69 25.95
C SER A 325 -9.62 6.56 24.42
N THR A 326 -10.76 6.60 23.72
CA THR A 326 -10.75 6.53 22.26
C THR A 326 -10.01 7.72 21.65
N ILE A 327 -10.22 8.93 22.20
CA ILE A 327 -9.49 10.07 21.62
C ILE A 327 -8.00 9.86 21.80
N ILE A 328 -7.59 9.44 23.00
CA ILE A 328 -6.17 9.19 23.25
C ILE A 328 -5.62 8.19 22.25
N THR A 329 -6.38 7.12 21.96
CA THR A 329 -5.86 6.13 21.03
C THR A 329 -5.78 6.68 19.61
N GLY A 330 -6.83 7.39 19.17
CA GLY A 330 -6.86 7.89 17.81
C GLY A 330 -5.74 8.84 17.48
N VAL A 331 -5.23 9.59 18.48
CA VAL A 331 -4.12 10.49 18.18
C VAL A 331 -2.83 9.71 17.92
N ASN A 332 -2.43 8.88 18.88
CA ASN A 332 -1.10 8.28 18.85
C ASN A 332 -0.95 7.19 17.81
N ALA A 333 -2.04 6.76 17.16
CA ALA A 333 -1.94 5.71 16.16
C ALA A 333 -1.34 6.22 14.87
N SER A 334 -1.10 7.51 14.73
CA SER A 334 -0.63 8.09 13.49
C SER A 334 0.86 8.37 13.46
N MET A 335 1.54 8.38 14.61
CA MET A 335 2.89 8.91 14.69
C MET A 335 3.91 7.79 14.90
N PRO A 336 5.20 8.07 14.72
CA PRO A 336 6.21 7.09 15.13
C PRO A 336 6.26 6.86 16.63
N ARG A 337 6.72 5.67 17.00
CA ARG A 337 6.74 5.19 18.38
C ARG A 337 8.00 5.67 19.10
N VAL A 338 8.02 6.97 19.41
CA VAL A 338 9.18 7.57 20.05
C VAL A 338 9.30 7.20 21.52
N SER A 339 10.46 7.45 22.09
CA SER A 339 10.70 7.06 23.48
C SER A 339 10.49 8.20 24.45
N TYR A 340 9.81 9.27 24.05
CA TYR A 340 9.61 10.42 24.91
C TYR A 340 8.22 10.99 24.70
N ILE A 341 7.77 11.79 25.68
CA ILE A 341 6.41 12.33 25.69
C ILE A 341 6.29 13.53 24.76
N LYS A 342 5.18 13.64 24.02
CA LYS A 342 4.94 14.77 23.15
C LYS A 342 3.99 15.77 23.82
N ALA A 343 3.93 16.99 23.27
CA ALA A 343 3.17 18.04 23.93
C ALA A 343 1.66 17.76 23.93
N VAL A 344 1.19 16.95 22.98
CA VAL A 344 -0.24 16.65 22.89
C VAL A 344 -0.61 15.55 23.88
N ASP A 345 0.33 14.66 24.17
CA ASP A 345 0.12 13.60 25.16
C ASP A 345 -0.17 14.18 26.54
N ILE A 346 0.56 15.24 26.91
CA ILE A 346 0.38 15.86 28.22
C ILE A 346 -1.06 16.34 28.37
N TYR A 347 -1.55 17.10 27.39
CA TYR A 347 -2.90 17.63 27.44
C TYR A 347 -3.92 16.52 27.57
N LEU A 348 -3.78 15.48 26.74
CA LEU A 348 -4.82 14.45 26.76
C LEU A 348 -4.83 13.67 28.08
N TRP A 349 -3.65 13.41 28.65
CA TRP A 349 -3.64 12.55 29.84
C TRP A 349 -4.08 13.33 31.08
N VAL A 350 -3.77 14.64 31.11
CA VAL A 350 -4.31 15.50 32.17
C VAL A 350 -5.84 15.58 32.08
N SER A 351 -6.39 15.73 30.87
CA SER A 351 -7.84 15.71 30.75
C SER A 351 -8.42 14.37 31.21
N PHE A 352 -7.71 13.27 30.94
CA PHE A 352 -8.17 11.96 31.41
C PHE A 352 -8.29 11.92 32.92
N VAL A 353 -7.27 12.40 33.64
CA VAL A 353 -7.38 12.32 35.10
C VAL A 353 -8.48 13.24 35.61
N PHE A 354 -8.66 14.40 34.96
CA PHE A 354 -9.77 15.26 35.36
C PHE A 354 -11.10 14.52 35.27
N VAL A 355 -11.30 13.73 34.20
CA VAL A 355 -12.57 13.01 34.04
C VAL A 355 -12.64 11.83 35.00
N PHE A 356 -11.50 11.15 35.21
CA PHE A 356 -11.47 9.99 36.11
C PHE A 356 -11.86 10.36 37.53
N LEU A 357 -11.45 11.54 37.98
CA LEU A 357 -11.69 11.93 39.36
C LEU A 357 -13.17 12.19 39.67
N SER A 358 -13.94 12.64 38.67
CA SER A 358 -15.36 12.92 38.87
C SER A 358 -16.18 11.67 39.17
N VAL A 359 -15.65 10.49 38.87
CA VAL A 359 -16.33 9.24 39.20
C VAL A 359 -16.10 8.89 40.66
N LEU A 360 -14.86 8.99 41.13
CA LEU A 360 -14.56 8.79 42.55
C LEU A 360 -15.33 9.77 43.44
N GLU A 361 -15.55 11.00 42.96
CA GLU A 361 -16.33 11.98 43.71
C GLU A 361 -17.72 11.48 44.07
N TYR A 362 -18.49 11.06 43.07
CA TYR A 362 -19.83 10.53 43.31
C TYR A 362 -19.81 9.24 44.10
N ALA A 363 -18.80 8.38 43.90
CA ALA A 363 -18.70 7.20 44.74
C ALA A 363 -18.63 7.58 46.22
N ALA A 364 -17.80 8.60 46.54
CA ALA A 364 -17.71 9.10 47.90
C ALA A 364 -19.05 9.62 48.40
N VAL A 365 -19.76 10.39 47.57
CA VAL A 365 -21.04 10.93 48.03
C VAL A 365 -22.03 9.81 48.32
N ASN A 366 -22.08 8.79 47.45
CA ASN A 366 -22.99 7.69 47.67
C ASN A 366 -22.67 6.93 48.97
N TYR A 367 -21.39 6.67 49.23
CA TYR A 367 -21.01 5.96 50.44
C TYR A 367 -21.36 6.74 51.69
N LEU A 368 -21.11 8.06 51.67
CA LEU A 368 -21.34 8.85 52.87
C LEU A 368 -22.83 9.00 53.15
N THR A 369 -23.64 9.09 52.08
CA THR A 369 -25.09 9.08 52.24
C THR A 369 -25.58 7.78 52.85
N THR A 370 -25.02 6.64 52.40
CA THR A 370 -25.44 5.37 53.00
C THR A 370 -25.06 5.29 54.48
N VAL A 371 -23.90 5.85 54.87
CA VAL A 371 -23.53 5.88 56.29
C VAL A 371 -24.54 6.71 57.08
N GLN A 372 -24.93 7.87 56.54
CA GLN A 372 -25.95 8.68 57.20
C GLN A 372 -27.28 7.91 57.35
N GLU A 373 -27.67 7.16 56.32
CA GLU A 373 -28.87 6.35 56.42
C GLU A 373 -28.74 5.32 57.55
N ARG A 374 -27.58 4.68 57.65
CA ARG A 374 -27.37 3.68 58.69
C ARG A 374 -27.41 4.28 60.08
N LYS A 375 -27.04 5.56 60.18
CA LYS A 375 -27.04 6.23 61.48
C LYS A 375 -28.45 6.64 61.87
N GLU A 376 -29.24 7.09 60.88
CA GLU A 376 -30.60 7.53 61.16
C GLU A 376 -31.50 6.36 61.47
N GLN A 377 -31.13 5.18 61.02
CA GLN A 377 -32.03 4.05 61.09
C GLN A 377 -31.95 3.42 62.46
N ASP A 451 -31.53 18.06 50.04
CA ASP A 451 -30.40 18.96 50.20
C ASP A 451 -29.23 18.57 49.31
N THR A 452 -28.21 19.41 49.30
CA THR A 452 -27.03 19.20 48.49
C THR A 452 -25.84 18.87 49.38
N HIS A 453 -25.08 17.85 49.04
CA HIS A 453 -23.97 17.47 49.91
C HIS A 453 -22.82 18.47 49.74
N ALA A 454 -22.05 18.67 50.82
CA ALA A 454 -20.94 19.61 50.79
C ALA A 454 -19.95 19.29 49.67
N ILE A 455 -19.78 18.00 49.34
CA ILE A 455 -18.84 17.62 48.29
C ILE A 455 -19.31 18.14 46.93
N ASP A 456 -20.60 17.97 46.61
CA ASP A 456 -21.15 18.54 45.39
C ASP A 456 -20.98 20.07 45.37
N LYS A 457 -21.33 20.71 46.49
CA LYS A 457 -21.29 22.16 46.60
C LYS A 457 -19.90 22.70 46.32
N TYR A 458 -18.87 21.99 46.79
CA TYR A 458 -17.51 22.47 46.56
C TYR A 458 -16.99 22.08 45.18
N SER A 459 -17.35 20.89 44.68
CA SER A 459 -16.89 20.47 43.36
C SER A 459 -17.33 21.44 42.28
N ARG A 460 -18.58 21.93 42.39
CA ARG A 460 -19.12 22.89 41.43
C ARG A 460 -18.22 24.11 41.25
N ILE A 461 -17.37 24.43 42.22
CA ILE A 461 -16.45 25.54 42.07
C ILE A 461 -15.04 25.07 41.73
N ILE A 462 -14.61 23.96 42.35
CA ILE A 462 -13.20 23.60 42.32
C ILE A 462 -12.79 23.01 40.98
N PHE A 463 -13.61 22.13 40.39
CA PHE A 463 -13.16 21.48 39.15
C PHE A 463 -12.92 22.47 38.02
N PRO A 464 -13.85 23.38 37.68
CA PRO A 464 -13.61 24.29 36.56
C PRO A 464 -12.43 25.24 36.77
N ALA A 465 -12.28 25.80 37.97
CA ALA A 465 -11.15 26.68 38.28
C ALA A 465 -9.82 25.99 38.04
N ALA A 466 -9.68 24.75 38.50
CA ALA A 466 -8.45 23.98 38.28
C ALA A 466 -8.18 23.74 36.80
N TYR A 467 -9.23 23.43 36.02
CA TYR A 467 -8.97 23.20 34.59
C TYR A 467 -8.52 24.50 33.90
N ILE A 468 -9.09 25.63 34.31
CA ILE A 468 -8.72 26.91 33.70
C ILE A 468 -7.28 27.28 34.06
N LEU A 469 -6.87 27.04 35.32
CA LEU A 469 -5.48 27.23 35.71
C LEU A 469 -4.55 26.37 34.87
N PHE A 470 -4.91 25.10 34.66
CA PHE A 470 -4.07 24.22 33.86
C PHE A 470 -3.90 24.76 32.43
N ASN A 471 -4.98 25.23 31.82
CA ASN A 471 -4.89 25.75 30.45
C ASN A 471 -4.02 27.00 30.38
N LEU A 472 -4.16 27.91 31.36
CA LEU A 472 -3.29 29.08 31.38
C LEU A 472 -1.83 28.67 31.40
N ILE A 473 -1.47 27.73 32.27
CA ILE A 473 -0.07 27.30 32.35
C ILE A 473 0.38 26.66 31.03
N TYR A 474 -0.43 25.75 30.48
CA TYR A 474 -0.04 25.01 29.29
C TYR A 474 0.23 25.96 28.12
N TRP A 475 -0.69 26.88 27.86
CA TRP A 475 -0.48 27.76 26.71
C TRP A 475 0.51 28.87 27.02
N SER A 476 0.89 29.06 28.29
CA SER A 476 2.07 29.87 28.58
C SER A 476 3.35 29.14 28.22
N ILE A 477 3.38 27.82 28.39
CA ILE A 477 4.61 27.09 28.10
C ILE A 477 4.78 26.87 26.61
N PHE A 478 3.73 26.45 25.91
CA PHE A 478 3.87 26.10 24.50
C PHE A 478 3.41 27.19 23.55
N SER A 479 2.91 28.31 24.08
CA SER A 479 2.68 29.55 23.33
C SER A 479 1.84 29.38 22.06
N LEU B 78 17.38 2.78 -48.31
CA LEU B 78 16.61 3.82 -48.98
C LEU B 78 16.96 5.21 -48.47
N LEU B 79 16.82 5.39 -47.16
CA LEU B 79 17.24 6.58 -46.43
C LEU B 79 18.74 6.55 -46.20
N ARG B 80 19.41 7.65 -46.55
CA ARG B 80 20.86 7.78 -46.46
C ARG B 80 21.27 8.12 -45.02
N ILE B 81 21.30 7.10 -44.17
CA ILE B 81 21.47 7.39 -42.75
C ILE B 81 22.95 7.54 -42.39
N ASP B 82 23.82 6.83 -43.10
CA ASP B 82 25.25 6.83 -42.84
C ASP B 82 25.96 8.09 -43.32
N ASP B 83 25.26 9.05 -43.91
CA ASP B 83 25.94 10.10 -44.66
C ASP B 83 26.18 11.36 -43.85
N HIS B 84 25.56 11.48 -42.69
CA HIS B 84 25.24 12.73 -42.03
C HIS B 84 25.50 12.60 -40.53
N ASP B 85 25.71 13.76 -39.90
CA ASP B 85 25.91 13.93 -38.46
C ASP B 85 24.61 14.38 -37.82
N PHE B 86 23.84 13.42 -37.32
CA PHE B 86 22.55 13.69 -36.65
C PHE B 86 22.68 14.13 -35.21
N SER B 87 23.88 14.52 -34.73
CA SER B 87 23.97 15.22 -33.46
C SER B 87 23.60 16.70 -33.58
N MET B 88 23.45 17.21 -34.80
CA MET B 88 23.16 18.60 -35.05
C MET B 88 21.78 18.74 -35.65
N ARG B 89 21.05 19.78 -35.23
CA ARG B 89 19.68 19.95 -35.68
C ARG B 89 19.65 20.41 -37.13
N PRO B 90 18.50 20.34 -37.79
CA PRO B 90 18.38 20.97 -39.11
C PRO B 90 18.44 22.49 -39.00
N GLY B 91 19.24 23.09 -39.89
CA GLY B 91 19.54 24.51 -39.86
C GLY B 91 20.47 24.95 -38.76
N PHE B 92 21.33 24.04 -38.28
CA PHE B 92 22.27 24.33 -37.21
C PHE B 92 23.16 25.51 -37.58
N GLY B 93 23.25 26.49 -36.70
CA GLY B 93 24.02 27.67 -37.06
C GLY B 93 23.25 28.72 -37.81
N GLY B 94 21.94 28.57 -37.92
CA GLY B 94 21.11 29.48 -38.68
C GLY B 94 19.81 29.69 -37.94
N PRO B 95 18.76 30.12 -38.64
CA PRO B 95 17.46 30.41 -38.01
C PRO B 95 16.79 29.17 -37.43
N ALA B 96 15.82 29.43 -36.55
CA ALA B 96 15.16 28.40 -35.76
C ALA B 96 14.32 27.47 -36.63
N ILE B 97 14.17 26.24 -36.16
CA ILE B 97 13.39 25.23 -36.88
C ILE B 97 11.98 25.23 -36.32
N PRO B 98 10.94 25.34 -37.22
CA PRO B 98 9.60 25.24 -36.63
C PRO B 98 9.11 23.81 -36.46
N VAL B 99 8.45 23.53 -35.34
CA VAL B 99 7.95 22.21 -35.01
C VAL B 99 6.49 22.35 -34.58
N GLY B 100 5.59 21.63 -35.26
CA GLY B 100 4.17 21.68 -34.95
C GLY B 100 3.70 20.43 -34.20
N VAL B 101 2.64 20.59 -33.41
CA VAL B 101 2.19 19.57 -32.46
C VAL B 101 0.67 19.41 -32.53
N ASP B 102 0.18 18.17 -32.40
CA ASP B 102 -1.23 17.96 -32.07
C ASP B 102 -1.38 16.70 -31.23
N VAL B 103 -2.54 16.55 -30.60
CA VAL B 103 -2.72 15.64 -29.47
C VAL B 103 -4.12 15.01 -29.50
N GLN B 104 -4.21 13.75 -29.08
CA GLN B 104 -5.49 13.09 -28.81
C GLN B 104 -5.46 12.48 -27.41
N VAL B 105 -6.43 12.83 -26.55
CA VAL B 105 -6.43 12.27 -25.19
C VAL B 105 -7.17 10.92 -25.21
N GLU B 106 -6.49 9.86 -24.74
CA GLU B 106 -7.18 8.59 -24.62
C GLU B 106 -7.97 8.45 -23.30
N SER B 107 -7.39 8.76 -22.13
CA SER B 107 -8.12 8.61 -20.88
C SER B 107 -7.60 9.55 -19.80
N LEU B 108 -8.50 9.92 -18.88
CA LEU B 108 -8.14 10.61 -17.64
C LEU B 108 -8.30 9.61 -16.51
N ASP B 109 -7.18 9.21 -15.90
CA ASP B 109 -7.10 7.93 -15.20
C ASP B 109 -7.44 7.99 -13.72
N SER B 110 -6.99 9.00 -12.99
CA SER B 110 -7.30 9.07 -11.55
C SER B 110 -6.95 10.47 -11.04
N ILE B 111 -7.44 10.78 -9.84
CA ILE B 111 -7.26 12.08 -9.20
C ILE B 111 -7.09 11.87 -7.69
N SER B 112 -6.21 12.64 -7.06
CA SER B 112 -5.95 12.52 -5.63
C SER B 112 -6.01 13.90 -4.98
N GLU B 113 -6.80 14.01 -3.90
CA GLU B 113 -6.80 15.25 -3.14
C GLU B 113 -5.66 15.27 -2.12
N VAL B 114 -5.30 14.12 -1.58
CA VAL B 114 -4.24 14.00 -0.61
C VAL B 114 -2.90 14.31 -1.25
N ASP B 115 -2.73 13.92 -2.52
CA ASP B 115 -1.48 14.21 -3.19
C ASP B 115 -1.52 15.42 -4.12
N MET B 116 -2.72 15.91 -4.43
CA MET B 116 -2.97 17.01 -5.35
C MET B 116 -2.33 16.78 -6.73
N ASP B 117 -2.84 15.76 -7.43
CA ASP B 117 -2.33 15.44 -8.76
C ASP B 117 -3.38 14.64 -9.55
N PHE B 118 -3.16 14.56 -10.86
CA PHE B 118 -3.93 13.67 -11.72
C PHE B 118 -3.02 12.90 -12.68
N THR B 119 -3.60 11.85 -13.27
CA THR B 119 -2.95 11.01 -14.27
C THR B 119 -3.71 10.99 -15.59
N MET B 120 -2.98 11.08 -16.71
CA MET B 120 -3.55 11.13 -18.05
C MET B 120 -2.74 10.27 -19.03
N THR B 121 -3.43 9.65 -20.00
CA THR B 121 -2.83 8.89 -21.08
C THR B 121 -3.23 9.49 -22.42
N LEU B 122 -2.26 9.67 -23.33
CA LEU B 122 -2.53 10.36 -24.59
C LEU B 122 -1.59 9.92 -25.69
N TYR B 123 -1.96 10.28 -26.93
CA TYR B 123 -1.13 10.17 -28.13
C TYR B 123 -0.59 11.56 -28.48
N LEU B 124 0.70 11.65 -28.78
CA LEU B 124 1.38 12.92 -29.02
C LEU B 124 2.13 12.87 -30.36
N ARG B 125 1.99 13.92 -31.18
CA ARG B 125 2.48 13.91 -32.57
C ARG B 125 3.30 15.15 -32.89
N HIS B 126 4.32 14.98 -33.76
CA HIS B 126 5.26 16.04 -34.12
C HIS B 126 5.41 16.14 -35.64
N TYR B 127 5.64 17.36 -36.14
CA TYR B 127 5.76 17.61 -37.58
C TYR B 127 6.93 18.55 -37.88
N TRP B 128 7.83 18.13 -38.78
CA TRP B 128 8.93 19.00 -39.21
C TRP B 128 9.50 18.49 -40.53
N LYS B 129 10.40 19.29 -41.13
CA LYS B 129 11.07 18.95 -42.38
C LYS B 129 12.58 18.88 -42.17
N ASP B 130 13.20 17.83 -42.75
CA ASP B 130 14.67 17.67 -42.75
C ASP B 130 15.07 17.09 -44.11
N GLU B 131 15.81 17.86 -44.90
CA GLU B 131 16.17 17.45 -46.25
C GLU B 131 17.25 16.37 -46.27
N ARG B 132 17.86 16.05 -45.14
CA ARG B 132 18.79 14.93 -45.10
C ARG B 132 18.09 13.58 -45.21
N LEU B 133 16.77 13.56 -45.13
CA LEU B 133 15.93 12.37 -45.15
C LEU B 133 15.11 12.28 -46.43
N SER B 134 15.49 13.01 -47.47
CA SER B 134 14.84 12.95 -48.77
C SER B 134 15.21 11.66 -49.50
N PHE B 135 14.29 11.20 -50.37
CA PHE B 135 14.50 9.99 -51.16
C PHE B 135 13.68 10.09 -52.44
N PRO B 136 14.11 9.41 -53.50
CA PRO B 136 13.42 9.51 -54.80
C PRO B 136 12.27 8.52 -54.92
N SER B 137 11.22 8.96 -55.60
CA SER B 137 10.07 8.12 -55.91
C SER B 137 9.25 8.83 -56.98
N THR B 138 8.36 8.07 -57.62
CA THR B 138 7.48 8.62 -58.65
C THR B 138 6.07 8.87 -58.15
N ASN B 139 5.76 8.49 -56.93
CA ASN B 139 4.37 8.51 -56.48
C ASN B 139 4.07 9.70 -55.59
N ASN B 140 5.10 10.29 -54.98
CA ASN B 140 4.94 11.50 -54.17
C ASN B 140 4.13 11.21 -52.91
N LEU B 141 4.15 9.96 -52.44
CA LEU B 141 3.37 9.56 -51.28
C LEU B 141 4.28 9.33 -50.07
N SER B 142 3.65 9.33 -48.90
CA SER B 142 4.24 9.04 -47.60
C SER B 142 4.49 7.56 -47.37
N MET B 143 5.63 7.26 -46.73
CA MET B 143 6.01 5.88 -46.42
C MET B 143 6.26 5.65 -44.93
N THR B 144 5.95 4.47 -44.42
CA THR B 144 6.13 4.10 -43.03
C THR B 144 7.35 3.21 -42.86
N PHE B 145 8.10 3.45 -41.79
CA PHE B 145 9.34 2.75 -41.53
C PHE B 145 9.28 2.08 -40.16
N ASP B 146 10.02 0.97 -40.03
CA ASP B 146 9.96 0.14 -38.81
C ASP B 146 9.82 0.83 -37.47
N GLY B 147 10.74 1.72 -37.17
CA GLY B 147 10.75 2.31 -35.85
C GLY B 147 12.08 2.22 -35.11
N ARG B 148 12.97 1.32 -35.52
CA ARG B 148 14.31 1.26 -34.97
C ARG B 148 15.24 2.33 -35.56
N LEU B 149 14.76 3.10 -36.55
CA LEU B 149 15.53 4.21 -37.09
C LEU B 149 15.42 5.47 -36.27
N VAL B 150 14.46 5.54 -35.34
CA VAL B 150 14.26 6.74 -34.54
C VAL B 150 15.50 7.07 -33.72
N LYS B 151 16.28 6.06 -33.36
CA LYS B 151 17.47 6.29 -32.55
C LYS B 151 18.71 6.61 -33.38
N LYS B 152 18.59 6.68 -34.71
CA LYS B 152 19.70 7.09 -35.58
C LYS B 152 19.58 8.52 -36.07
N ILE B 153 18.36 9.00 -36.33
CA ILE B 153 18.11 10.34 -36.86
C ILE B 153 17.96 11.35 -35.73
N TRP B 154 17.82 12.63 -36.11
CA TRP B 154 17.53 13.69 -35.15
C TRP B 154 16.02 13.78 -34.89
N VAL B 155 15.66 14.07 -33.64
CA VAL B 155 14.27 14.13 -33.18
C VAL B 155 14.11 15.20 -32.10
N PRO B 156 13.00 15.95 -32.09
CA PRO B 156 12.78 16.98 -31.07
C PRO B 156 12.69 16.42 -29.65
N ASP B 157 12.84 17.30 -28.66
CA ASP B 157 13.08 16.89 -27.26
C ASP B 157 12.05 17.40 -26.24
N MET B 158 10.79 17.04 -26.40
CA MET B 158 9.74 17.63 -25.57
C MET B 158 9.69 16.96 -24.19
N PHE B 159 9.35 17.74 -23.17
CA PHE B 159 9.13 17.16 -21.84
C PHE B 159 7.91 17.82 -21.20
N PHE B 160 7.33 17.14 -20.20
CA PHE B 160 6.14 17.63 -19.51
C PHE B 160 6.56 18.40 -18.27
N VAL B 161 6.20 19.68 -18.19
CA VAL B 161 6.64 20.55 -17.11
C VAL B 161 5.79 20.34 -15.86
N HIS B 162 6.45 20.36 -14.70
CA HIS B 162 5.82 20.22 -13.37
C HIS B 162 5.21 18.84 -13.19
N SER B 163 5.77 17.83 -13.84
CA SER B 163 5.23 16.47 -13.78
C SER B 163 5.95 15.66 -12.71
N LYS B 164 5.23 14.71 -12.13
CA LYS B 164 5.78 13.84 -11.09
C LYS B 164 6.46 12.60 -11.68
N ARG B 165 5.82 11.92 -12.63
CA ARG B 165 6.41 10.77 -13.31
C ARG B 165 5.66 10.51 -14.62
N SER B 166 6.30 9.75 -15.51
CA SER B 166 5.76 9.41 -16.82
C SER B 166 6.53 8.21 -17.40
N PHE B 167 5.90 7.52 -18.35
CA PHE B 167 6.61 6.54 -19.16
C PHE B 167 5.99 6.40 -20.56
N ILE B 168 6.76 5.77 -21.47
CA ILE B 168 6.31 5.39 -22.80
C ILE B 168 6.06 3.89 -22.79
N HIS B 169 4.98 3.48 -23.46
CA HIS B 169 4.52 2.10 -23.48
C HIS B 169 5.42 1.24 -24.38
N ASP B 170 5.64 -0.02 -23.99
CA ASP B 170 6.60 -0.82 -24.77
C ASP B 170 6.20 -2.28 -24.92
N THR B 171 4.91 -2.59 -25.04
CA THR B 171 4.49 -3.95 -25.32
C THR B 171 3.51 -3.93 -26.49
N THR B 172 3.76 -4.75 -27.52
CA THR B 172 4.80 -5.79 -27.63
C THR B 172 6.18 -5.24 -28.03
N THR B 173 6.18 -3.99 -28.50
CA THR B 173 7.38 -3.24 -28.85
C THR B 173 7.11 -1.80 -28.43
N ASP B 174 8.11 -0.93 -28.62
CA ASP B 174 7.90 0.50 -28.39
C ASP B 174 6.75 1.02 -29.23
N ASN B 175 5.82 1.72 -28.59
CA ASN B 175 4.64 2.27 -29.26
C ASN B 175 5.02 3.61 -29.91
N VAL B 176 5.68 3.50 -31.07
CA VAL B 176 6.31 4.63 -31.77
C VAL B 176 6.05 4.48 -33.26
N MET B 177 5.89 5.61 -33.96
CA MET B 177 5.57 5.56 -35.38
C MET B 177 6.38 6.64 -36.09
N LEU B 178 6.87 6.33 -37.29
CA LEU B 178 7.68 7.26 -38.08
C LEU B 178 7.29 7.16 -39.54
N ARG B 179 6.86 8.29 -40.13
CA ARG B 179 6.47 8.38 -41.52
C ARG B 179 7.21 9.52 -42.20
N VAL B 180 7.69 9.29 -43.42
CA VAL B 180 8.50 10.26 -44.16
C VAL B 180 8.02 10.35 -45.59
N GLN B 181 7.99 11.59 -46.14
CA GLN B 181 7.68 12.05 -47.49
C GLN B 181 8.96 12.24 -48.31
N PRO B 182 8.91 12.06 -49.64
CA PRO B 182 10.12 12.15 -50.47
C PRO B 182 10.87 13.47 -50.43
N ASP B 183 10.23 14.55 -49.98
CA ASP B 183 10.92 15.82 -49.83
C ASP B 183 11.47 16.03 -48.44
N GLY B 184 11.35 15.04 -47.55
CA GLY B 184 11.94 15.14 -46.24
C GLY B 184 11.00 15.61 -45.15
N LYS B 185 9.71 15.72 -45.42
CA LYS B 185 8.75 16.02 -44.35
C LYS B 185 8.54 14.79 -43.49
N VAL B 186 8.47 15.00 -42.17
CA VAL B 186 8.48 13.90 -41.21
C VAL B 186 7.27 14.01 -40.29
N LEU B 187 6.66 12.86 -39.98
CA LEU B 187 5.63 12.72 -38.96
C LEU B 187 6.08 11.70 -37.92
N TYR B 188 5.99 12.06 -36.64
CA TYR B 188 6.53 11.27 -35.53
C TYR B 188 5.45 11.16 -34.44
N SER B 189 5.15 9.95 -33.96
CA SER B 189 4.10 9.79 -32.94
C SER B 189 4.48 8.78 -31.85
N LEU B 190 3.97 9.04 -30.64
CA LEU B 190 4.22 8.15 -29.50
C LEU B 190 3.06 8.16 -28.49
N ARG B 191 2.91 7.06 -27.72
CA ARG B 191 1.85 6.93 -26.70
C ARG B 191 2.47 7.01 -25.31
N VAL B 192 1.90 7.79 -24.40
CA VAL B 192 2.50 8.06 -23.10
C VAL B 192 1.46 8.23 -22.01
N THR B 193 1.89 7.98 -20.76
CA THR B 193 1.11 8.22 -19.55
C THR B 193 1.87 9.18 -18.64
N VAL B 194 1.17 10.18 -18.08
CA VAL B 194 1.77 11.22 -17.26
C VAL B 194 0.97 11.43 -15.98
N THR B 195 1.67 11.76 -14.90
CA THR B 195 1.09 12.21 -13.63
C THR B 195 1.60 13.61 -13.31
N ALA B 196 0.69 14.54 -13.05
CA ALA B 196 1.00 15.96 -13.06
C ALA B 196 0.41 16.68 -11.86
N MET B 197 1.06 17.77 -11.47
CA MET B 197 0.68 18.57 -10.30
C MET B 197 -0.55 19.43 -10.56
N CYS B 198 -1.40 19.55 -9.54
CA CYS B 198 -2.61 20.38 -9.62
C CYS B 198 -2.96 20.91 -8.23
N ASN B 199 -2.92 22.23 -8.07
CA ASN B 199 -3.24 22.88 -6.80
C ASN B 199 -4.75 23.01 -6.63
N MET B 200 -5.26 22.59 -5.46
CA MET B 200 -6.70 22.48 -5.24
C MET B 200 -7.14 23.32 -4.04
N ASP B 201 -8.34 23.88 -4.16
CA ASP B 201 -9.00 24.69 -3.14
C ASP B 201 -10.23 23.95 -2.62
N PHE B 202 -10.27 23.69 -1.31
CA PHE B 202 -11.33 22.93 -0.66
C PHE B 202 -12.19 23.79 0.28
N SER B 203 -12.24 25.10 0.09
CA SER B 203 -13.12 25.90 0.95
C SER B 203 -14.62 25.65 0.73
N ARG B 204 -15.06 25.22 -0.45
CA ARG B 204 -16.46 24.89 -0.68
C ARG B 204 -16.67 23.39 -0.80
N PHE B 205 -15.78 22.59 -0.27
CA PHE B 205 -15.87 21.15 -0.40
C PHE B 205 -17.05 20.66 0.42
N PRO B 206 -17.91 19.75 -0.16
CA PRO B 206 -17.66 19.05 -1.44
C PRO B 206 -18.40 19.63 -2.63
N LEU B 207 -18.90 20.85 -2.50
CA LEU B 207 -19.60 21.51 -3.60
C LEU B 207 -18.65 22.35 -4.43
N ASP B 208 -17.50 21.79 -4.79
CA ASP B 208 -16.40 22.58 -5.30
C ASP B 208 -16.18 22.35 -6.79
N THR B 209 -15.43 23.26 -7.41
CA THR B 209 -15.07 23.14 -8.82
C THR B 209 -13.57 23.34 -8.95
N GLN B 210 -12.90 22.50 -9.74
CA GLN B 210 -11.46 22.63 -9.91
C GLN B 210 -11.07 22.78 -11.39
N THR B 211 -9.95 23.47 -11.65
CA THR B 211 -9.41 23.63 -13.00
C THR B 211 -7.96 23.14 -13.07
N CYS B 212 -7.61 22.47 -14.17
CA CYS B 212 -6.33 21.79 -14.30
C CYS B 212 -5.68 22.08 -15.66
N SER B 213 -4.36 21.81 -15.76
CA SER B 213 -3.66 21.95 -17.03
C SER B 213 -2.43 21.06 -17.11
N LEU B 214 -2.04 20.73 -18.34
CA LEU B 214 -0.84 19.95 -18.64
C LEU B 214 0.07 20.78 -19.54
N GLU B 215 1.35 20.84 -19.19
CA GLU B 215 2.31 21.77 -19.77
C GLU B 215 3.35 21.04 -20.63
N ILE B 216 3.71 21.62 -21.77
CA ILE B 216 4.59 20.97 -22.73
C ILE B 216 5.66 21.96 -23.17
N GLU B 217 6.91 21.53 -23.20
CA GLU B 217 8.02 22.43 -23.49
C GLU B 217 9.24 21.63 -23.93
N SER B 218 10.15 22.33 -24.65
CA SER B 218 11.41 21.75 -25.12
C SER B 218 12.49 21.93 -24.06
N TYR B 219 13.33 20.90 -23.87
CA TYR B 219 14.28 20.96 -22.76
C TYR B 219 15.52 21.76 -23.12
N ALA B 220 16.10 21.52 -24.30
CA ALA B 220 17.45 22.01 -24.56
C ALA B 220 17.52 23.27 -25.43
N TYR B 221 16.49 23.55 -26.23
CA TYR B 221 16.57 24.55 -27.30
C TYR B 221 15.70 25.75 -26.93
N THR B 222 16.26 26.97 -27.02
CA THR B 222 15.51 28.18 -26.77
C THR B 222 14.80 28.63 -28.04
N GLU B 223 13.93 29.64 -27.90
CA GLU B 223 13.18 30.16 -29.04
C GLU B 223 14.09 30.71 -30.14
N ASP B 224 15.39 30.84 -29.89
CA ASP B 224 16.28 31.23 -30.98
C ASP B 224 16.67 30.06 -31.85
N ASP B 225 16.43 28.83 -31.41
CA ASP B 225 16.79 27.64 -32.16
C ASP B 225 15.61 26.74 -32.51
N LEU B 226 14.54 26.73 -31.72
CA LEU B 226 13.37 25.93 -32.05
C LEU B 226 12.10 26.73 -31.76
N MET B 227 11.13 26.63 -32.68
CA MET B 227 9.87 27.35 -32.58
C MET B 227 8.73 26.32 -32.49
N LEU B 228 7.97 26.37 -31.40
CA LEU B 228 6.98 25.35 -31.07
C LEU B 228 5.58 25.95 -31.10
N TYR B 229 4.66 25.30 -31.83
CA TYR B 229 3.31 25.82 -32.00
C TYR B 229 2.32 24.68 -32.19
N TRP B 230 1.04 24.96 -31.89
CA TRP B 230 -0.06 24.06 -32.24
C TRP B 230 -0.24 23.99 -33.76
N LYS B 231 -0.25 22.78 -34.29
CA LYS B 231 -0.33 22.61 -35.74
C LYS B 231 -1.54 23.24 -36.38
N LYS B 232 -2.73 22.91 -35.89
CA LYS B 232 -3.95 23.39 -36.54
C LYS B 232 -4.71 24.39 -35.67
N GLY B 233 -4.02 25.17 -34.85
CA GLY B 233 -4.82 26.14 -34.10
C GLY B 233 -5.63 25.44 -33.04
N ASN B 234 -6.89 25.86 -32.86
CA ASN B 234 -7.74 25.28 -31.82
C ASN B 234 -8.18 23.86 -32.15
N ASP B 235 -8.11 23.45 -33.41
CA ASP B 235 -8.47 22.11 -33.86
C ASP B 235 -7.42 21.05 -33.54
N SER B 236 -6.39 21.38 -32.76
CA SER B 236 -5.24 20.51 -32.53
C SER B 236 -5.44 19.49 -31.42
N LEU B 237 -6.63 19.41 -30.84
CA LEU B 237 -6.88 18.65 -29.61
C LEU B 237 -8.15 17.86 -29.80
N LYS B 238 -8.04 16.55 -29.71
CA LYS B 238 -9.17 15.65 -29.82
C LYS B 238 -9.30 14.85 -28.54
N THR B 239 -10.50 14.32 -28.28
CA THR B 239 -10.76 13.62 -27.04
C THR B 239 -11.57 12.36 -27.31
N ASP B 240 -11.19 11.28 -26.63
CA ASP B 240 -11.88 10.00 -26.79
C ASP B 240 -13.28 10.07 -26.20
N GLU B 241 -14.25 9.51 -26.92
CA GLU B 241 -15.64 9.54 -26.45
C GLU B 241 -15.88 8.67 -25.21
N ARG B 242 -14.94 7.80 -24.84
CA ARG B 242 -15.06 6.89 -23.70
C ARG B 242 -14.66 7.50 -22.36
N ILE B 243 -14.18 8.75 -22.35
CA ILE B 243 -13.56 9.34 -21.16
C ILE B 243 -14.60 9.62 -20.09
N SER B 244 -14.32 9.20 -18.85
CA SER B 244 -15.28 9.27 -17.77
C SER B 244 -14.58 9.18 -16.42
N LEU B 245 -15.18 9.81 -15.40
CA LEU B 245 -14.79 9.63 -14.01
C LEU B 245 -16.03 9.41 -13.17
N SER B 246 -15.95 8.50 -12.19
CA SER B 246 -17.13 8.16 -11.40
C SER B 246 -17.56 9.29 -10.47
N GLN B 247 -16.66 10.20 -10.12
CA GLN B 247 -16.96 11.23 -9.12
C GLN B 247 -17.04 12.63 -9.68
N PHE B 248 -16.66 12.85 -10.95
CA PHE B 248 -16.61 14.19 -11.50
C PHE B 248 -17.29 14.26 -12.86
N LEU B 249 -17.84 15.45 -13.15
CA LEU B 249 -18.22 15.85 -14.50
C LEU B 249 -17.06 16.62 -15.12
N ILE B 250 -16.70 16.25 -16.35
CA ILE B 250 -15.53 16.81 -17.04
C ILE B 250 -16.02 17.75 -18.13
N GLN B 251 -15.41 18.94 -18.22
CA GLN B 251 -15.89 19.94 -19.15
C GLN B 251 -14.76 20.89 -19.54
N GLU B 252 -14.94 21.56 -20.69
CA GLU B 252 -14.20 22.77 -21.06
C GLU B 252 -12.74 22.51 -21.43
N PHE B 253 -12.51 21.52 -22.30
CA PHE B 253 -11.18 21.26 -22.84
C PHE B 253 -10.75 22.35 -23.83
N HIS B 254 -9.55 22.92 -23.64
CA HIS B 254 -9.05 23.88 -24.62
C HIS B 254 -7.56 24.13 -24.43
N THR B 255 -6.94 24.81 -25.41
CA THR B 255 -5.48 24.94 -25.55
C THR B 255 -5.01 26.40 -25.57
N THR B 256 -3.86 26.67 -24.93
CA THR B 256 -3.28 28.02 -24.94
C THR B 256 -1.75 27.96 -25.08
N THR B 257 -1.13 29.15 -25.21
CA THR B 257 0.33 29.27 -25.36
C THR B 257 0.86 30.42 -24.50
N LYS B 258 2.11 30.29 -24.03
CA LYS B 258 2.76 31.34 -23.27
C LYS B 258 4.28 31.17 -23.34
N LEU B 259 5.00 32.28 -23.14
CA LEU B 259 6.46 32.30 -23.13
C LEU B 259 6.99 32.21 -21.71
N ALA B 260 8.10 31.46 -21.52
CA ALA B 260 8.67 31.22 -20.20
C ALA B 260 10.15 31.56 -20.17
N PHE B 261 10.62 31.96 -18.99
CA PHE B 261 11.98 32.46 -18.78
C PHE B 261 12.66 31.70 -17.66
N TYR B 262 13.89 31.27 -17.88
CA TYR B 262 14.76 30.75 -16.82
C TYR B 262 16.01 31.60 -16.77
N SER B 263 16.44 31.97 -15.56
CA SER B 263 17.47 32.99 -15.38
C SER B 263 18.79 32.59 -16.02
N SER B 264 19.13 31.31 -15.92
CA SER B 264 20.44 30.82 -16.29
C SER B 264 20.53 30.41 -17.75
N THR B 265 19.39 30.24 -18.43
CA THR B 265 19.39 29.55 -19.73
C THR B 265 18.54 30.19 -20.83
N GLY B 266 17.53 31.02 -20.52
CA GLY B 266 16.91 31.78 -21.58
C GLY B 266 15.41 31.62 -21.68
N TRP B 267 14.87 31.88 -22.87
CA TRP B 267 13.44 32.02 -23.15
C TRP B 267 12.93 30.80 -23.92
N TYR B 268 11.72 30.34 -23.59
CA TYR B 268 11.16 29.13 -24.18
C TYR B 268 9.67 29.29 -24.47
N ASN B 269 9.18 28.57 -25.50
CA ASN B 269 7.76 28.47 -25.79
C ASN B 269 7.13 27.32 -25.01
N ARG B 270 5.92 27.55 -24.49
CA ARG B 270 5.21 26.59 -23.66
C ARG B 270 3.77 26.42 -24.11
N LEU B 271 3.31 25.18 -24.25
CA LEU B 271 1.95 24.90 -24.69
C LEU B 271 1.13 24.34 -23.53
N TYR B 272 -0.18 24.65 -23.51
CA TYR B 272 -1.08 24.31 -22.41
C TYR B 272 -2.27 23.53 -22.93
N ILE B 273 -2.73 22.57 -22.12
CA ILE B 273 -4.00 21.88 -22.27
C ILE B 273 -4.79 22.07 -20.98
N ASN B 274 -5.99 22.64 -21.09
CA ASN B 274 -6.77 23.07 -19.93
C ASN B 274 -8.11 22.33 -19.85
N PHE B 275 -8.61 22.10 -18.63
CA PHE B 275 -9.92 21.48 -18.45
C PHE B 275 -10.44 21.76 -17.03
N THR B 276 -11.75 21.50 -16.85
CA THR B 276 -12.49 21.81 -15.64
C THR B 276 -13.21 20.57 -15.12
N LEU B 277 -13.34 20.47 -13.79
CA LEU B 277 -13.98 19.35 -13.13
C LEU B 277 -15.05 19.82 -12.14
N ARG B 278 -16.18 19.11 -12.08
CA ARG B 278 -17.25 19.39 -11.11
C ARG B 278 -17.67 18.11 -10.38
N ARG B 279 -17.77 18.19 -9.05
CA ARG B 279 -17.93 17.03 -8.18
C ARG B 279 -19.40 16.65 -8.06
N HIS B 280 -19.73 15.35 -7.99
CA HIS B 280 -21.12 14.97 -7.73
C HIS B 280 -21.35 14.91 -6.23
N ILE B 281 -22.50 15.42 -5.78
CA ILE B 281 -22.73 15.58 -4.35
C ILE B 281 -23.55 14.45 -3.72
N PHE B 282 -24.17 13.58 -4.52
CA PHE B 282 -25.11 12.60 -3.99
C PHE B 282 -24.52 11.70 -2.90
N PHE B 283 -23.23 11.39 -3.06
CA PHE B 283 -22.60 10.46 -2.13
C PHE B 283 -22.53 11.10 -0.74
N PHE B 284 -22.26 12.40 -0.71
CA PHE B 284 -22.04 13.12 0.52
C PHE B 284 -23.35 13.45 1.20
N LEU B 285 -24.39 13.81 0.44
CA LEU B 285 -25.72 13.90 1.03
C LEU B 285 -25.96 12.65 1.86
N LEU B 286 -25.98 11.51 1.16
CA LEU B 286 -26.45 10.27 1.76
C LEU B 286 -25.51 9.75 2.85
N GLN B 287 -24.24 10.09 2.79
CA GLN B 287 -23.27 9.51 3.71
C GLN B 287 -22.87 10.43 4.86
N THR B 288 -23.18 11.74 4.77
CA THR B 288 -22.81 12.67 5.83
C THR B 288 -23.96 13.56 6.29
N TYR B 289 -24.70 14.17 5.36
CA TYR B 289 -25.61 15.24 5.78
C TYR B 289 -26.90 14.67 6.35
N PHE B 290 -27.34 13.52 5.84
CA PHE B 290 -28.58 12.92 6.35
C PHE B 290 -28.42 12.40 7.77
N PRO B 291 -27.40 11.58 8.09
CA PRO B 291 -27.29 11.04 9.46
C PRO B 291 -27.09 12.10 10.53
N ALA B 292 -26.38 13.18 10.23
CA ALA B 292 -26.25 14.27 11.19
C ALA B 292 -27.59 14.91 11.51
N THR B 293 -28.41 15.15 10.47
CA THR B 293 -29.77 15.64 10.66
C THR B 293 -30.61 14.68 11.51
N LEU B 294 -30.46 13.37 11.30
CA LEU B 294 -31.25 12.42 12.05
C LEU B 294 -30.85 12.40 13.52
N MET B 295 -29.56 12.58 13.82
CA MET B 295 -29.14 12.71 15.21
C MET B 295 -29.76 13.94 15.87
N VAL B 296 -29.75 15.07 15.15
CA VAL B 296 -30.40 16.26 15.69
C VAL B 296 -31.87 16.00 15.94
N MET B 297 -32.55 15.33 15.01
CA MET B 297 -33.96 15.09 15.25
C MET B 297 -34.20 14.11 16.40
N LEU B 298 -33.27 13.18 16.63
CA LEU B 298 -33.41 12.29 17.79
C LEU B 298 -33.32 13.08 19.10
N SER B 299 -32.45 14.09 19.16
CA SER B 299 -32.29 14.83 20.42
C SER B 299 -33.56 15.57 20.85
N TRP B 300 -34.46 15.86 19.91
CA TRP B 300 -35.68 16.60 20.17
C TRP B 300 -36.72 15.76 20.90
N VAL B 301 -36.66 14.43 20.73
CA VAL B 301 -37.62 13.52 21.34
C VAL B 301 -37.64 13.69 22.86
N SER B 302 -36.53 14.14 23.43
CA SER B 302 -36.44 14.29 24.88
C SER B 302 -37.47 15.26 25.43
N PHE B 303 -37.77 16.31 24.68
CA PHE B 303 -38.71 17.31 25.14
C PHE B 303 -40.12 16.76 25.31
N TRP B 304 -40.39 15.54 24.83
CA TRP B 304 -41.73 14.96 24.84
C TRP B 304 -41.94 13.91 25.93
N ILE B 305 -40.98 13.79 26.86
CA ILE B 305 -40.91 12.71 27.84
C ILE B 305 -40.97 13.28 29.24
N ASP B 306 -41.68 12.56 30.12
CA ASP B 306 -41.94 12.99 31.49
C ASP B 306 -40.64 13.37 32.19
N ARG B 307 -40.63 14.57 32.79
CA ARG B 307 -39.40 15.09 33.40
C ARG B 307 -38.95 14.25 34.59
N ARG B 308 -39.79 13.35 35.06
CA ARG B 308 -39.50 12.51 36.21
C ARG B 308 -38.68 11.28 35.85
N ALA B 309 -38.60 10.94 34.56
CA ALA B 309 -37.87 9.76 34.11
C ALA B 309 -36.42 10.15 33.80
N VAL B 310 -35.69 10.35 34.90
CA VAL B 310 -34.31 10.84 34.80
C VAL B 310 -33.39 9.86 34.08
N PRO B 311 -33.35 8.56 34.44
CA PRO B 311 -32.44 7.64 33.74
C PRO B 311 -32.86 7.34 32.32
N ALA B 312 -33.96 7.88 31.82
CA ALA B 312 -34.29 7.80 30.40
C ALA B 312 -33.83 9.04 29.65
N ARG B 313 -34.12 10.21 30.20
CA ARG B 313 -33.86 11.47 29.49
C ARG B 313 -32.36 11.79 29.45
N VAL B 314 -31.58 11.34 30.43
CA VAL B 314 -30.15 11.67 30.42
C VAL B 314 -29.38 10.89 29.34
N PRO B 315 -29.44 9.55 29.30
CA PRO B 315 -28.71 8.84 28.25
C PRO B 315 -29.17 9.16 26.83
N LEU B 316 -30.44 9.49 26.66
CA LEU B 316 -30.93 9.83 25.32
C LEU B 316 -30.17 10.99 24.73
N GLY B 317 -29.76 11.94 25.57
CA GLY B 317 -29.00 13.06 25.05
C GLY B 317 -27.53 12.72 24.90
N ILE B 318 -26.99 12.03 25.91
CA ILE B 318 -25.56 11.74 25.89
C ILE B 318 -25.18 10.90 24.68
N THR B 319 -26.01 9.91 24.33
CA THR B 319 -25.66 9.01 23.25
C THR B 319 -25.61 9.72 21.91
N THR B 320 -26.46 10.74 21.73
CA THR B 320 -26.46 11.49 20.48
C THR B 320 -25.21 12.37 20.39
N VAL B 321 -24.81 12.97 21.51
CA VAL B 321 -23.53 13.70 21.50
C VAL B 321 -22.39 12.78 21.05
N LEU B 322 -22.35 11.59 21.64
CA LEU B 322 -21.26 10.65 21.41
C LEU B 322 -21.25 10.10 19.98
N THR B 323 -22.44 9.92 19.37
CA THR B 323 -22.50 9.57 17.95
C THR B 323 -22.06 10.70 17.03
N MET B 324 -22.45 11.94 17.35
CA MET B 324 -22.12 13.04 16.45
C MET B 324 -20.61 13.21 16.37
N SER B 325 -19.93 12.93 17.48
CA SER B 325 -18.46 12.97 17.47
C SER B 325 -17.86 11.98 16.46
N THR B 326 -18.40 10.75 16.41
CA THR B 326 -17.93 9.77 15.45
C THR B 326 -18.15 10.22 14.02
N ILE B 327 -19.30 10.81 13.73
CA ILE B 327 -19.52 11.27 12.35
C ILE B 327 -18.48 12.34 12.01
N ILE B 328 -18.27 13.29 12.92
CA ILE B 328 -17.28 14.33 12.67
C ILE B 328 -15.91 13.72 12.39
N THR B 329 -15.53 12.69 13.15
CA THR B 329 -14.22 12.10 12.92
C THR B 329 -14.16 11.37 11.58
N GLY B 330 -15.20 10.60 11.27
CA GLY B 330 -15.18 9.81 10.05
C GLY B 330 -15.08 10.65 8.78
N VAL B 331 -15.59 11.88 8.80
CA VAL B 331 -15.46 12.72 7.61
C VAL B 331 -14.02 13.17 7.40
N ASN B 332 -13.45 13.82 8.41
CA ASN B 332 -12.17 14.51 8.22
C ASN B 332 -10.98 13.57 8.13
N ALA B 333 -11.16 12.28 8.38
CA ALA B 333 -10.05 11.35 8.30
C ALA B 333 -9.66 11.04 6.87
N SER B 334 -10.42 11.51 5.88
CA SER B 334 -10.18 11.17 4.49
C SER B 334 -9.45 12.24 3.72
N MET B 335 -9.37 13.47 4.23
CA MET B 335 -8.93 14.60 3.42
C MET B 335 -7.55 15.08 3.85
N PRO B 336 -6.89 15.92 3.05
CA PRO B 336 -5.66 16.57 3.53
C PRO B 336 -5.91 17.55 4.65
N ARG B 337 -4.85 17.72 5.46
CA ARG B 337 -4.91 18.52 6.69
C ARG B 337 -4.68 20.00 6.39
N VAL B 338 -5.69 20.61 5.79
CA VAL B 338 -5.59 22.02 5.41
C VAL B 338 -5.69 22.97 6.59
N SER B 339 -5.30 24.21 6.36
CA SER B 339 -5.28 25.18 7.45
C SER B 339 -6.52 26.05 7.50
N TYR B 340 -7.60 25.65 6.84
CA TYR B 340 -8.81 26.46 6.79
C TYR B 340 -10.03 25.56 6.85
N ILE B 341 -11.18 26.16 7.21
CA ILE B 341 -12.42 25.41 7.42
C ILE B 341 -13.09 25.09 6.08
N LYS B 342 -13.64 23.87 5.96
CA LYS B 342 -14.37 23.48 4.76
C LYS B 342 -15.87 23.60 4.99
N ALA B 343 -16.64 23.57 3.89
CA ALA B 343 -18.08 23.82 4.00
C ALA B 343 -18.81 22.72 4.75
N VAL B 344 -18.24 21.51 4.81
CA VAL B 344 -18.88 20.39 5.49
C VAL B 344 -18.60 20.46 7.00
N ASP B 345 -17.45 21.02 7.36
CA ASP B 345 -17.10 21.22 8.77
C ASP B 345 -18.12 22.12 9.47
N ILE B 346 -18.53 23.20 8.79
CA ILE B 346 -19.49 24.14 9.37
C ILE B 346 -20.77 23.43 9.75
N TYR B 347 -21.33 22.68 8.80
CA TYR B 347 -22.58 21.97 9.04
C TYR B 347 -22.44 21.02 10.22
N LEU B 348 -21.36 20.23 10.25
CA LEU B 348 -21.28 19.23 11.30
C LEU B 348 -21.09 19.86 12.68
N TRP B 349 -20.34 20.96 12.77
CA TRP B 349 -20.06 21.50 14.10
C TRP B 349 -21.25 22.28 14.64
N VAL B 350 -22.02 22.91 13.74
CA VAL B 350 -23.28 23.52 14.14
C VAL B 350 -24.28 22.46 14.64
N SER B 351 -24.38 21.32 13.94
CA SER B 351 -25.23 20.25 14.45
C SER B 351 -24.76 19.76 15.81
N PHE B 352 -23.44 19.72 16.02
CA PHE B 352 -22.91 19.32 17.32
C PHE B 352 -23.40 20.24 18.43
N VAL B 353 -23.32 21.56 18.23
CA VAL B 353 -23.74 22.44 19.31
C VAL B 353 -25.24 22.32 19.53
N PHE B 354 -26.02 22.14 18.45
CA PHE B 354 -27.45 21.91 18.62
C PHE B 354 -27.72 20.72 19.55
N VAL B 355 -26.96 19.63 19.39
CA VAL B 355 -27.18 18.45 20.23
C VAL B 355 -26.65 18.68 21.63
N PHE B 356 -25.51 19.38 21.74
CA PHE B 356 -24.90 19.64 23.05
C PHE B 356 -25.84 20.44 23.95
N LEU B 357 -26.56 21.39 23.37
CA LEU B 357 -27.40 22.28 24.18
C LEU B 357 -28.60 21.56 24.81
N SER B 358 -29.12 20.52 24.15
CA SER B 358 -30.27 19.78 24.68
C SER B 358 -29.95 19.05 25.97
N VAL B 359 -28.67 18.82 26.28
CA VAL B 359 -28.30 18.20 27.54
C VAL B 359 -28.32 19.23 28.68
N LEU B 360 -27.76 20.42 28.44
CA LEU B 360 -27.84 21.51 29.40
C LEU B 360 -29.28 21.88 29.72
N GLU B 361 -30.18 21.80 28.73
CA GLU B 361 -31.60 22.09 28.94
C GLU B 361 -32.21 21.23 30.04
N TYR B 362 -32.09 19.92 29.92
CA TYR B 362 -32.61 19.02 30.95
C TYR B 362 -31.89 19.16 32.28
N ALA B 363 -30.58 19.43 32.26
CA ALA B 363 -29.90 19.70 33.52
C ALA B 363 -30.56 20.86 34.26
N ALA B 364 -30.89 21.94 33.53
CA ALA B 364 -31.60 23.08 34.12
C ALA B 364 -32.95 22.68 34.67
N VAL B 365 -33.71 21.88 33.91
CA VAL B 365 -35.03 21.48 34.39
C VAL B 365 -34.92 20.67 35.68
N ASN B 366 -33.96 19.74 35.73
CA ASN B 366 -33.79 18.93 36.93
C ASN B 366 -33.42 19.77 38.14
N TYR B 367 -32.51 20.73 37.97
CA TYR B 367 -32.09 21.59 39.09
C TYR B 367 -33.26 22.43 39.60
N LEU B 368 -34.04 22.99 38.68
CA LEU B 368 -35.12 23.89 39.09
C LEU B 368 -36.24 23.11 39.79
N THR B 369 -36.50 21.89 39.32
CA THR B 369 -37.44 21.02 40.00
C THR B 369 -36.97 20.69 41.42
N THR B 370 -35.68 20.40 41.60
CA THR B 370 -35.18 20.14 42.94
C THR B 370 -35.33 21.37 43.86
N VAL B 371 -35.12 22.57 43.32
CA VAL B 371 -35.33 23.79 44.11
C VAL B 371 -36.78 23.90 44.55
N GLN B 372 -37.72 23.63 43.63
CA GLN B 372 -39.14 23.63 43.98
C GLN B 372 -39.45 22.61 45.08
N GLU B 373 -38.84 21.42 45.00
CA GLU B 373 -39.02 20.43 46.05
C GLU B 373 -38.54 20.95 47.40
N ARG B 374 -37.38 21.60 47.40
CA ARG B 374 -36.82 22.13 48.64
C ARG B 374 -37.69 23.23 49.22
N LYS B 375 -38.41 23.94 48.36
CA LYS B 375 -39.29 25.02 48.84
C LYS B 375 -40.58 24.45 49.41
N GLU B 376 -41.10 23.41 48.77
CA GLU B 376 -42.34 22.81 49.23
C GLU B 376 -42.15 22.05 50.51
N GLN B 377 -40.93 21.62 50.79
CA GLN B 377 -40.69 20.71 51.88
C GLN B 377 -40.58 21.49 53.18
N ASP B 451 -47.33 17.99 35.55
CA ASP B 451 -47.31 19.13 34.66
C ASP B 451 -46.05 19.19 33.84
N THR B 452 -46.03 20.14 32.91
CA THR B 452 -44.90 20.33 32.01
C THR B 452 -44.18 21.63 32.34
N HIS B 453 -42.86 21.59 32.43
CA HIS B 453 -42.16 22.80 32.82
C HIS B 453 -42.11 23.76 31.64
N ALA B 454 -42.08 25.07 31.95
CA ALA B 454 -42.06 26.09 30.90
C ALA B 454 -40.88 25.90 29.94
N ILE B 455 -39.76 25.40 30.44
CA ILE B 455 -38.58 25.22 29.59
C ILE B 455 -38.85 24.15 28.52
N ASP B 456 -39.45 23.02 28.93
CA ASP B 456 -39.85 22.00 27.95
C ASP B 456 -40.84 22.57 26.95
N LYS B 457 -41.85 23.28 27.45
CA LYS B 457 -42.91 23.84 26.62
C LYS B 457 -42.36 24.75 25.55
N TYR B 458 -41.34 25.55 25.89
CA TYR B 458 -40.76 26.45 24.90
C TYR B 458 -39.76 25.76 23.98
N SER B 459 -38.97 24.82 24.53
CA SER B 459 -38.00 24.11 23.71
C SER B 459 -38.67 23.38 22.55
N ARG B 460 -39.83 22.77 22.82
CA ARG B 460 -40.59 22.06 21.78
C ARG B 460 -40.87 22.92 20.55
N ILE B 461 -40.84 24.24 20.68
CA ILE B 461 -41.03 25.11 19.53
C ILE B 461 -39.70 25.68 19.03
N ILE B 462 -38.82 26.04 19.97
CA ILE B 462 -37.67 26.86 19.61
C ILE B 462 -36.59 26.05 18.89
N PHE B 463 -36.30 24.83 19.36
CA PHE B 463 -35.18 24.11 18.73
C PHE B 463 -35.42 23.81 17.25
N PRO B 464 -36.56 23.24 16.84
CA PRO B 464 -36.74 22.93 15.41
C PRO B 464 -36.76 24.16 14.51
N ALA B 465 -37.42 25.24 14.92
CA ALA B 465 -37.44 26.47 14.16
C ALA B 465 -36.04 27.00 13.87
N ALA B 466 -35.19 27.03 14.91
CA ALA B 466 -33.81 27.47 14.74
C ALA B 466 -33.04 26.58 13.76
N TYR B 467 -33.22 25.25 13.84
CA TYR B 467 -32.49 24.40 12.90
C TYR B 467 -32.95 24.64 11.46
N ILE B 468 -34.24 24.87 11.26
CA ILE B 468 -34.76 25.12 9.92
C ILE B 468 -34.24 26.44 9.37
N LEU B 469 -34.18 27.48 10.21
CA LEU B 469 -33.57 28.75 9.81
C LEU B 469 -32.11 28.54 9.39
N PHE B 470 -31.35 27.77 10.18
CA PHE B 470 -29.95 27.52 9.84
C PHE B 470 -29.82 26.86 8.46
N ASN B 471 -30.67 25.85 8.19
CA ASN B 471 -30.59 25.16 6.90
C ASN B 471 -30.94 26.07 5.73
N LEU B 472 -31.96 26.93 5.90
CA LEU B 472 -32.28 27.89 4.84
C LEU B 472 -31.06 28.76 4.53
N ILE B 473 -30.41 29.30 5.56
CA ILE B 473 -29.25 30.16 5.33
C ILE B 473 -28.13 29.38 4.64
N TYR B 474 -27.82 28.19 5.15
CA TYR B 474 -26.68 27.41 4.63
C TYR B 474 -26.86 27.11 3.14
N TRP B 475 -28.04 26.60 2.77
CA TRP B 475 -28.20 26.24 1.37
C TRP B 475 -28.49 27.45 0.50
N SER B 476 -28.74 28.63 1.10
CA SER B 476 -28.69 29.86 0.32
C SER B 476 -27.26 30.27 0.02
N ILE B 477 -26.34 29.98 0.94
CA ILE B 477 -24.96 30.40 0.70
C ILE B 477 -24.25 29.44 -0.24
N PHE B 478 -24.40 28.13 -0.05
CA PHE B 478 -23.65 27.17 -0.84
C PHE B 478 -24.45 26.56 -1.99
N SER B 479 -25.73 26.93 -2.11
CA SER B 479 -26.55 26.65 -3.30
C SER B 479 -26.58 25.18 -3.72
N LEU C 78 46.26 4.75 -21.93
CA LEU C 78 47.25 4.53 -20.88
C LEU C 78 47.29 3.05 -20.45
N LEU C 79 46.12 2.56 -20.03
CA LEU C 79 45.89 1.16 -19.70
C LEU C 79 45.69 0.35 -20.99
N ARG C 80 46.42 -0.75 -21.10
CA ARG C 80 46.41 -1.61 -22.28
C ARG C 80 45.20 -2.55 -22.23
N ILE C 81 44.04 -2.01 -22.60
CA ILE C 81 42.83 -2.80 -22.37
C ILE C 81 42.57 -3.77 -23.52
N ASP C 82 42.98 -3.41 -24.73
CA ASP C 82 42.77 -4.20 -25.92
C ASP C 82 43.68 -5.42 -26.03
N ASP C 83 44.58 -5.65 -25.07
CA ASP C 83 45.67 -6.59 -25.29
C ASP C 83 45.38 -7.99 -24.76
N HIS C 84 44.33 -8.14 -23.97
CA HIS C 84 44.17 -9.20 -23.00
C HIS C 84 42.73 -9.71 -23.03
N ASP C 85 42.57 -10.95 -22.56
CA ASP C 85 41.29 -11.65 -22.41
C ASP C 85 40.85 -11.57 -20.97
N PHE C 86 40.01 -10.59 -20.66
CA PHE C 86 39.46 -10.38 -19.31
C PHE C 86 38.29 -11.26 -18.97
N SER C 87 38.02 -12.33 -19.74
CA SER C 87 37.07 -13.35 -19.27
C SER C 87 37.72 -14.31 -18.29
N MET C 88 39.05 -14.25 -18.12
CA MET C 88 39.78 -15.16 -17.26
C MET C 88 40.38 -14.38 -16.09
N ARG C 89 40.35 -14.99 -14.91
CA ARG C 89 40.80 -14.29 -13.72
C ARG C 89 42.33 -14.18 -13.71
N PRO C 90 42.89 -13.32 -12.86
CA PRO C 90 44.36 -13.35 -12.69
C PRO C 90 44.82 -14.63 -12.02
N GLY C 91 45.87 -15.22 -12.57
CA GLY C 91 46.37 -16.52 -12.15
C GLY C 91 45.52 -17.70 -12.57
N PHE C 92 44.75 -17.56 -13.66
CA PHE C 92 43.87 -18.60 -14.16
C PHE C 92 44.66 -19.87 -14.44
N GLY C 93 44.21 -20.99 -13.90
CA GLY C 93 44.98 -22.20 -14.08
C GLY C 93 46.05 -22.43 -13.05
N GLY C 94 46.08 -21.61 -11.99
CA GLY C 94 47.11 -21.68 -10.98
C GLY C 94 46.47 -21.45 -9.63
N PRO C 95 47.27 -21.04 -8.63
CA PRO C 95 46.75 -20.83 -7.28
C PRO C 95 45.77 -19.69 -7.18
N ALA C 96 45.03 -19.70 -6.06
CA ALA C 96 43.90 -18.80 -5.85
C ALA C 96 44.36 -17.35 -5.70
N ILE C 97 43.47 -16.43 -6.08
CA ILE C 97 43.76 -15.01 -6.00
C ILE C 97 43.22 -14.48 -4.67
N PRO C 98 44.07 -13.76 -3.87
CA PRO C 98 43.46 -13.19 -2.65
C PRO C 98 42.76 -11.86 -2.88
N VAL C 99 41.62 -11.67 -2.24
CA VAL C 99 40.82 -10.45 -2.38
C VAL C 99 40.44 -9.99 -0.99
N GLY C 100 40.80 -8.75 -0.64
CA GLY C 100 40.50 -8.17 0.65
C GLY C 100 39.34 -7.19 0.61
N VAL C 101 38.65 -7.03 1.74
CA VAL C 101 37.39 -6.29 1.81
C VAL C 101 37.36 -5.40 3.03
N ASP C 102 36.79 -4.19 2.90
CA ASP C 102 36.38 -3.43 4.08
C ASP C 102 35.14 -2.61 3.75
N VAL C 103 34.47 -2.10 4.80
CA VAL C 103 33.09 -1.65 4.72
C VAL C 103 32.87 -0.45 5.62
N GLN C 104 32.01 0.48 5.19
CA GLN C 104 31.51 1.56 6.03
C GLN C 104 29.98 1.59 5.95
N VAL C 105 29.28 1.51 7.11
CA VAL C 105 27.82 1.53 7.08
C VAL C 105 27.34 2.98 7.08
N GLU C 106 26.52 3.33 6.08
CA GLU C 106 25.93 4.67 6.10
C GLU C 106 24.63 4.74 6.93
N SER C 107 23.68 3.83 6.78
CA SER C 107 22.44 3.91 7.55
C SER C 107 21.79 2.54 7.72
N LEU C 108 21.06 2.39 8.82
CA LEU C 108 20.16 1.25 9.05
C LEU C 108 18.73 1.78 8.91
N ASP C 109 18.04 1.33 7.86
CA ASP C 109 16.93 2.10 7.31
C ASP C 109 15.56 1.75 7.88
N SER C 110 15.26 0.47 8.09
CA SER C 110 13.95 0.09 8.64
C SER C 110 13.98 -1.36 9.08
N ILE C 111 12.97 -1.75 9.85
CA ILE C 111 12.85 -3.10 10.41
C ILE C 111 11.38 -3.50 10.42
N SER C 112 11.09 -4.76 10.13
CA SER C 112 9.72 -5.26 10.09
C SER C 112 9.61 -6.55 10.90
N GLU C 113 8.64 -6.59 11.82
CA GLU C 113 8.37 -7.84 12.54
C GLU C 113 7.46 -8.76 11.73
N VAL C 114 6.53 -8.19 10.97
CA VAL C 114 5.60 -8.93 10.16
C VAL C 114 6.34 -9.64 9.03
N ASP C 115 7.38 -9.00 8.49
CA ASP C 115 8.13 -9.65 7.42
C ASP C 115 9.43 -10.30 7.86
N MET C 116 9.87 -9.99 9.09
CA MET C 116 11.15 -10.45 9.67
C MET C 116 12.34 -10.13 8.77
N ASP C 117 12.62 -8.83 8.62
CA ASP C 117 13.75 -8.40 7.80
C ASP C 117 14.17 -6.99 8.19
N PHE C 118 15.37 -6.61 7.74
CA PHE C 118 15.84 -5.23 7.85
C PHE C 118 16.46 -4.74 6.55
N THR C 119 16.61 -3.43 6.44
CA THR C 119 17.25 -2.75 5.32
C THR C 119 18.47 -1.92 5.75
N MET C 120 19.54 -2.00 4.96
CA MET C 120 20.81 -1.32 5.26
C MET C 120 21.41 -0.72 3.98
N THR C 121 22.08 0.44 4.13
CA THR C 121 22.81 1.11 3.05
C THR C 121 24.28 1.26 3.47
N LEU C 122 25.21 0.92 2.56
CA LEU C 122 26.63 0.91 2.91
C LEU C 122 27.51 1.15 1.68
N TYR C 123 28.78 1.44 1.97
CA TYR C 123 29.87 1.51 1.00
C TYR C 123 30.71 0.25 1.13
N LEU C 124 31.05 -0.39 0.00
CA LEU C 124 31.75 -1.67 -0.03
C LEU C 124 32.98 -1.56 -0.94
N ARG C 125 34.13 -2.07 -0.47
CA ARG C 125 35.42 -1.85 -1.12
C ARG C 125 36.20 -3.16 -1.31
N HIS C 126 36.96 -3.26 -2.42
CA HIS C 126 37.70 -4.45 -2.79
C HIS C 126 39.15 -4.12 -3.13
N TYR C 127 40.07 -5.05 -2.85
CA TYR C 127 41.50 -4.84 -3.08
C TYR C 127 42.14 -6.08 -3.71
N TRP C 128 42.83 -5.91 -4.83
CA TRP C 128 43.58 -7.01 -5.44
C TRP C 128 44.63 -6.46 -6.41
N LYS C 129 45.49 -7.37 -6.91
CA LYS C 129 46.54 -7.02 -7.86
C LYS C 129 46.35 -7.78 -9.18
N ASP C 130 46.51 -7.07 -10.29
CA ASP C 130 46.48 -7.67 -11.64
C ASP C 130 47.52 -6.96 -12.50
N GLU C 131 48.56 -7.69 -12.90
CA GLU C 131 49.68 -7.11 -13.65
C GLU C 131 49.32 -6.76 -15.08
N ARG C 132 48.15 -7.18 -15.58
CA ARG C 132 47.73 -6.75 -16.90
C ARG C 132 47.33 -5.29 -16.95
N LEU C 133 47.22 -4.65 -15.79
CA LEU C 133 46.79 -3.26 -15.64
C LEU C 133 47.94 -2.36 -15.18
N SER C 134 49.18 -2.80 -15.35
CA SER C 134 50.36 -2.01 -15.04
C SER C 134 50.57 -0.91 -16.08
N PHE C 135 51.19 0.19 -15.65
CA PHE C 135 51.49 1.31 -16.53
C PHE C 135 52.71 2.07 -15.99
N PRO C 136 53.46 2.73 -16.87
CA PRO C 136 54.69 3.42 -16.44
C PRO C 136 54.42 4.83 -15.94
N SER C 137 55.19 5.22 -14.92
CA SER C 137 55.16 6.57 -14.38
C SER C 137 56.40 6.76 -13.51
N THR C 138 56.71 8.01 -13.21
CA THR C 138 57.85 8.36 -12.37
C THR C 138 57.46 8.69 -10.94
N ASN C 139 56.17 8.76 -10.64
CA ASN C 139 55.74 9.28 -9.36
C ASN C 139 55.34 8.20 -8.39
N ASN C 140 55.01 7.00 -8.89
CA ASN C 140 54.69 5.85 -8.05
C ASN C 140 53.40 6.08 -7.27
N LEU C 141 52.51 6.92 -7.79
CA LEU C 141 51.27 7.25 -7.11
C LEU C 141 50.07 6.60 -7.80
N SER C 142 48.96 6.54 -7.05
CA SER C 142 47.67 6.05 -7.49
C SER C 142 46.91 7.05 -8.36
N MET C 143 46.23 6.50 -9.37
CA MET C 143 45.44 7.33 -10.30
C MET C 143 43.98 6.90 -10.37
N THR C 144 43.08 7.85 -10.58
CA THR C 144 41.64 7.60 -10.67
C THR C 144 41.18 7.65 -12.11
N PHE C 145 40.28 6.73 -12.47
CA PHE C 145 39.80 6.60 -13.84
C PHE C 145 38.28 6.72 -13.87
N ASP C 146 37.77 7.20 -15.00
CA ASP C 146 36.33 7.50 -15.13
C ASP C 146 35.33 6.59 -14.47
N GLY C 147 35.39 5.30 -14.79
CA GLY C 147 34.37 4.40 -14.30
C GLY C 147 33.68 3.57 -15.36
N ARG C 148 33.74 3.98 -16.63
CA ARG C 148 33.24 3.18 -17.73
C ARG C 148 34.19 2.04 -18.12
N LEU C 149 35.38 1.99 -17.52
CA LEU C 149 36.30 0.89 -17.76
C LEU C 149 35.99 -0.34 -16.93
N VAL C 150 35.14 -0.22 -15.91
CA VAL C 150 34.83 -1.34 -15.03
C VAL C 150 34.21 -2.49 -15.82
N LYS C 151 33.53 -2.18 -16.90
CA LYS C 151 32.88 -3.23 -17.69
C LYS C 151 33.78 -3.82 -18.75
N LYS C 152 35.05 -3.40 -18.84
CA LYS C 152 36.02 -3.99 -19.75
C LYS C 152 36.99 -4.93 -19.06
N ILE C 153 37.39 -4.62 -17.83
CA ILE C 153 38.37 -5.40 -17.08
C ILE C 153 37.69 -6.50 -16.27
N TRP C 154 38.50 -7.34 -15.62
CA TRP C 154 37.99 -8.35 -14.71
C TRP C 154 37.77 -7.76 -13.31
N VAL C 155 36.70 -8.22 -12.65
CA VAL C 155 36.27 -7.72 -11.34
C VAL C 155 35.66 -8.85 -10.52
N PRO C 156 35.90 -8.90 -9.20
CA PRO C 156 35.32 -9.95 -8.35
C PRO C 156 33.79 -9.91 -8.30
N ASP C 157 33.20 -11.03 -7.85
CA ASP C 157 31.75 -11.27 -8.00
C ASP C 157 30.97 -11.49 -6.71
N MET C 158 30.97 -10.52 -5.80
CA MET C 158 30.38 -10.74 -4.49
C MET C 158 28.87 -10.62 -4.52
N PHE C 159 28.18 -11.40 -3.69
CA PHE C 159 26.74 -11.27 -3.54
C PHE C 159 26.37 -11.38 -2.06
N PHE C 160 25.18 -10.88 -1.71
CA PHE C 160 24.70 -10.91 -0.33
C PHE C 160 23.82 -12.14 -0.13
N VAL C 161 24.21 -13.00 0.80
CA VAL C 161 23.53 -14.28 1.01
C VAL C 161 22.29 -14.10 1.87
N HIS C 162 21.22 -14.82 1.50
CA HIS C 162 19.93 -14.81 2.20
C HIS C 162 19.23 -13.46 2.12
N SER C 163 19.48 -12.72 1.04
CA SER C 163 18.92 -11.39 0.89
C SER C 163 17.65 -11.44 0.06
N LYS C 164 16.74 -10.50 0.33
CA LYS C 164 15.48 -10.41 -0.38
C LYS C 164 15.57 -9.57 -1.65
N ARG C 165 16.19 -8.38 -1.57
CA ARG C 165 16.42 -7.53 -2.74
C ARG C 165 17.52 -6.53 -2.43
N SER C 166 18.10 -5.95 -3.50
CA SER C 166 19.18 -4.98 -3.42
C SER C 166 19.30 -4.22 -4.73
N PHE C 167 19.92 -3.03 -4.68
CA PHE C 167 20.32 -2.34 -5.90
C PHE C 167 21.55 -1.47 -5.66
N ILE C 168 22.18 -1.06 -6.78
CA ILE C 168 23.29 -0.10 -6.80
C ILE C 168 22.72 1.24 -7.28
N HIS C 169 23.18 2.32 -6.65
CA HIS C 169 22.68 3.66 -6.90
C HIS C 169 23.22 4.20 -8.24
N ASP C 170 22.40 4.98 -8.96
CA ASP C 170 22.85 5.39 -10.29
C ASP C 170 22.44 6.82 -10.66
N THR C 171 22.44 7.74 -9.72
CA THR C 171 22.18 9.14 -10.02
C THR C 171 23.27 10.00 -9.38
N THR C 172 23.93 10.87 -10.15
CA THR C 172 23.67 11.21 -11.56
C THR C 172 24.27 10.21 -12.55
N THR C 173 25.15 9.36 -12.05
CA THR C 173 25.77 8.28 -12.79
C THR C 173 25.91 7.10 -11.82
N ASP C 174 26.43 5.98 -12.31
CA ASP C 174 26.73 4.86 -11.42
C ASP C 174 27.69 5.29 -10.31
N ASN C 175 27.32 4.98 -9.07
CA ASN C 175 28.13 5.34 -7.91
C ASN C 175 29.23 4.30 -7.71
N VAL C 176 30.29 4.42 -8.54
CA VAL C 176 31.36 3.43 -8.66
C VAL C 176 32.69 4.16 -8.76
N MET C 177 33.75 3.56 -8.22
CA MET C 177 35.04 4.21 -8.20
C MET C 177 36.12 3.18 -8.52
N LEU C 178 37.13 3.57 -9.29
CA LEU C 178 38.22 2.68 -9.69
C LEU C 178 39.53 3.43 -9.64
N ARG C 179 40.47 2.92 -8.85
CA ARG C 179 41.81 3.50 -8.70
C ARG C 179 42.86 2.43 -8.91
N VAL C 180 43.92 2.76 -9.65
CA VAL C 180 44.98 1.82 -10.02
C VAL C 180 46.34 2.46 -9.80
N GLN C 181 47.31 1.65 -9.29
CA GLN C 181 48.72 1.88 -9.03
C GLN C 181 49.57 1.35 -10.19
N PRO C 182 50.74 1.95 -10.46
CA PRO C 182 51.58 1.54 -11.61
C PRO C 182 52.02 0.10 -11.63
N ASP C 183 52.00 -0.59 -10.49
CA ASP C 183 52.33 -2.01 -10.46
C ASP C 183 51.11 -2.91 -10.60
N GLY C 184 49.93 -2.33 -10.81
CA GLY C 184 48.75 -3.13 -11.05
C GLY C 184 47.90 -3.39 -9.84
N LYS C 185 48.17 -2.76 -8.71
CA LYS C 185 47.27 -2.87 -7.56
C LYS C 185 46.01 -2.06 -7.82
N VAL C 186 44.87 -2.61 -7.43
CA VAL C 186 43.57 -2.04 -7.79
C VAL C 186 42.73 -1.82 -6.53
N LEU C 187 42.01 -0.70 -6.49
CA LEU C 187 40.99 -0.41 -5.49
C LEU C 187 39.66 -0.14 -6.19
N TYR C 188 38.60 -0.80 -5.72
CA TYR C 188 37.29 -0.79 -6.37
C TYR C 188 36.21 -0.52 -5.31
N SER C 189 35.32 0.44 -5.54
CA SER C 189 34.30 0.77 -4.52
C SER C 189 32.92 1.03 -5.14
N LEU C 190 31.87 0.68 -4.38
CA LEU C 190 30.50 0.91 -4.82
C LEU C 190 29.54 1.14 -3.63
N ARG C 191 28.43 1.86 -3.90
CA ARG C 191 27.41 2.17 -2.87
C ARG C 191 26.15 1.35 -3.13
N VAL C 192 25.58 0.71 -2.11
CA VAL C 192 24.48 -0.24 -2.29
C VAL C 192 23.51 -0.20 -1.12
N THR C 193 22.28 -0.63 -1.39
CA THR C 193 21.22 -0.82 -0.40
C THR C 193 20.72 -2.27 -0.46
N VAL C 194 20.56 -2.90 0.71
CA VAL C 194 20.19 -4.32 0.82
C VAL C 194 19.06 -4.49 1.84
N THR C 195 18.18 -5.46 1.56
CA THR C 195 17.16 -5.93 2.49
C THR C 195 17.38 -7.42 2.75
N ALA C 196 17.47 -7.79 4.03
CA ALA C 196 17.99 -9.09 4.42
C ALA C 196 17.13 -9.76 5.49
N MET C 197 17.19 -11.09 5.50
CA MET C 197 16.38 -11.92 6.40
C MET C 197 16.91 -11.90 7.82
N CYS C 198 15.99 -11.93 8.79
CA CYS C 198 16.35 -11.96 10.21
C CYS C 198 15.26 -12.66 11.00
N ASN C 199 15.59 -13.79 11.62
CA ASN C 199 14.63 -14.56 12.41
C ASN C 199 14.49 -13.97 13.81
N MET C 200 13.25 -13.76 14.26
CA MET C 200 12.98 -13.03 15.48
C MET C 200 12.16 -13.87 16.47
N ASP C 201 12.47 -13.68 17.75
CA ASP C 201 11.79 -14.33 18.87
C ASP C 201 11.02 -13.28 19.67
N PHE C 202 9.71 -13.49 19.81
CA PHE C 202 8.80 -12.56 20.48
C PHE C 202 8.23 -13.12 21.79
N SER C 203 8.88 -14.08 22.42
CA SER C 203 8.37 -14.56 23.70
C SER C 203 8.45 -13.55 24.84
N ARG C 204 9.38 -12.60 24.82
CA ARG C 204 9.46 -11.56 25.84
C ARG C 204 9.02 -10.21 25.31
N PHE C 205 8.24 -10.19 24.24
CA PHE C 205 7.85 -8.94 23.62
C PHE C 205 6.87 -8.22 24.55
N PRO C 206 7.06 -6.87 24.77
CA PRO C 206 8.01 -6.03 24.01
C PRO C 206 9.31 -5.74 24.73
N LEU C 207 9.63 -6.50 25.75
CA LEU C 207 10.88 -6.33 26.49
C LEU C 207 11.98 -7.22 25.92
N ASP C 208 12.13 -7.22 24.60
CA ASP C 208 12.91 -8.24 23.92
C ASP C 208 14.22 -7.68 23.37
N THR C 209 15.14 -8.58 23.05
CA THR C 209 16.42 -8.21 22.44
C THR C 209 16.63 -9.08 21.20
N GLN C 210 17.08 -8.48 20.10
CA GLN C 210 17.30 -9.26 18.88
C GLN C 210 18.74 -9.09 18.37
N THR C 211 19.25 -10.11 17.68
CA THR C 211 20.57 -10.06 17.06
C THR C 211 20.49 -10.38 15.57
N CYS C 212 21.28 -9.66 14.76
CA CYS C 212 21.17 -9.72 13.30
C CYS C 212 22.54 -9.84 12.65
N SER C 213 22.56 -10.24 11.36
CA SER C 213 23.82 -10.29 10.61
C SER C 213 23.58 -10.17 9.11
N LEU C 214 24.60 -9.70 8.40
CA LEU C 214 24.61 -9.57 6.95
C LEU C 214 25.77 -10.39 6.40
N GLU C 215 25.48 -11.20 5.38
CA GLU C 215 26.38 -12.24 4.88
C GLU C 215 26.93 -11.89 3.50
N ILE C 216 28.22 -12.15 3.27
CA ILE C 216 28.89 -11.77 2.03
C ILE C 216 29.69 -12.96 1.50
N GLU C 217 29.57 -13.22 0.19
CA GLU C 217 30.17 -14.41 -0.38
C GLU C 217 30.33 -14.24 -1.90
N SER C 218 31.25 -15.01 -2.48
CA SER C 218 31.50 -15.04 -3.92
C SER C 218 30.60 -16.06 -4.59
N TYR C 219 30.06 -15.71 -5.76
CA TYR C 219 29.07 -16.58 -6.37
C TYR C 219 29.72 -17.74 -7.14
N ALA C 220 30.74 -17.46 -7.95
CA ALA C 220 31.18 -18.44 -8.93
C ALA C 220 32.45 -19.19 -8.55
N TYR C 221 33.28 -18.66 -7.66
CA TYR C 221 34.64 -19.15 -7.44
C TYR C 221 34.72 -19.80 -6.06
N THR C 222 35.26 -21.02 -5.99
CA THR C 222 35.46 -21.70 -4.72
C THR C 222 36.79 -21.30 -4.11
N GLU C 223 37.01 -21.72 -2.86
CA GLU C 223 38.25 -21.40 -2.16
C GLU C 223 39.49 -21.94 -2.87
N ASP C 224 39.33 -22.77 -3.90
CA ASP C 224 40.50 -23.18 -4.67
C ASP C 224 40.90 -22.15 -5.71
N ASP C 225 40.02 -21.19 -6.01
CA ASP C 225 40.29 -20.17 -7.00
C ASP C 225 40.27 -18.74 -6.46
N LEU C 226 39.52 -18.46 -5.40
CA LEU C 226 39.51 -17.12 -4.82
C LEU C 226 39.53 -17.23 -3.30
N MET C 227 40.31 -16.36 -2.66
CA MET C 227 40.47 -16.34 -1.21
C MET C 227 39.99 -14.98 -0.70
N LEU C 228 38.98 -14.99 0.17
CA LEU C 228 38.30 -13.78 0.60
C LEU C 228 38.51 -13.54 2.10
N TYR C 229 38.94 -12.34 2.46
CA TYR C 229 39.27 -12.03 3.84
C TYR C 229 39.01 -10.55 4.13
N TRP C 230 38.81 -10.24 5.42
CA TRP C 230 38.79 -8.85 5.90
C TRP C 230 40.17 -8.22 5.77
N LYS C 231 40.23 -7.07 5.11
CA LYS C 231 41.51 -6.41 4.86
C LYS C 231 42.32 -6.11 6.10
N LYS C 232 41.72 -5.41 7.05
CA LYS C 232 42.49 -4.98 8.23
C LYS C 232 42.02 -5.68 9.50
N GLY C 233 41.55 -6.92 9.42
CA GLY C 233 41.21 -7.54 10.68
C GLY C 233 39.95 -6.91 11.25
N ASN C 234 39.92 -6.69 12.56
CA ASN C 234 38.72 -6.14 13.19
C ASN C 234 38.51 -4.66 12.86
N ASP C 235 39.53 -3.96 12.39
CA ASP C 235 39.45 -2.56 11.99
C ASP C 235 38.79 -2.34 10.64
N SER C 236 38.19 -3.36 10.04
CA SER C 236 37.69 -3.31 8.67
C SER C 236 36.27 -2.76 8.55
N LEU C 237 35.68 -2.29 9.64
CA LEU C 237 34.26 -1.96 9.71
C LEU C 237 34.12 -0.62 10.42
N LYS C 238 33.56 0.35 9.72
CA LYS C 238 33.33 1.68 10.25
C LYS C 238 31.83 1.96 10.21
N THR C 239 31.39 2.89 11.04
CA THR C 239 29.96 3.19 11.14
C THR C 239 29.74 4.69 11.21
N ASP C 240 28.72 5.16 10.49
CA ASP C 240 28.40 6.58 10.46
C ASP C 240 27.84 7.03 11.80
N GLU C 241 28.29 8.21 12.26
CA GLU C 241 27.84 8.72 13.55
C GLU C 241 26.37 9.14 13.57
N ARG C 242 25.72 9.24 12.40
CA ARG C 242 24.33 9.66 12.28
C ARG C 242 23.32 8.53 12.44
N ILE C 243 23.76 7.29 12.62
CA ILE C 243 22.89 6.13 12.55
C ILE C 243 21.98 6.07 13.77
N SER C 244 20.67 5.86 13.53
CA SER C 244 19.67 5.94 14.59
C SER C 244 18.40 5.23 14.17
N LEU C 245 17.67 4.69 15.16
CA LEU C 245 16.32 4.18 14.96
C LEU C 245 15.44 4.71 16.08
N SER C 246 14.19 5.08 15.75
CA SER C 246 13.32 5.69 16.75
C SER C 246 12.85 4.71 17.81
N GLN C 247 12.87 3.40 17.52
CA GLN C 247 12.31 2.40 18.42
C GLN C 247 13.35 1.49 19.07
N PHE C 248 14.61 1.55 18.63
CA PHE C 248 15.62 0.61 19.12
C PHE C 248 16.90 1.33 19.50
N LEU C 249 17.59 0.76 20.49
CA LEU C 249 18.98 1.06 20.78
C LEU C 249 19.87 0.07 20.04
N ILE C 250 20.88 0.58 19.33
CA ILE C 250 21.75 -0.23 18.47
C ILE C 250 23.09 -0.39 19.16
N GLN C 251 23.62 -1.62 19.18
CA GLN C 251 24.85 -1.88 19.89
C GLN C 251 25.57 -3.09 19.30
N GLU C 252 26.88 -3.16 19.58
CA GLU C 252 27.70 -4.38 19.44
C GLU C 252 27.96 -4.78 17.99
N PHE C 253 28.42 -3.82 17.18
CA PHE C 253 28.84 -4.10 15.81
C PHE C 253 30.17 -4.86 15.78
N HIS C 254 30.22 -5.99 15.04
CA HIS C 254 31.49 -6.69 14.89
C HIS C 254 31.43 -7.70 13.74
N THR C 255 32.60 -8.23 13.37
CA THR C 255 32.79 -9.02 12.15
C THR C 255 33.35 -10.43 12.43
N THR C 256 32.89 -11.42 11.65
CA THR C 256 33.39 -12.79 11.78
C THR C 256 33.53 -13.46 10.41
N THR C 257 34.09 -14.69 10.40
CA THR C 257 34.29 -15.46 9.18
C THR C 257 33.92 -16.93 9.40
N LYS C 258 33.47 -17.60 8.33
CA LYS C 258 33.14 -19.02 8.40
C LYS C 258 33.17 -19.62 6.99
N LEU C 259 33.41 -20.93 6.93
CA LEU C 259 33.43 -21.68 5.67
C LEU C 259 32.07 -22.34 5.41
N ALA C 260 31.65 -22.35 4.13
CA ALA C 260 30.34 -22.86 3.75
C ALA C 260 30.45 -23.89 2.62
N PHE C 261 29.51 -24.82 2.60
CA PHE C 261 29.53 -25.97 1.69
C PHE C 261 28.21 -26.07 0.95
N TYR C 262 28.28 -26.27 -0.36
CA TYR C 262 27.13 -26.62 -1.18
C TYR C 262 27.41 -27.95 -1.86
N SER C 263 26.42 -28.85 -1.86
CA SER C 263 26.65 -30.24 -2.23
C SER C 263 27.11 -30.37 -3.68
N SER C 264 26.56 -29.55 -4.56
CA SER C 264 26.74 -29.70 -5.99
C SER C 264 27.96 -28.93 -6.50
N THR C 265 28.51 -28.00 -5.71
CA THR C 265 29.47 -27.04 -6.25
C THR C 265 30.71 -26.76 -5.40
N GLY C 266 30.71 -27.01 -4.09
CA GLY C 266 31.97 -26.98 -3.36
C GLY C 266 31.97 -26.06 -2.16
N TRP C 267 33.17 -25.64 -1.77
CA TRP C 267 33.45 -24.93 -0.52
C TRP C 267 33.73 -23.45 -0.77
N TYR C 268 33.22 -22.59 0.12
CA TYR C 268 33.32 -21.15 -0.08
C TYR C 268 33.63 -20.43 1.24
N ASN C 269 34.31 -19.28 1.15
CA ASN C 269 34.53 -18.39 2.30
C ASN C 269 33.36 -17.40 2.43
N ARG C 270 32.95 -17.15 3.68
CA ARG C 270 31.80 -16.30 3.97
C ARG C 270 32.15 -15.30 5.08
N LEU C 271 31.81 -14.02 4.86
CA LEU C 271 32.10 -12.98 5.84
C LEU C 271 30.80 -12.50 6.48
N TYR C 272 30.88 -12.10 7.77
CA TYR C 272 29.72 -11.74 8.56
C TYR C 272 29.90 -10.34 9.14
N ILE C 273 28.78 -9.60 9.23
CA ILE C 273 28.65 -8.36 9.98
C ILE C 273 27.51 -8.54 10.97
N ASN C 274 27.79 -8.37 12.27
CA ASN C 274 26.86 -8.70 13.34
C ASN C 274 26.50 -7.46 14.15
N PHE C 275 25.28 -7.43 14.68
CA PHE C 275 24.85 -6.34 15.57
C PHE C 275 23.63 -6.76 16.39
N THR C 276 23.35 -5.95 17.43
CA THR C 276 22.32 -6.22 18.43
C THR C 276 21.37 -5.03 18.56
N LEU C 277 20.09 -5.32 18.85
CA LEU C 277 19.05 -4.31 18.99
C LEU C 277 18.29 -4.48 20.30
N ARG C 278 17.95 -3.37 20.95
CA ARG C 278 17.14 -3.37 22.17
C ARG C 278 15.99 -2.37 22.06
N ARG C 279 14.79 -2.81 22.41
CA ARG C 279 13.54 -2.08 22.15
C ARG C 279 13.26 -1.08 23.27
N HIS C 280 12.72 0.10 22.95
CA HIS C 280 12.31 1.02 24.02
C HIS C 280 10.89 0.69 24.46
N ILE C 281 10.64 0.72 25.77
CA ILE C 281 9.37 0.25 26.29
C ILE C 281 8.36 1.35 26.57
N PHE C 282 8.77 2.62 26.56
CA PHE C 282 7.90 3.70 27.01
C PHE C 282 6.58 3.77 26.25
N PHE C 283 6.63 3.44 24.96
CA PHE C 283 5.44 3.57 24.13
C PHE C 283 4.38 2.58 24.62
N PHE C 284 4.83 1.39 25.00
CA PHE C 284 3.94 0.30 25.36
C PHE C 284 3.40 0.45 26.75
N LEU C 285 4.24 0.93 27.70
CA LEU C 285 3.70 1.34 29.00
C LEU C 285 2.47 2.19 28.76
N LEU C 286 2.70 3.34 28.12
CA LEU C 286 1.68 4.39 28.05
C LEU C 286 0.49 3.99 27.17
N GLN C 287 0.70 3.08 26.22
CA GLN C 287 -0.35 2.78 25.26
C GLN C 287 -1.08 1.47 25.55
N THR C 288 -0.53 0.59 26.41
CA THR C 288 -1.17 -0.67 26.71
C THR C 288 -1.29 -0.98 28.20
N TYR C 289 -0.22 -0.80 28.97
CA TYR C 289 -0.24 -1.33 30.33
C TYR C 289 -0.99 -0.41 31.28
N PHE C 290 -0.94 0.89 31.04
CA PHE C 290 -1.66 1.82 31.91
C PHE C 290 -3.17 1.71 31.77
N PRO C 291 -3.75 1.76 30.55
CA PRO C 291 -5.21 1.68 30.44
C PRO C 291 -5.82 0.39 30.94
N ALA C 292 -5.14 -0.74 30.78
CA ALA C 292 -5.63 -1.99 31.35
C ALA C 292 -5.72 -1.93 32.87
N THR C 293 -4.68 -1.38 33.51
CA THR C 293 -4.69 -1.15 34.95
C THR C 293 -5.85 -0.24 35.37
N LEU C 294 -6.12 0.79 34.59
CA LEU C 294 -7.19 1.72 34.96
C LEU C 294 -8.56 1.06 34.85
N MET C 295 -8.74 0.17 33.87
CA MET C 295 -9.99 -0.59 33.79
C MET C 295 -10.16 -1.49 35.03
N VAL C 296 -9.08 -2.16 35.43
CA VAL C 296 -9.16 -2.98 36.64
C VAL C 296 -9.50 -2.11 37.84
N MET C 297 -8.90 -0.94 37.95
CA MET C 297 -9.23 -0.11 39.10
C MET C 297 -10.66 0.42 39.04
N LEU C 298 -11.21 0.63 37.84
CA LEU C 298 -12.61 1.03 37.74
C LEU C 298 -13.54 -0.06 38.25
N SER C 299 -13.21 -1.34 37.99
CA SER C 299 -14.11 -2.41 38.41
C SER C 299 -14.27 -2.51 39.93
N TRP C 300 -13.29 -1.99 40.68
CA TRP C 300 -13.28 -2.07 42.14
C TRP C 300 -14.30 -1.10 42.76
N VAL C 301 -14.62 -0.02 42.06
CA VAL C 301 -15.53 1.00 42.56
C VAL C 301 -16.89 0.38 42.92
N SER C 302 -17.24 -0.72 42.26
CA SER C 302 -18.53 -1.36 42.50
C SER C 302 -18.70 -1.79 43.94
N PHE C 303 -17.62 -2.25 44.58
CA PHE C 303 -17.70 -2.74 45.94
C PHE C 303 -18.09 -1.64 46.93
N TRP C 304 -18.09 -0.37 46.51
CA TRP C 304 -18.32 0.76 47.40
C TRP C 304 -19.74 1.35 47.27
N ILE C 305 -20.62 0.68 46.54
CA ILE C 305 -21.93 1.19 46.14
C ILE C 305 -23.03 0.31 46.70
N ASP C 306 -24.12 0.95 47.12
CA ASP C 306 -25.25 0.29 47.78
C ASP C 306 -25.74 -0.90 46.95
N ARG C 307 -25.85 -2.05 47.61
CA ARG C 307 -26.21 -3.28 46.89
C ARG C 307 -27.61 -3.22 46.31
N ARG C 308 -28.40 -2.23 46.69
CA ARG C 308 -29.77 -2.06 46.24
C ARG C 308 -29.86 -1.38 44.89
N ALA C 309 -28.79 -0.72 44.45
CA ALA C 309 -28.80 0.01 43.18
C ALA C 309 -28.34 -0.93 42.06
N VAL C 310 -29.28 -1.82 41.70
CA VAL C 310 -28.99 -2.86 40.71
C VAL C 310 -28.65 -2.29 39.34
N PRO C 311 -29.46 -1.40 38.76
CA PRO C 311 -29.14 -0.88 37.42
C PRO C 311 -27.93 0.03 37.40
N ALA C 312 -27.29 0.31 38.53
CA ALA C 312 -26.01 1.00 38.53
C ALA C 312 -24.85 0.02 38.58
N ARG C 313 -24.93 -0.97 39.49
CA ARG C 313 -23.81 -1.86 39.72
C ARG C 313 -23.63 -2.87 38.58
N VAL C 314 -24.69 -3.20 37.85
CA VAL C 314 -24.54 -4.19 36.77
C VAL C 314 -23.81 -3.60 35.55
N PRO C 315 -24.26 -2.48 34.97
CA PRO C 315 -23.53 -1.93 33.82
C PRO C 315 -22.11 -1.50 34.12
N LEU C 316 -21.84 -1.06 35.36
CA LEU C 316 -20.49 -0.66 35.72
C LEU C 316 -19.49 -1.79 35.49
N GLY C 317 -19.92 -3.03 35.72
CA GLY C 317 -19.01 -4.14 35.52
C GLY C 317 -18.98 -4.56 34.06
N ILE C 318 -20.15 -4.60 33.43
CA ILE C 318 -20.23 -5.07 32.05
C ILE C 318 -19.39 -4.18 31.12
N THR C 319 -19.45 -2.86 31.32
CA THR C 319 -18.77 -1.96 30.40
C THR C 319 -17.25 -2.13 30.47
N THR C 320 -16.73 -2.46 31.66
CA THR C 320 -15.30 -2.67 31.79
C THR C 320 -14.87 -3.95 31.11
N VAL C 321 -15.68 -5.01 31.24
CA VAL C 321 -15.38 -6.24 30.47
C VAL C 321 -15.28 -5.92 28.98
N LEU C 322 -16.28 -5.17 28.48
CA LEU C 322 -16.38 -4.89 27.05
C LEU C 322 -15.25 -3.97 26.55
N THR C 323 -14.78 -3.05 27.38
CA THR C 323 -13.59 -2.27 27.04
C THR C 323 -12.30 -3.11 27.03
N MET C 324 -12.16 -4.01 28.01
CA MET C 324 -10.91 -4.77 28.08
C MET C 324 -10.75 -5.63 26.84
N SER C 325 -11.87 -6.10 26.30
CA SER C 325 -11.82 -6.87 25.05
C SER C 325 -11.24 -6.05 23.90
N THR C 326 -11.65 -4.78 23.78
CA THR C 326 -11.10 -3.91 22.74
C THR C 326 -9.60 -3.70 22.90
N ILE C 327 -9.14 -3.49 24.14
CA ILE C 327 -7.70 -3.32 24.30
C ILE C 327 -6.96 -4.58 23.84
N ILE C 328 -7.47 -5.75 24.27
CA ILE C 328 -6.84 -7.00 23.85
C ILE C 328 -6.78 -7.09 22.33
N THR C 329 -7.86 -6.71 21.66
CA THR C 329 -7.84 -6.81 20.20
C THR C 329 -6.86 -5.83 19.58
N GLY C 330 -6.86 -4.58 20.06
CA GLY C 330 -6.01 -3.57 19.47
C GLY C 330 -4.53 -3.87 19.56
N VAL C 331 -4.11 -4.62 20.58
CA VAL C 331 -2.68 -4.96 20.67
C VAL C 331 -2.30 -5.98 19.60
N ASN C 332 -2.99 -7.11 19.57
CA ASN C 332 -2.56 -8.25 18.77
C ASN C 332 -2.80 -8.06 17.28
N ALA C 333 -3.50 -7.01 16.87
CA ALA C 333 -3.75 -6.79 15.46
C ALA C 333 -2.52 -6.27 14.72
N SER C 334 -1.45 -5.96 15.44
CA SER C 334 -0.28 -5.34 14.84
C SER C 334 0.86 -6.33 14.58
N MET C 335 0.84 -7.52 15.17
CA MET C 335 2.01 -8.38 15.18
C MET C 335 1.81 -9.60 14.28
N PRO C 336 2.87 -10.34 13.97
CA PRO C 336 2.68 -11.63 13.29
C PRO C 336 1.97 -12.66 14.16
N ARG C 337 1.31 -13.59 13.47
CA ARG C 337 0.45 -14.60 14.09
C ARG C 337 1.28 -15.80 14.53
N VAL C 338 2.04 -15.60 15.61
CA VAL C 338 2.92 -16.66 16.12
C VAL C 338 2.16 -17.76 16.84
N SER C 339 2.84 -18.87 17.05
CA SER C 339 2.17 -20.01 17.67
C SER C 339 2.43 -20.10 19.17
N TYR C 340 2.89 -19.02 19.80
CA TYR C 340 3.20 -19.07 21.22
C TYR C 340 2.80 -17.74 21.87
N ILE C 341 2.66 -17.77 23.20
CA ILE C 341 2.17 -16.63 23.97
C ILE C 341 3.29 -15.60 24.17
N LYS C 342 2.95 -14.30 24.05
CA LYS C 342 3.91 -13.24 24.29
C LYS C 342 3.72 -12.66 25.69
N ALA C 343 4.71 -11.89 26.15
CA ALA C 343 4.68 -11.42 27.53
C ALA C 343 3.57 -10.41 27.78
N VAL C 344 3.09 -9.74 26.73
CA VAL C 344 2.03 -8.74 26.87
C VAL C 344 0.66 -9.42 26.92
N ASP C 345 0.54 -10.56 26.25
CA ASP C 345 -0.68 -11.36 26.29
C ASP C 345 -1.02 -11.80 27.71
N ILE C 346 -0.01 -12.23 28.45
CA ILE C 346 -0.21 -12.71 29.82
C ILE C 346 -0.85 -11.61 30.66
N TYR C 347 -0.25 -10.43 30.64
CA TYR C 347 -0.75 -9.31 31.43
C TYR C 347 -2.20 -9.01 31.06
N LEU C 348 -2.49 -8.91 29.76
CA LEU C 348 -3.84 -8.48 29.39
C LEU C 348 -4.88 -9.54 29.76
N TRP C 349 -4.56 -10.83 29.63
CA TRP C 349 -5.60 -11.84 29.87
C TRP C 349 -5.83 -12.04 31.37
N VAL C 350 -4.78 -11.87 32.18
CA VAL C 350 -4.95 -11.86 33.63
C VAL C 350 -5.81 -10.68 34.07
N SER C 351 -5.58 -9.48 33.51
CA SER C 351 -6.46 -8.36 33.83
C SER C 351 -7.90 -8.64 33.42
N PHE C 352 -8.09 -9.34 32.29
CA PHE C 352 -9.44 -9.70 31.87
C PHE C 352 -10.14 -10.56 32.91
N VAL C 353 -9.46 -11.59 33.43
CA VAL C 353 -10.16 -12.44 34.38
C VAL C 353 -10.42 -11.66 35.68
N PHE C 354 -9.50 -10.78 36.08
CA PHE C 354 -9.77 -9.93 37.24
C PHE C 354 -11.07 -9.15 37.07
N VAL C 355 -11.31 -8.60 35.87
CA VAL C 355 -12.53 -7.81 35.65
C VAL C 355 -13.74 -8.72 35.54
N PHE C 356 -13.57 -9.88 34.89
CA PHE C 356 -14.68 -10.83 34.72
C PHE C 356 -15.24 -11.29 36.05
N LEU C 357 -14.37 -11.51 37.03
CA LEU C 357 -14.80 -12.06 38.31
C LEU C 357 -15.67 -11.09 39.12
N SER C 358 -15.45 -9.78 38.97
CA SER C 358 -16.23 -8.78 39.71
C SER C 358 -17.70 -8.77 39.30
N VAL C 359 -18.05 -9.33 38.15
CA VAL C 359 -19.45 -9.43 37.74
C VAL C 359 -20.12 -10.62 38.44
N LEU C 360 -19.46 -11.77 38.47
CA LEU C 360 -19.97 -12.91 39.22
C LEU C 360 -20.15 -12.60 40.70
N GLU C 361 -19.26 -11.76 41.26
CA GLU C 361 -19.37 -11.35 42.66
C GLU C 361 -20.73 -10.72 42.98
N TYR C 362 -21.09 -9.69 42.24
CA TYR C 362 -22.38 -9.02 42.43
C TYR C 362 -23.56 -9.94 42.10
N ALA C 363 -23.42 -10.81 41.09
CA ALA C 363 -24.48 -11.78 40.85
C ALA C 363 -24.76 -12.61 42.09
N ALA C 364 -23.70 -13.08 42.75
CA ALA C 364 -23.84 -13.83 44.00
C ALA C 364 -24.51 -13.01 45.08
N VAL C 365 -24.11 -11.74 45.23
CA VAL C 365 -24.73 -10.92 46.28
C VAL C 365 -26.22 -10.74 46.01
N ASN C 366 -26.59 -10.49 44.75
CA ASN C 366 -28.01 -10.31 44.43
C ASN C 366 -28.82 -11.57 44.72
N TYR C 367 -28.29 -12.74 44.34
CA TYR C 367 -29.02 -13.99 44.58
C TYR C 367 -29.20 -14.26 46.07
N LEU C 368 -28.14 -14.01 46.85
CA LEU C 368 -28.22 -14.33 48.27
C LEU C 368 -29.18 -13.38 49.00
N THR C 369 -29.19 -12.12 48.58
CA THR C 369 -30.16 -11.16 49.10
C THR C 369 -31.59 -11.59 48.77
N THR C 370 -31.84 -12.07 47.55
CA THR C 370 -33.18 -12.55 47.23
C THR C 370 -33.59 -13.76 48.08
N VAL C 371 -32.64 -14.65 48.38
CA VAL C 371 -32.94 -15.78 49.26
C VAL C 371 -33.33 -15.28 50.66
N GLN C 372 -32.58 -14.31 51.18
CA GLN C 372 -32.93 -13.71 52.47
C GLN C 372 -34.33 -13.09 52.44
N GLU C 373 -34.69 -12.41 51.35
CA GLU C 373 -36.02 -11.86 51.22
C GLU C 373 -37.08 -12.96 51.27
N ARG C 374 -36.82 -14.07 50.57
CA ARG C 374 -37.78 -15.17 50.55
C ARG C 374 -37.93 -15.81 51.91
N LYS C 375 -36.89 -15.74 52.74
CA LYS C 375 -36.95 -16.32 54.07
C LYS C 375 -37.72 -15.41 55.01
N GLU C 376 -37.51 -14.10 54.88
CA GLU C 376 -38.18 -13.15 55.76
C GLU C 376 -39.65 -13.05 55.44
N GLN C 377 -40.04 -13.41 54.23
CA GLN C 377 -41.39 -13.16 53.79
C GLN C 377 -42.31 -14.25 54.27
N ASP C 451 -27.28 -2.35 55.48
CA ASP C 451 -26.03 -2.99 55.86
C ASP C 451 -25.22 -3.40 54.65
N THR C 452 -24.01 -3.88 54.92
CA THR C 452 -23.09 -4.29 53.87
C THR C 452 -22.92 -5.81 53.93
N HIS C 453 -22.99 -6.47 52.78
CA HIS C 453 -22.90 -7.91 52.81
C HIS C 453 -21.45 -8.33 53.02
N ALA C 454 -21.26 -9.49 53.66
CA ALA C 454 -19.91 -9.99 53.94
C ALA C 454 -19.07 -10.11 52.67
N ILE C 455 -19.70 -10.43 51.54
CA ILE C 455 -18.96 -10.60 50.29
C ILE C 455 -18.36 -9.26 49.84
N ASP C 456 -19.16 -8.18 49.90
CA ASP C 456 -18.63 -6.85 49.61
C ASP C 456 -17.49 -6.48 50.56
N LYS C 457 -17.72 -6.71 51.86
CA LYS C 457 -16.76 -6.36 52.89
C LYS C 457 -15.42 -7.02 52.65
N TYR C 458 -15.43 -8.28 52.22
CA TYR C 458 -14.17 -8.98 51.97
C TYR C 458 -13.56 -8.63 50.62
N SER C 459 -14.40 -8.43 49.59
CA SER C 459 -13.87 -8.08 48.26
C SER C 459 -13.08 -6.79 48.31
N ARG C 460 -13.57 -5.80 49.08
CA ARG C 460 -12.87 -4.53 49.23
C ARG C 460 -11.43 -4.68 49.66
N ILE C 461 -11.05 -5.80 50.28
CA ILE C 461 -9.66 -6.02 50.66
C ILE C 461 -8.98 -6.98 49.70
N ILE C 462 -9.69 -8.02 49.25
CA ILE C 462 -9.04 -9.14 48.58
C ILE C 462 -8.66 -8.80 47.15
N PHE C 463 -9.54 -8.11 46.40
CA PHE C 463 -9.20 -7.89 44.99
C PHE C 463 -7.93 -7.04 44.80
N PRO C 464 -7.78 -5.88 45.46
CA PRO C 464 -6.56 -5.07 45.22
C PRO C 464 -5.28 -5.76 45.65
N ALA C 465 -5.28 -6.44 46.81
CA ALA C 465 -4.10 -7.17 47.28
C ALA C 465 -3.63 -8.21 46.27
N ALA C 466 -4.57 -8.98 45.72
CA ALA C 466 -4.24 -9.97 44.70
C ALA C 466 -3.64 -9.32 43.45
N TYR C 467 -4.19 -8.19 43.01
CA TYR C 467 -3.62 -7.57 41.80
C TYR C 467 -2.20 -7.07 42.07
N ILE C 468 -1.95 -6.54 43.27
CA ILE C 468 -0.62 -6.04 43.60
C ILE C 468 0.38 -7.19 43.68
N LEU C 469 -0.02 -8.33 44.26
CA LEU C 469 0.83 -9.52 44.26
C LEU C 469 1.17 -9.95 42.83
N PHE C 470 0.17 -9.96 41.94
CA PHE C 470 0.41 -10.35 40.56
C PHE C 470 1.45 -9.43 39.89
N ASN C 471 1.33 -8.11 40.10
CA ASN C 471 2.27 -7.18 39.49
C ASN C 471 3.69 -7.37 40.04
N LEU C 472 3.82 -7.60 41.35
CA LEU C 472 5.16 -7.87 41.89
C LEU C 472 5.78 -9.07 41.20
N ILE C 473 5.03 -10.16 41.07
CA ILE C 473 5.59 -11.35 40.42
C ILE C 473 5.95 -11.07 38.97
N TYR C 474 5.05 -10.43 38.22
CA TYR C 474 5.27 -10.21 36.79
C TYR C 474 6.54 -9.40 36.55
N TRP C 475 6.68 -8.28 37.26
CA TRP C 475 7.85 -7.45 37.00
C TRP C 475 9.10 -8.01 37.66
N SER C 476 8.96 -9.00 38.55
CA SER C 476 10.14 -9.77 38.94
C SER C 476 10.59 -10.72 37.85
N ILE C 477 9.66 -11.25 37.07
CA ILE C 477 10.05 -12.20 36.03
C ILE C 477 10.59 -11.48 34.80
N PHE C 478 9.93 -10.41 34.36
CA PHE C 478 10.33 -9.75 33.11
C PHE C 478 11.16 -8.50 33.33
N SER C 479 11.39 -8.11 34.59
CA SER C 479 12.37 -7.09 34.97
C SER C 479 12.23 -5.76 34.24
N LEU D 78 40.75 -18.59 -25.26
CA LEU D 78 40.81 -20.02 -24.98
C LEU D 78 39.67 -20.77 -25.69
N LEU D 79 38.44 -20.34 -25.39
CA LEU D 79 37.22 -20.80 -26.04
C LEU D 79 37.06 -20.12 -27.39
N ARG D 80 36.82 -20.92 -28.42
CA ARG D 80 36.71 -20.46 -29.81
C ARG D 80 35.30 -19.90 -30.05
N ILE D 81 35.08 -18.67 -29.60
CA ILE D 81 33.70 -18.18 -29.62
C ILE D 81 33.34 -17.59 -30.98
N ASP D 82 34.32 -17.03 -31.68
CA ASP D 82 34.12 -16.39 -32.97
C ASP D 82 33.92 -17.37 -34.12
N ASP D 83 33.94 -18.67 -33.88
CA ASP D 83 34.07 -19.62 -34.98
C ASP D 83 32.74 -20.17 -35.47
N HIS D 84 31.67 -19.94 -34.73
CA HIS D 84 30.47 -20.76 -34.74
C HIS D 84 29.23 -19.85 -34.68
N ASP D 85 28.11 -20.42 -35.13
CA ASP D 85 26.79 -19.79 -35.13
C ASP D 85 25.99 -20.34 -33.96
N PHE D 86 26.02 -19.60 -32.86
CA PHE D 86 25.29 -19.98 -31.63
C PHE D 86 23.81 -19.61 -31.65
N SER D 87 23.23 -19.27 -32.81
CA SER D 87 21.78 -19.19 -32.90
C SER D 87 21.14 -20.56 -33.07
N MET D 88 21.94 -21.60 -33.30
CA MET D 88 21.45 -22.96 -33.52
C MET D 88 21.88 -23.85 -32.38
N ARG D 89 20.99 -24.76 -31.97
CA ARG D 89 21.27 -25.60 -30.82
C ARG D 89 22.30 -26.67 -31.20
N PRO D 90 22.89 -27.34 -30.20
CA PRO D 90 23.71 -28.51 -30.52
C PRO D 90 22.87 -29.66 -31.06
N GLY D 91 23.35 -30.27 -32.14
CA GLY D 91 22.62 -31.29 -32.87
C GLY D 91 21.46 -30.78 -33.70
N PHE D 92 21.50 -29.52 -34.12
CA PHE D 92 20.46 -28.89 -34.91
C PHE D 92 20.20 -29.70 -36.18
N GLY D 93 18.95 -30.04 -36.43
CA GLY D 93 18.69 -30.87 -37.59
C GLY D 93 18.80 -32.35 -37.35
N GLY D 94 18.95 -32.76 -36.09
CA GLY D 94 19.14 -34.15 -35.75
C GLY D 94 18.37 -34.45 -34.48
N PRO D 95 18.75 -35.51 -33.76
CA PRO D 95 18.03 -35.91 -32.54
C PRO D 95 18.13 -34.89 -31.42
N ALA D 96 17.23 -35.04 -30.45
CA ALA D 96 17.05 -34.09 -29.37
C ALA D 96 18.25 -34.05 -28.43
N ILE D 97 18.47 -32.90 -27.82
CA ILE D 97 19.58 -32.70 -26.89
C ILE D 97 19.06 -32.96 -25.48
N PRO D 98 19.78 -33.85 -24.69
CA PRO D 98 19.30 -33.98 -23.31
C PRO D 98 19.85 -32.93 -22.37
N VAL D 99 19.01 -32.43 -21.48
CA VAL D 99 19.38 -31.39 -20.52
C VAL D 99 18.91 -31.82 -19.14
N GLY D 100 19.84 -31.90 -18.19
CA GLY D 100 19.52 -32.30 -16.82
C GLY D 100 19.48 -31.13 -15.85
N VAL D 101 18.72 -31.28 -14.78
CA VAL D 101 18.39 -30.17 -13.88
C VAL D 101 18.50 -30.63 -12.43
N ASP D 102 19.00 -29.76 -11.54
CA ASP D 102 18.80 -29.94 -10.11
C ASP D 102 18.70 -28.59 -9.41
N VAL D 103 18.21 -28.60 -8.18
CA VAL D 103 17.68 -27.40 -7.53
C VAL D 103 18.00 -27.42 -6.03
N GLN D 104 18.26 -26.23 -5.46
CA GLN D 104 18.33 -26.05 -4.01
C GLN D 104 17.43 -24.90 -3.61
N VAL D 105 16.50 -25.13 -2.67
CA VAL D 105 15.60 -24.04 -2.25
C VAL D 105 16.28 -23.24 -1.14
N GLU D 106 16.41 -21.92 -1.34
CA GLU D 106 16.92 -21.08 -0.25
C GLU D 106 15.85 -20.64 0.74
N SER D 107 14.69 -20.14 0.29
CA SER D 107 13.66 -19.69 1.23
C SER D 107 12.27 -19.75 0.62
N LEU D 108 11.27 -19.95 1.50
CA LEU D 108 9.86 -19.78 1.14
C LEU D 108 9.37 -18.50 1.81
N ASP D 109 9.06 -17.49 1.00
CA ASP D 109 9.10 -16.10 1.47
C ASP D 109 7.78 -15.58 2.02
N SER D 110 6.65 -15.88 1.38
CA SER D 110 5.37 -15.38 1.90
C SER D 110 4.23 -16.13 1.20
N ILE D 111 3.03 -15.99 1.77
CA ILE D 111 1.82 -16.67 1.28
C ILE D 111 0.64 -15.73 1.45
N SER D 112 -0.29 -15.73 0.48
CA SER D 112 -1.47 -14.87 0.53
C SER D 112 -2.72 -15.69 0.26
N GLU D 113 -3.71 -15.57 1.13
CA GLU D 113 -5.00 -16.20 0.86
C GLU D 113 -5.87 -15.33 -0.04
N VAL D 114 -5.77 -14.02 0.09
CA VAL D 114 -6.53 -13.07 -0.69
C VAL D 114 -6.10 -13.15 -2.14
N ASP D 115 -4.81 -13.36 -2.39
CA ASP D 115 -4.36 -13.45 -3.77
C ASP D 115 -4.16 -14.87 -4.28
N MET D 116 -4.15 -15.85 -3.37
CA MET D 116 -3.90 -17.26 -3.65
C MET D 116 -2.58 -17.49 -4.40
N ASP D 117 -1.47 -17.19 -3.72
CA ASP D 117 -0.15 -17.37 -4.31
C ASP D 117 0.91 -17.47 -3.22
N PHE D 118 2.10 -17.95 -3.62
CA PHE D 118 3.28 -17.92 -2.76
C PHE D 118 4.50 -17.43 -3.51
N THR D 119 5.52 -17.06 -2.74
CA THR D 119 6.82 -16.63 -3.23
C THR D 119 7.96 -17.51 -2.74
N MET D 120 8.90 -17.83 -3.65
CA MET D 120 10.03 -18.72 -3.36
C MET D 120 11.32 -18.19 -4.00
N THR D 121 12.45 -18.40 -3.32
CA THR D 121 13.79 -18.07 -3.82
C THR D 121 14.64 -19.34 -3.87
N LEU D 122 15.35 -19.55 -4.98
CA LEU D 122 16.09 -20.81 -5.16
C LEU D 122 17.28 -20.61 -6.09
N TYR D 123 18.17 -21.62 -6.08
CA TYR D 123 19.27 -21.80 -7.01
C TYR D 123 18.90 -22.89 -8.01
N LEU D 124 19.13 -22.62 -9.30
CA LEU D 124 18.72 -23.52 -10.39
C LEU D 124 19.90 -23.82 -11.29
N ARG D 125 20.10 -25.10 -11.64
CA ARG D 125 21.31 -25.57 -12.33
C ARG D 125 20.99 -26.41 -13.56
N HIS D 126 21.84 -26.32 -14.59
CA HIS D 126 21.64 -27.00 -15.87
C HIS D 126 22.91 -27.73 -16.30
N TYR D 127 22.75 -28.86 -17.00
CA TYR D 127 23.86 -29.70 -17.43
C TYR D 127 23.68 -30.16 -18.87
N TRP D 128 24.67 -29.92 -19.73
CA TRP D 128 24.64 -30.43 -21.11
C TRP D 128 26.04 -30.43 -21.70
N LYS D 129 26.17 -31.02 -22.89
CA LYS D 129 27.43 -31.09 -23.62
C LYS D 129 27.33 -30.38 -24.97
N ASP D 130 28.35 -29.59 -25.31
CA ASP D 130 28.45 -28.93 -26.61
C ASP D 130 29.92 -28.95 -27.03
N GLU D 131 30.24 -29.68 -28.10
CA GLU D 131 31.63 -29.84 -28.54
C GLU D 131 32.21 -28.59 -29.19
N ARG D 132 31.38 -27.57 -29.46
CA ARG D 132 31.93 -26.31 -29.97
C ARG D 132 32.68 -25.54 -28.90
N LEU D 133 32.59 -25.97 -27.64
CA LEU D 133 33.21 -25.33 -26.48
C LEU D 133 34.34 -26.16 -25.91
N SER D 134 34.88 -27.09 -26.68
CA SER D 134 36.03 -27.89 -26.27
C SER D 134 37.32 -27.07 -26.32
N PHE D 135 38.27 -27.44 -25.47
CA PHE D 135 39.57 -26.76 -25.40
C PHE D 135 40.62 -27.74 -24.88
N PRO D 136 41.89 -27.54 -25.25
CA PRO D 136 42.94 -28.48 -24.85
C PRO D 136 43.53 -28.16 -23.48
N SER D 137 43.88 -29.22 -22.75
CA SER D 137 44.55 -29.12 -21.47
C SER D 137 45.11 -30.48 -21.12
N THR D 138 46.03 -30.51 -20.16
CA THR D 138 46.64 -31.74 -19.69
C THR D 138 46.06 -32.23 -18.38
N ASN D 139 45.18 -31.46 -17.75
CA ASN D 139 44.76 -31.77 -16.40
C ASN D 139 43.39 -32.42 -16.35
N ASN D 140 42.58 -32.24 -17.38
CA ASN D 140 41.27 -32.89 -17.49
C ASN D 140 40.32 -32.36 -16.44
N LEU D 141 40.53 -31.13 -15.97
CA LEU D 141 39.71 -30.54 -14.92
C LEU D 141 38.79 -29.46 -15.48
N SER D 142 37.77 -29.14 -14.69
CA SER D 142 36.79 -28.07 -14.94
C SER D 142 37.34 -26.68 -14.64
N MET D 143 36.95 -25.73 -15.51
CA MET D 143 37.38 -24.34 -15.35
C MET D 143 36.21 -23.36 -15.27
N THR D 144 36.36 -22.29 -14.51
CA THR D 144 35.34 -21.27 -14.31
C THR D 144 35.65 -20.03 -15.14
N PHE D 145 34.62 -19.44 -15.73
CA PHE D 145 34.76 -18.30 -16.62
C PHE D 145 33.90 -17.15 -16.11
N ASP D 146 34.36 -15.93 -16.42
CA ASP D 146 33.72 -14.71 -15.89
C ASP D 146 32.22 -14.67 -15.76
N GLY D 147 31.52 -14.92 -16.85
CA GLY D 147 30.08 -14.77 -16.83
C GLY D 147 29.51 -13.87 -17.91
N ARG D 148 30.33 -13.00 -18.52
CA ARG D 148 29.90 -12.21 -19.66
C ARG D 148 29.89 -13.01 -20.96
N LEU D 149 30.36 -14.26 -20.93
CA LEU D 149 30.29 -15.12 -22.10
C LEU D 149 28.94 -15.80 -22.26
N VAL D 150 28.09 -15.77 -21.24
CA VAL D 150 26.79 -16.44 -21.31
C VAL D 150 25.94 -15.85 -22.43
N LYS D 151 26.14 -14.59 -22.77
CA LYS D 151 25.35 -13.97 -23.82
C LYS D 151 25.93 -14.16 -25.20
N LYS D 152 27.04 -14.88 -25.34
CA LYS D 152 27.60 -15.22 -26.65
C LYS D 152 27.31 -16.65 -27.09
N ILE D 153 27.28 -17.59 -26.15
CA ILE D 153 27.07 -19.01 -26.46
C ILE D 153 25.59 -19.35 -26.45
N TRP D 154 25.27 -20.59 -26.79
CA TRP D 154 23.91 -21.10 -26.69
C TRP D 154 23.61 -21.62 -25.29
N VAL D 155 22.38 -21.38 -24.84
CA VAL D 155 21.94 -21.73 -23.48
C VAL D 155 20.45 -22.14 -23.49
N PRO D 156 20.06 -23.15 -22.71
CA PRO D 156 18.65 -23.57 -22.66
C PRO D 156 17.71 -22.48 -22.16
N ASP D 157 16.40 -22.67 -22.41
CA ASP D 157 15.40 -21.60 -22.26
C ASP D 157 14.25 -21.90 -21.29
N MET D 158 14.54 -22.15 -20.03
CA MET D 158 13.51 -22.62 -19.11
C MET D 158 12.66 -21.45 -18.60
N PHE D 159 11.37 -21.72 -18.37
CA PHE D 159 10.49 -20.71 -17.76
C PHE D 159 9.61 -21.39 -16.71
N PHE D 160 9.07 -20.59 -15.80
CA PHE D 160 8.21 -21.10 -14.74
C PHE D 160 6.74 -20.96 -15.16
N VAL D 161 6.04 -22.08 -15.22
CA VAL D 161 4.68 -22.12 -15.74
C VAL D 161 3.68 -21.69 -14.66
N HIS D 162 2.68 -20.91 -15.09
CA HIS D 162 1.60 -20.40 -14.23
C HIS D 162 2.11 -19.43 -13.18
N SER D 163 3.19 -18.71 -13.49
CA SER D 163 3.80 -17.80 -12.54
C SER D 163 3.29 -16.37 -12.76
N LYS D 164 3.25 -15.60 -11.69
CA LYS D 164 2.80 -14.21 -11.75
C LYS D 164 3.94 -13.24 -12.08
N ARG D 165 5.09 -13.38 -11.42
CA ARG D 165 6.26 -12.55 -11.71
C ARG D 165 7.51 -13.24 -11.15
N SER D 166 8.68 -12.82 -11.65
CA SER D 166 9.98 -13.36 -11.25
C SER D 166 11.08 -12.39 -11.68
N PHE D 167 12.24 -12.50 -11.03
CA PHE D 167 13.45 -11.83 -11.52
C PHE D 167 14.71 -12.61 -11.13
N ILE D 168 15.82 -12.25 -11.80
CA ILE D 168 17.17 -12.72 -11.49
C ILE D 168 17.90 -11.61 -10.76
N HIS D 169 18.68 -11.98 -9.74
CA HIS D 169 19.37 -11.06 -8.86
C HIS D 169 20.59 -10.46 -9.58
N ASP D 170 20.90 -9.19 -9.31
CA ASP D 170 21.97 -8.57 -10.07
C ASP D 170 22.83 -7.60 -9.25
N THR D 171 23.07 -7.88 -7.98
CA THR D 171 23.98 -7.07 -7.18
C THR D 171 24.98 -8.00 -6.48
N THR D 172 26.28 -7.73 -6.62
CA THR D 172 26.90 -6.57 -7.28
C THR D 172 27.01 -6.70 -8.80
N THR D 173 26.78 -7.92 -9.29
CA THR D 173 26.73 -8.25 -10.70
C THR D 173 25.64 -9.31 -10.86
N ASP D 174 25.40 -9.74 -12.09
CA ASP D 174 24.48 -10.85 -12.33
C ASP D 174 24.93 -12.09 -11.56
N ASN D 175 24.00 -12.68 -10.82
CA ASN D 175 24.30 -13.88 -10.01
C ASN D 175 24.20 -15.12 -10.90
N VAL D 176 25.27 -15.33 -11.69
CA VAL D 176 25.32 -16.34 -12.75
C VAL D 176 26.68 -17.02 -12.71
N MET D 177 26.72 -18.30 -13.05
CA MET D 177 27.97 -19.05 -12.98
C MET D 177 28.06 -19.97 -14.21
N LEU D 178 29.26 -20.09 -14.77
CA LEU D 178 29.49 -20.91 -15.95
C LEU D 178 30.80 -21.67 -15.80
N ARG D 179 30.74 -23.00 -15.87
CA ARG D 179 31.90 -23.88 -15.77
C ARG D 179 31.92 -24.84 -16.95
N VAL D 180 33.10 -25.05 -17.53
CA VAL D 180 33.27 -25.88 -18.71
C VAL D 180 34.47 -26.81 -18.54
N GLN D 181 34.32 -28.07 -19.00
CA GLN D 181 35.26 -29.18 -19.10
C GLN D 181 35.89 -29.26 -20.49
N PRO D 182 37.13 -29.75 -20.60
CA PRO D 182 37.83 -29.78 -21.91
C PRO D 182 37.14 -30.55 -23.02
N ASP D 183 36.21 -31.44 -22.70
CA ASP D 183 35.45 -32.14 -23.72
C ASP D 183 34.15 -31.44 -24.07
N GLY D 184 33.87 -30.29 -23.49
CA GLY D 184 32.70 -29.53 -23.85
C GLY D 184 31.50 -29.73 -22.95
N LYS D 185 31.66 -30.43 -21.81
CA LYS D 185 30.57 -30.52 -20.84
C LYS D 185 30.44 -29.19 -20.11
N VAL D 186 29.19 -28.77 -19.89
CA VAL D 186 28.90 -27.44 -19.37
C VAL D 186 28.03 -27.53 -18.13
N LEU D 187 28.33 -26.69 -17.14
CA LEU D 187 27.50 -26.47 -15.97
C LEU D 187 27.11 -24.99 -15.87
N TYR D 188 25.82 -24.72 -15.69
CA TYR D 188 25.26 -23.36 -15.74
C TYR D 188 24.36 -23.15 -14.52
N SER D 189 24.54 -22.06 -13.77
CA SER D 189 23.72 -21.84 -12.57
C SER D 189 23.29 -20.38 -12.41
N LEU D 190 22.10 -20.20 -11.81
CA LEU D 190 21.57 -18.86 -11.56
C LEU D 190 20.65 -18.82 -10.31
N ARG D 191 20.54 -17.64 -9.70
CA ARG D 191 19.71 -17.43 -8.49
C ARG D 191 18.48 -16.62 -8.85
N VAL D 192 17.28 -17.02 -8.41
CA VAL D 192 16.03 -16.41 -8.86
C VAL D 192 15.00 -16.42 -7.74
N THR D 193 14.04 -15.49 -7.86
CA THR D 193 12.86 -15.38 -7.01
C THR D 193 11.59 -15.45 -7.87
N VAL D 194 10.61 -16.24 -7.45
CA VAL D 194 9.38 -16.48 -8.22
C VAL D 194 8.16 -16.34 -7.31
N THR D 195 7.06 -15.83 -7.88
CA THR D 195 5.74 -15.81 -7.28
C THR D 195 4.76 -16.60 -8.15
N ALA D 196 4.06 -17.56 -7.56
CA ALA D 196 3.37 -18.58 -8.32
C ALA D 196 1.96 -18.82 -7.79
N MET D 197 1.09 -19.29 -8.68
CA MET D 197 -0.32 -19.51 -8.40
C MET D 197 -0.56 -20.76 -7.56
N CYS D 198 -1.52 -20.70 -6.65
CA CYS D 198 -1.88 -21.85 -5.81
C CYS D 198 -3.34 -21.75 -5.41
N ASN D 199 -4.15 -22.73 -5.85
CA ASN D 199 -5.58 -22.75 -5.55
C ASN D 199 -5.82 -23.33 -4.16
N MET D 200 -6.62 -22.64 -3.35
CA MET D 200 -6.79 -22.97 -1.94
C MET D 200 -8.25 -23.23 -1.59
N ASP D 201 -8.44 -24.19 -0.68
CA ASP D 201 -9.75 -24.60 -0.15
C ASP D 201 -9.84 -24.21 1.32
N PHE D 202 -10.85 -23.39 1.65
CA PHE D 202 -11.06 -22.87 3.00
C PHE D 202 -12.31 -23.43 3.68
N SER D 203 -12.80 -24.59 3.28
CA SER D 203 -13.95 -25.15 3.98
C SER D 203 -13.67 -25.60 5.42
N ARG D 204 -12.44 -25.96 5.76
CA ARG D 204 -12.10 -26.32 7.14
C ARG D 204 -11.25 -25.26 7.81
N PHE D 205 -11.29 -24.03 7.32
CA PHE D 205 -10.46 -22.98 7.85
C PHE D 205 -10.95 -22.62 9.25
N PRO D 206 -10.00 -22.47 10.24
CA PRO D 206 -8.55 -22.43 10.01
C PRO D 206 -7.81 -23.72 10.32
N LEU D 207 -8.55 -24.82 10.42
CA LEU D 207 -7.93 -26.13 10.67
C LEU D 207 -7.63 -26.85 9.36
N ASP D 208 -7.01 -26.15 8.42
CA ASP D 208 -6.94 -26.62 7.04
C ASP D 208 -5.53 -27.04 6.67
N THR D 209 -5.44 -27.80 5.57
CA THR D 209 -4.15 -28.24 5.03
C THR D 209 -4.11 -27.91 3.54
N GLN D 210 -2.99 -27.37 3.07
CA GLN D 210 -2.89 -27.02 1.65
C GLN D 210 -1.69 -27.69 1.00
N THR D 211 -1.78 -27.95 -0.32
CA THR D 211 -0.68 -28.52 -1.09
C THR D 211 -0.35 -27.64 -2.30
N CYS D 212 0.94 -27.49 -2.60
CA CYS D 212 1.42 -26.53 -3.59
C CYS D 212 2.45 -27.16 -4.52
N SER D 213 2.70 -26.52 -5.67
CA SER D 213 3.75 -26.98 -6.59
C SER D 213 4.27 -25.84 -7.46
N LEU D 214 5.51 -26.01 -7.93
CA LEU D 214 6.18 -25.09 -8.83
C LEU D 214 6.56 -25.85 -10.10
N GLU D 215 6.25 -25.26 -11.26
CA GLU D 215 6.30 -25.94 -12.56
C GLU D 215 7.42 -25.36 -13.42
N ILE D 216 8.14 -26.24 -14.14
CA ILE D 216 9.31 -25.85 -14.92
C ILE D 216 9.21 -26.47 -16.31
N GLU D 217 9.47 -25.66 -17.34
CA GLU D 217 9.29 -26.12 -18.71
C GLU D 217 10.09 -25.25 -19.67
N SER D 218 10.37 -25.81 -20.85
CA SER D 218 11.09 -25.11 -21.92
C SER D 218 10.10 -24.36 -22.80
N TYR D 219 10.46 -23.13 -23.22
CA TYR D 219 9.49 -22.31 -23.93
C TYR D 219 9.43 -22.68 -25.42
N ALA D 220 10.57 -22.83 -26.07
CA ALA D 220 10.57 -22.84 -27.53
C ALA D 220 10.70 -24.24 -28.15
N TYR D 221 11.23 -25.22 -27.42
CA TYR D 221 11.67 -26.50 -28.00
C TYR D 221 10.74 -27.61 -27.52
N THR D 222 10.22 -28.42 -28.44
CA THR D 222 9.38 -29.56 -28.10
C THR D 222 10.25 -30.78 -27.79
N GLU D 223 9.60 -31.84 -27.29
CA GLU D 223 10.32 -33.06 -26.96
C GLU D 223 11.01 -33.69 -28.16
N ASP D 224 10.75 -33.19 -29.38
CA ASP D 224 11.51 -33.70 -30.52
C ASP D 224 12.87 -33.02 -30.66
N ASP D 225 13.09 -31.92 -29.95
CA ASP D 225 14.34 -31.18 -30.03
C ASP D 225 15.07 -31.05 -28.70
N LEU D 226 14.38 -31.08 -27.56
CA LEU D 226 15.04 -31.00 -26.27
C LEU D 226 14.38 -31.98 -25.31
N MET D 227 15.19 -32.68 -24.52
CA MET D 227 14.74 -33.67 -23.56
C MET D 227 15.15 -33.22 -22.17
N LEU D 228 14.17 -33.03 -21.28
CA LEU D 228 14.39 -32.42 -19.97
C LEU D 228 14.09 -33.42 -18.86
N TYR D 229 15.03 -33.57 -17.93
CA TYR D 229 14.89 -34.57 -16.87
C TYR D 229 15.62 -34.11 -15.60
N TRP D 230 15.19 -34.66 -14.46
CA TRP D 230 15.92 -34.50 -13.20
C TRP D 230 17.26 -35.22 -13.26
N LYS D 231 18.33 -34.50 -12.96
CA LYS D 231 19.68 -35.07 -13.07
C LYS D 231 19.90 -36.33 -12.25
N LYS D 232 19.61 -36.27 -10.96
CA LYS D 232 19.92 -37.41 -10.08
C LYS D 232 18.65 -38.08 -9.55
N GLY D 233 17.56 -38.06 -10.30
CA GLY D 233 16.42 -38.79 -9.76
C GLY D 233 15.83 -38.01 -8.59
N ASN D 234 15.44 -38.74 -7.53
CA ASN D 234 14.83 -38.09 -6.37
C ASN D 234 15.82 -37.26 -5.55
N ASP D 235 17.11 -37.50 -5.71
CA ASP D 235 18.17 -36.76 -5.01
C ASP D 235 18.43 -35.38 -5.60
N SER D 236 17.61 -34.90 -6.52
CA SER D 236 17.87 -33.67 -7.27
C SER D 236 17.40 -32.40 -6.57
N LEU D 237 16.92 -32.50 -5.35
CA LEU D 237 16.23 -31.41 -4.66
C LEU D 237 16.77 -31.33 -3.24
N LYS D 238 17.36 -30.19 -2.90
CA LYS D 238 17.88 -29.94 -1.58
C LYS D 238 17.16 -28.74 -0.99
N THR D 239 17.19 -28.63 0.33
CA THR D 239 16.46 -27.58 1.03
C THR D 239 17.30 -26.99 2.14
N ASP D 240 17.27 -25.66 2.25
CA ASP D 240 18.03 -24.96 3.27
C ASP D 240 17.46 -25.25 4.66
N GLU D 241 18.34 -25.49 5.62
CA GLU D 241 17.89 -25.80 6.99
C GLU D 241 17.26 -24.60 7.70
N ARG D 242 17.38 -23.39 7.17
CA ARG D 242 16.85 -22.18 7.77
C ARG D 242 15.39 -21.89 7.42
N ILE D 243 14.77 -22.71 6.58
CA ILE D 243 13.45 -22.39 6.01
C ILE D 243 12.36 -22.50 7.07
N SER D 244 11.51 -21.47 7.15
CA SER D 244 10.53 -21.37 8.21
C SER D 244 9.41 -20.41 7.82
N LEU D 245 8.21 -20.66 8.34
CA LEU D 245 7.10 -19.72 8.26
C LEU D 245 6.45 -19.60 9.64
N SER D 246 6.06 -18.37 10.02
CA SER D 246 5.53 -18.16 11.37
C SER D 246 4.16 -18.78 11.57
N GLN D 247 3.41 -19.04 10.49
CA GLN D 247 2.03 -19.48 10.60
C GLN D 247 1.81 -20.92 10.13
N PHE D 248 2.80 -21.55 9.50
CA PHE D 248 2.62 -22.87 8.92
C PHE D 248 3.75 -23.82 9.29
N LEU D 249 3.40 -25.10 9.38
CA LEU D 249 4.36 -26.20 9.36
C LEU D 249 4.53 -26.68 7.93
N ILE D 250 5.79 -26.83 7.50
CA ILE D 250 6.12 -27.18 6.12
C ILE D 250 6.59 -28.63 6.09
N GLN D 251 6.09 -29.40 5.13
CA GLN D 251 6.39 -30.82 5.09
C GLN D 251 6.27 -31.35 3.66
N GLU D 252 6.91 -32.49 3.42
CA GLU D 252 6.65 -33.38 2.27
C GLU D 252 7.12 -32.80 0.93
N PHE D 253 8.38 -32.33 0.89
CA PHE D 253 8.99 -31.89 -0.35
C PHE D 253 9.32 -33.08 -1.27
N HIS D 254 8.89 -33.01 -2.54
CA HIS D 254 9.27 -34.06 -3.49
C HIS D 254 9.00 -33.62 -4.92
N THR D 255 9.52 -34.41 -5.88
CA THR D 255 9.59 -34.04 -7.30
C THR D 255 8.89 -35.05 -8.21
N THR D 256 8.23 -34.55 -9.27
CA THR D 256 7.57 -35.42 -10.26
C THR D 256 7.75 -34.89 -11.68
N THR D 257 7.28 -35.67 -12.66
CA THR D 257 7.36 -35.32 -14.08
C THR D 257 6.06 -35.64 -14.81
N LYS D 258 5.74 -34.86 -15.85
CA LYS D 258 4.55 -35.10 -16.66
C LYS D 258 4.73 -34.44 -18.03
N LEU D 259 4.02 -34.99 -19.03
CA LEU D 259 4.02 -34.46 -20.40
C LEU D 259 2.84 -33.52 -20.61
N ALA D 260 3.07 -32.43 -21.37
CA ALA D 260 2.05 -31.42 -21.60
C ALA D 260 1.89 -31.12 -23.08
N PHE D 261 0.67 -30.72 -23.45
CA PHE D 261 0.27 -30.53 -24.84
C PHE D 261 -0.33 -29.14 -25.05
N TYR D 262 0.11 -28.45 -26.09
CA TYR D 262 -0.52 -27.21 -26.54
C TYR D 262 -0.98 -27.42 -27.98
N SER D 263 -2.20 -26.99 -28.29
CA SER D 263 -2.85 -27.35 -29.55
C SER D 263 -2.08 -26.84 -30.76
N SER D 264 -1.53 -25.65 -30.64
CA SER D 264 -0.94 -24.94 -31.78
C SER D 264 0.53 -25.28 -31.97
N THR D 265 1.20 -25.87 -30.96
CA THR D 265 2.66 -25.93 -30.97
C THR D 265 3.28 -27.27 -30.56
N GLY D 266 2.58 -28.16 -29.83
CA GLY D 266 3.11 -29.50 -29.68
C GLY D 266 3.25 -29.96 -28.25
N TRP D 267 4.14 -30.93 -28.05
CA TRP D 267 4.29 -31.68 -26.81
C TRP D 267 5.56 -31.27 -26.06
N TYR D 268 5.48 -31.18 -24.73
CA TYR D 268 6.59 -30.69 -23.92
C TYR D 268 6.74 -31.50 -22.64
N ASN D 269 7.98 -31.58 -22.12
CA ASN D 269 8.26 -32.16 -20.81
C ASN D 269 8.14 -31.10 -19.72
N ARG D 270 7.56 -31.49 -18.58
CA ARG D 270 7.31 -30.56 -17.47
C ARG D 270 7.76 -31.18 -16.15
N LEU D 271 8.50 -30.41 -15.34
CA LEU D 271 8.99 -30.90 -14.06
C LEU D 271 8.25 -30.20 -12.92
N TYR D 272 8.06 -30.92 -11.80
CA TYR D 272 7.26 -30.45 -10.68
C TYR D 272 8.09 -30.51 -9.39
N ILE D 273 7.86 -29.53 -8.52
CA ILE D 273 8.32 -29.50 -7.14
C ILE D 273 7.08 -29.34 -6.24
N ASN D 274 6.88 -30.29 -5.33
CA ASN D 274 5.64 -30.37 -4.54
C ASN D 274 5.93 -30.23 -3.05
N PHE D 275 4.97 -29.64 -2.31
CA PHE D 275 5.09 -29.55 -0.85
C PHE D 275 3.73 -29.30 -0.22
N THR D 276 3.68 -29.48 1.11
CA THR D 276 2.46 -29.43 1.92
C THR D 276 2.62 -28.44 3.08
N LEU D 277 1.52 -27.80 3.45
CA LEU D 277 1.49 -26.81 4.52
C LEU D 277 0.38 -27.12 5.52
N ARG D 278 0.66 -26.92 6.82
CA ARG D 278 -0.33 -27.09 7.89
C ARG D 278 -0.32 -25.88 8.82
N ARG D 279 -1.52 -25.36 9.11
CA ARG D 279 -1.70 -24.07 9.79
C ARG D 279 -1.64 -24.25 11.31
N HIS D 280 -1.06 -23.28 12.03
CA HIS D 280 -1.11 -23.36 13.50
C HIS D 280 -2.39 -22.70 13.99
N ILE D 281 -3.05 -23.32 14.97
CA ILE D 281 -4.37 -22.86 15.38
C ILE D 281 -4.37 -21.96 16.61
N PHE D 282 -3.25 -21.85 17.33
CA PHE D 282 -3.24 -21.16 18.62
C PHE D 282 -3.73 -19.72 18.54
N PHE D 283 -3.40 -19.06 17.41
CA PHE D 283 -3.74 -17.65 17.28
C PHE D 283 -5.25 -17.49 17.25
N PHE D 284 -5.92 -18.42 16.59
CA PHE D 284 -7.35 -18.34 16.36
C PHE D 284 -8.14 -18.76 17.58
N LEU D 285 -7.68 -19.79 18.30
CA LEU D 285 -8.24 -20.07 19.61
C LEU D 285 -8.35 -18.77 20.38
N LEU D 286 -7.17 -18.18 20.64
CA LEU D 286 -7.08 -17.07 21.59
C LEU D 286 -7.74 -15.80 21.07
N GLN D 287 -7.84 -15.65 19.76
CA GLN D 287 -8.33 -14.40 19.20
C GLN D 287 -9.78 -14.45 18.74
N THR D 288 -10.36 -15.64 18.58
CA THR D 288 -11.73 -15.76 18.12
C THR D 288 -12.61 -16.68 18.98
N TYR D 289 -12.11 -17.88 19.30
CA TYR D 289 -13.02 -18.87 19.88
C TYR D 289 -13.25 -18.62 21.36
N PHE D 290 -12.25 -18.10 22.07
CA PHE D 290 -12.41 -17.82 23.49
C PHE D 290 -13.38 -16.68 23.75
N PRO D 291 -13.22 -15.51 23.12
CA PRO D 291 -14.14 -14.38 23.42
C PRO D 291 -15.59 -14.66 23.09
N ALA D 292 -15.86 -15.42 22.01
CA ALA D 292 -17.24 -15.78 21.70
C ALA D 292 -17.86 -16.64 22.81
N THR D 293 -17.09 -17.62 23.30
CA THR D 293 -17.51 -18.42 24.45
C THR D 293 -17.78 -17.56 25.68
N LEU D 294 -16.95 -16.55 25.92
CA LEU D 294 -17.14 -15.72 27.10
C LEU D 294 -18.40 -14.87 26.98
N MET D 295 -18.72 -14.40 25.78
CA MET D 295 -19.99 -13.70 25.58
C MET D 295 -21.18 -14.61 25.87
N VAL D 296 -21.12 -15.85 25.37
CA VAL D 296 -22.20 -16.80 25.68
C VAL D 296 -22.31 -17.00 27.18
N MET D 297 -21.17 -17.15 27.87
CA MET D 297 -21.29 -17.36 29.31
C MET D 297 -21.80 -16.12 30.04
N LEU D 298 -21.52 -14.92 29.52
CA LEU D 298 -22.08 -13.72 30.12
C LEU D 298 -23.60 -13.70 30.01
N SER D 299 -24.15 -14.17 28.88
CA SER D 299 -25.61 -14.10 28.71
C SER D 299 -26.37 -14.96 29.73
N TRP D 300 -25.72 -15.96 30.31
CA TRP D 300 -26.34 -16.89 31.25
C TRP D 300 -26.56 -16.24 32.61
N VAL D 301 -25.74 -15.24 32.95
CA VAL D 301 -25.84 -14.57 34.25
C VAL D 301 -27.24 -13.99 34.47
N SER D 302 -27.95 -13.68 33.39
CA SER D 302 -29.28 -13.08 33.50
C SER D 302 -30.24 -13.98 34.25
N PHE D 303 -30.13 -15.30 34.05
CA PHE D 303 -31.05 -16.23 34.69
C PHE D 303 -30.94 -16.22 36.20
N TRP D 304 -29.91 -15.56 36.76
CA TRP D 304 -29.66 -15.59 38.20
C TRP D 304 -30.08 -14.31 38.92
N ILE D 305 -30.81 -13.42 38.23
CA ILE D 305 -31.11 -12.07 38.68
C ILE D 305 -32.62 -11.88 38.79
N ASP D 306 -33.03 -11.15 39.83
CA ASP D 306 -34.44 -10.95 40.16
C ASP D 306 -35.21 -10.45 38.94
N ARG D 307 -36.33 -11.13 38.64
CA ARG D 307 -37.10 -10.81 37.44
C ARG D 307 -37.70 -9.42 37.49
N ARG D 308 -37.68 -8.78 38.65
CA ARG D 308 -38.24 -7.45 38.84
C ARG D 308 -37.30 -6.34 38.41
N ALA D 309 -36.02 -6.64 38.24
CA ALA D 309 -35.03 -5.64 37.86
C ALA D 309 -34.94 -5.57 36.34
N VAL D 310 -35.98 -4.94 35.77
CA VAL D 310 -36.11 -4.87 34.31
C VAL D 310 -34.97 -4.09 33.65
N PRO D 311 -34.64 -2.87 34.10
CA PRO D 311 -33.57 -2.12 33.44
C PRO D 311 -32.18 -2.71 33.68
N ALA D 312 -32.05 -3.78 34.45
CA ALA D 312 -30.79 -4.49 34.54
C ALA D 312 -30.74 -5.68 33.58
N ARG D 313 -31.81 -6.47 33.57
CA ARG D 313 -31.81 -7.71 32.80
C ARG D 313 -31.92 -7.46 31.29
N VAL D 314 -32.52 -6.34 30.88
CA VAL D 314 -32.66 -6.08 29.44
C VAL D 314 -31.33 -5.69 28.78
N PRO D 315 -30.63 -4.66 29.27
CA PRO D 315 -29.34 -4.30 28.64
C PRO D 315 -28.29 -5.39 28.72
N LEU D 316 -28.32 -6.21 29.78
CA LEU D 316 -27.34 -7.29 29.90
C LEU D 316 -27.39 -8.22 28.70
N GLY D 317 -28.58 -8.43 28.15
CA GLY D 317 -28.69 -9.31 27.00
C GLY D 317 -28.37 -8.57 25.72
N ILE D 318 -28.89 -7.34 25.61
CA ILE D 318 -28.70 -6.60 24.37
C ILE D 318 -27.22 -6.35 24.09
N THR D 319 -26.45 -6.02 25.12
CA THR D 319 -25.05 -5.67 24.90
C THR D 319 -24.24 -6.86 24.39
N THR D 320 -24.60 -8.08 24.83
CA THR D 320 -23.91 -9.26 24.38
C THR D 320 -24.24 -9.56 22.91
N VAL D 321 -25.51 -9.38 22.52
CA VAL D 321 -25.84 -9.50 21.10
C VAL D 321 -24.97 -8.55 20.27
N LEU D 322 -24.89 -7.30 20.72
CA LEU D 322 -24.20 -6.26 19.95
C LEU D 322 -22.68 -6.49 19.90
N THR D 323 -22.10 -7.05 20.95
CA THR D 323 -20.69 -7.45 20.89
C THR D 323 -20.45 -8.65 19.96
N MET D 324 -21.35 -9.64 19.96
CA MET D 324 -21.11 -10.82 19.15
C MET D 324 -21.11 -10.45 17.67
N SER D 325 -21.91 -9.45 17.31
CA SER D 325 -21.91 -8.95 15.94
C SER D 325 -20.52 -8.41 15.53
N THR D 326 -19.88 -7.64 16.42
CA THR D 326 -18.54 -7.13 16.13
C THR D 326 -17.53 -8.25 15.94
N ILE D 327 -17.60 -9.28 16.79
CA ILE D 327 -16.63 -10.38 16.60
C ILE D 327 -16.85 -11.02 15.24
N ILE D 328 -18.12 -11.27 14.89
CA ILE D 328 -18.41 -11.86 13.58
C ILE D 328 -17.84 -11.01 12.47
N THR D 329 -17.98 -9.69 12.57
CA THR D 329 -17.46 -8.85 11.50
C THR D 329 -15.94 -8.86 11.46
N GLY D 330 -15.29 -8.77 12.62
CA GLY D 330 -13.84 -8.70 12.65
C GLY D 330 -13.16 -9.93 12.07
N VAL D 331 -13.81 -11.10 12.15
CA VAL D 331 -13.18 -12.29 11.57
C VAL D 331 -13.21 -12.22 10.04
N ASN D 332 -14.39 -12.06 9.46
CA ASN D 332 -14.56 -12.23 8.03
C ASN D 332 -14.00 -11.09 7.21
N ALA D 333 -13.57 -10.00 7.83
CA ALA D 333 -13.02 -8.88 7.08
C ALA D 333 -11.61 -9.16 6.58
N SER D 334 -11.01 -10.29 6.96
CA SER D 334 -9.63 -10.58 6.62
C SER D 334 -9.48 -11.54 5.46
N MET D 335 -10.54 -12.25 5.07
CA MET D 335 -10.39 -13.38 4.16
C MET D 335 -10.97 -13.07 2.79
N PRO D 336 -10.70 -13.87 1.77
CA PRO D 336 -11.41 -13.72 0.49
C PRO D 336 -12.89 -14.06 0.60
N ARG D 337 -13.65 -13.44 -0.30
CA ARG D 337 -15.12 -13.52 -0.30
C ARG D 337 -15.59 -14.77 -1.04
N VAL D 338 -15.39 -15.91 -0.40
CA VAL D 338 -15.77 -17.18 -1.02
C VAL D 338 -17.27 -17.44 -1.04
N SER D 339 -17.68 -18.40 -1.84
CA SER D 339 -19.11 -18.66 -1.98
C SER D 339 -19.60 -19.79 -1.10
N TYR D 340 -18.84 -20.16 -0.08
CA TYR D 340 -19.23 -21.28 0.78
C TYR D 340 -18.85 -20.97 2.22
N ILE D 341 -19.48 -21.71 3.15
CA ILE D 341 -19.31 -21.47 4.58
C ILE D 341 -18.01 -22.08 5.09
N LYS D 342 -17.30 -21.36 5.97
CA LYS D 342 -16.08 -21.86 6.57
C LYS D 342 -16.36 -22.41 7.98
N ALA D 343 -15.41 -23.17 8.51
CA ALA D 343 -15.64 -23.85 9.79
C ALA D 343 -15.76 -22.89 10.95
N VAL D 344 -15.19 -21.68 10.82
CA VAL D 344 -15.24 -20.69 11.90
C VAL D 344 -16.57 -19.95 11.87
N ASP D 345 -17.16 -19.80 10.68
CA ASP D 345 -18.47 -19.17 10.53
C ASP D 345 -19.53 -19.95 11.29
N ILE D 346 -19.50 -21.27 11.22
CA ILE D 346 -20.48 -22.11 11.90
C ILE D 346 -20.48 -21.83 13.39
N TYR D 347 -19.28 -21.87 14.00
CA TYR D 347 -19.16 -21.65 15.43
C TYR D 347 -19.71 -20.27 15.81
N LEU D 348 -19.31 -19.24 15.06
CA LEU D 348 -19.73 -17.90 15.49
C LEU D 348 -21.24 -17.70 15.34
N TRP D 349 -21.85 -18.26 14.30
CA TRP D 349 -23.27 -17.96 14.09
C TRP D 349 -24.14 -18.78 15.04
N VAL D 350 -23.70 -19.99 15.40
CA VAL D 350 -24.36 -20.75 16.45
C VAL D 350 -24.28 -20.02 17.79
N SER D 351 -23.10 -19.48 18.14
CA SER D 351 -23.02 -18.70 19.37
C SER D 351 -23.96 -17.49 19.31
N PHE D 352 -24.09 -16.87 18.14
CA PHE D 352 -25.01 -15.74 18.00
C PHE D 352 -26.45 -16.14 18.33
N VAL D 353 -26.92 -17.27 17.80
CA VAL D 353 -28.31 -17.62 18.09
C VAL D 353 -28.47 -17.98 19.57
N PHE D 354 -27.45 -18.61 20.17
CA PHE D 354 -27.51 -18.87 21.61
C PHE D 354 -27.72 -17.58 22.39
N VAL D 355 -27.03 -16.50 22.01
CA VAL D 355 -27.17 -15.24 22.75
C VAL D 355 -28.50 -14.58 22.42
N PHE D 356 -28.92 -14.67 21.14
CA PHE D 356 -30.17 -14.04 20.72
C PHE D 356 -31.37 -14.60 21.48
N LEU D 357 -31.36 -15.89 21.75
CA LEU D 357 -32.50 -16.54 22.38
C LEU D 357 -32.72 -16.11 23.84
N SER D 358 -31.64 -15.77 24.55
CA SER D 358 -31.74 -15.35 25.93
C SER D 358 -32.49 -14.03 26.11
N VAL D 359 -32.63 -13.25 25.04
CA VAL D 359 -33.41 -12.01 25.10
C VAL D 359 -34.91 -12.32 24.98
N LEU D 360 -35.28 -13.18 24.04
CA LEU D 360 -36.66 -13.62 23.92
C LEU D 360 -37.14 -14.32 25.20
N GLU D 361 -36.25 -15.03 25.90
CA GLU D 361 -36.61 -15.69 27.16
C GLU D 361 -37.14 -14.71 28.18
N TYR D 362 -36.39 -13.66 28.48
CA TYR D 362 -36.82 -12.64 29.43
C TYR D 362 -38.04 -11.87 28.94
N ALA D 363 -38.13 -11.62 27.62
CA ALA D 363 -39.36 -11.00 27.12
C ALA D 363 -40.59 -11.82 27.49
N ALA D 364 -40.50 -13.15 27.32
CA ALA D 364 -41.58 -14.04 27.71
C ALA D 364 -41.88 -13.96 29.19
N VAL D 365 -40.84 -13.94 30.03
CA VAL D 365 -41.08 -13.89 31.46
C VAL D 365 -41.79 -12.58 31.84
N ASN D 366 -41.35 -11.47 31.25
CA ASN D 366 -41.98 -10.19 31.57
C ASN D 366 -43.45 -10.18 31.16
N TYR D 367 -43.77 -10.69 29.96
CA TYR D 367 -45.15 -10.69 29.50
C TYR D 367 -46.04 -11.56 30.40
N LEU D 368 -45.53 -12.73 30.78
CA LEU D 368 -46.35 -13.64 31.57
C LEU D 368 -46.59 -13.11 32.98
N THR D 369 -45.57 -12.44 33.54
CA THR D 369 -45.75 -11.76 34.81
C THR D 369 -46.80 -10.66 34.73
N THR D 370 -46.80 -9.87 33.64
CA THR D 370 -47.83 -8.85 33.49
C THR D 370 -49.23 -9.46 33.38
N VAL D 371 -49.36 -10.60 32.71
CA VAL D 371 -50.66 -11.28 32.64
C VAL D 371 -51.11 -11.71 34.04
N GLN D 372 -50.20 -12.26 34.84
CA GLN D 372 -50.53 -12.60 36.22
C GLN D 372 -50.97 -11.39 37.03
N GLU D 373 -50.30 -10.25 36.82
CA GLU D 373 -50.72 -9.03 37.51
C GLU D 373 -52.14 -8.64 37.11
N ARG D 374 -52.45 -8.74 35.81
CA ARG D 374 -53.78 -8.37 35.34
C ARG D 374 -54.85 -9.30 35.88
N LYS D 375 -54.47 -10.53 36.19
CA LYS D 375 -55.43 -11.49 36.74
C LYS D 375 -55.67 -11.24 38.21
N GLU D 376 -54.59 -10.89 38.93
CA GLU D 376 -54.72 -10.66 40.36
C GLU D 376 -55.44 -9.37 40.65
N GLN D 377 -55.45 -8.45 39.69
CA GLN D 377 -55.95 -7.11 39.95
C GLN D 377 -57.46 -7.09 39.81
N ASP D 451 -40.53 -15.03 44.24
CA ASP D 451 -40.33 -16.37 43.71
C ASP D 451 -39.64 -16.34 42.37
N THR D 452 -39.30 -17.52 41.88
CA THR D 452 -38.60 -17.68 40.63
C THR D 452 -39.53 -18.31 39.60
N HIS D 453 -39.57 -17.75 38.39
CA HIS D 453 -40.50 -18.29 37.41
C HIS D 453 -39.96 -19.61 36.86
N ALA D 454 -40.86 -20.50 36.46
CA ALA D 454 -40.47 -21.80 35.93
C ALA D 454 -39.53 -21.68 34.74
N ILE D 455 -39.69 -20.62 33.92
CA ILE D 455 -38.85 -20.43 32.75
C ILE D 455 -37.40 -20.18 33.17
N ASP D 456 -37.19 -19.31 34.16
CA ASP D 456 -35.85 -19.08 34.70
C ASP D 456 -35.27 -20.39 35.26
N LYS D 457 -36.07 -21.09 36.06
CA LYS D 457 -35.65 -22.31 36.72
C LYS D 457 -35.16 -23.35 35.73
N TYR D 458 -35.84 -23.46 34.59
CA TYR D 458 -35.44 -24.43 33.59
C TYR D 458 -34.29 -23.94 32.72
N SER D 459 -34.26 -22.64 32.40
CA SER D 459 -33.18 -22.10 31.57
C SER D 459 -31.83 -22.31 32.24
N ARG D 460 -31.77 -22.11 33.57
CA ARG D 460 -30.53 -22.31 34.32
C ARG D 460 -29.90 -23.67 34.09
N ILE D 461 -30.67 -24.67 33.66
CA ILE D 461 -30.11 -25.98 33.36
C ILE D 461 -29.95 -26.18 31.87
N ILE D 462 -30.92 -25.71 31.07
CA ILE D 462 -31.00 -26.13 29.67
C ILE D 462 -29.96 -25.41 28.82
N PHE D 463 -29.75 -24.11 29.01
CA PHE D 463 -28.83 -23.41 28.11
C PHE D 463 -27.40 -23.95 28.18
N PRO D 464 -26.78 -24.11 29.36
CA PRO D 464 -25.39 -24.59 29.38
C PRO D 464 -25.22 -26.01 28.84
N ALA D 465 -26.13 -26.93 29.18
CA ALA D 465 -26.08 -28.29 28.67
C ALA D 465 -26.08 -28.33 27.15
N ALA D 466 -26.97 -27.56 26.52
CA ALA D 466 -27.03 -27.48 25.07
C ALA D 466 -25.73 -26.95 24.47
N TYR D 467 -25.13 -25.92 25.09
CA TYR D 467 -23.88 -25.41 24.52
C TYR D 467 -22.76 -26.45 24.62
N ILE D 468 -22.73 -27.20 25.72
CA ILE D 468 -21.69 -28.21 25.90
C ILE D 468 -21.86 -29.35 24.88
N LEU D 469 -23.11 -29.76 24.63
CA LEU D 469 -23.38 -30.75 23.59
C LEU D 469 -22.91 -30.24 22.22
N PHE D 470 -23.18 -28.97 21.91
CA PHE D 470 -22.74 -28.43 20.63
C PHE D 470 -21.21 -28.48 20.49
N ASN D 471 -20.48 -28.12 21.56
CA ASN D 471 -19.02 -28.14 21.48
C ASN D 471 -18.48 -29.56 21.31
N LEU D 472 -19.07 -30.53 22.03
CA LEU D 472 -18.63 -31.91 21.82
C LEU D 472 -18.78 -32.32 20.37
N ILE D 473 -19.94 -32.03 19.76
CA ILE D 473 -20.14 -32.41 18.36
C ILE D 473 -19.15 -31.69 17.45
N TYR D 474 -18.98 -30.38 17.63
CA TYR D 474 -18.13 -29.59 16.74
C TYR D 474 -16.70 -30.11 16.75
N TRP D 475 -16.12 -30.30 17.94
CA TRP D 475 -14.73 -30.74 17.98
C TRP D 475 -14.60 -32.23 17.70
N SER D 476 -15.70 -32.98 17.68
CA SER D 476 -15.65 -34.31 17.09
C SER D 476 -15.57 -34.26 15.57
N ILE D 477 -16.20 -33.27 14.96
CA ILE D 477 -16.18 -33.21 13.50
C ILE D 477 -14.87 -32.62 12.99
N PHE D 478 -14.40 -31.54 13.58
CA PHE D 478 -13.21 -30.86 13.06
C PHE D 478 -11.93 -31.21 13.81
N SER D 479 -12.03 -32.02 14.86
CA SER D 479 -10.87 -32.65 15.52
C SER D 479 -9.77 -31.69 15.96
N LEU E 78 22.90 -19.81 -41.57
CA LEU E 78 21.86 -20.45 -42.35
C LEU E 78 20.92 -19.44 -43.00
N LEU E 79 20.33 -18.60 -42.16
CA LEU E 79 19.51 -17.45 -42.55
C LEU E 79 20.40 -16.29 -42.97
N ARG E 80 20.12 -15.74 -44.15
CA ARG E 80 20.91 -14.66 -44.75
C ARG E 80 20.51 -13.32 -44.14
N ILE E 81 21.01 -13.05 -42.94
CA ILE E 81 20.49 -11.89 -42.22
C ILE E 81 21.20 -10.61 -42.65
N ASP E 82 22.47 -10.70 -43.04
CA ASP E 82 23.29 -9.57 -43.43
C ASP E 82 22.96 -9.03 -44.81
N ASP E 83 21.99 -9.59 -45.53
CA ASP E 83 21.87 -9.31 -46.95
C ASP E 83 20.87 -8.21 -47.27
N HIS E 84 20.07 -7.82 -46.29
CA HIS E 84 18.77 -7.20 -46.50
C HIS E 84 18.58 -6.06 -45.49
N ASP E 85 17.68 -5.14 -45.86
CA ASP E 85 17.27 -3.99 -45.05
C ASP E 85 15.95 -4.30 -44.39
N PHE E 86 16.02 -4.77 -43.14
CA PHE E 86 14.83 -5.11 -42.35
C PHE E 86 14.16 -3.92 -41.69
N SER E 87 14.49 -2.67 -42.08
CA SER E 87 13.66 -1.54 -41.67
C SER E 87 12.41 -1.41 -42.51
N MET E 88 12.30 -2.17 -43.60
CA MET E 88 11.17 -2.10 -44.52
C MET E 88 10.38 -3.40 -44.47
N ARG E 89 9.06 -3.27 -44.53
CA ARG E 89 8.21 -4.44 -44.40
C ARG E 89 8.28 -5.29 -45.66
N PRO E 90 7.81 -6.54 -45.61
CA PRO E 90 7.66 -7.31 -46.85
C PRO E 90 6.56 -6.72 -47.74
N GLY E 91 6.89 -6.59 -49.03
CA GLY E 91 6.03 -5.93 -50.00
C GLY E 91 5.98 -4.42 -49.88
N PHE E 92 7.02 -3.81 -49.34
CA PHE E 92 7.10 -2.36 -49.15
C PHE E 92 6.91 -1.65 -50.48
N GLY E 93 5.99 -0.69 -50.53
CA GLY E 93 5.73 -0.05 -51.79
C GLY E 93 4.70 -0.74 -52.66
N GLY E 94 4.01 -1.75 -52.11
CA GLY E 94 3.07 -2.54 -52.86
C GLY E 94 1.88 -2.85 -51.97
N PRO E 95 1.12 -3.89 -52.31
CA PRO E 95 -0.08 -4.25 -51.54
C PRO E 95 0.24 -4.70 -50.11
N ALA E 96 -0.82 -4.68 -49.29
CA ALA E 96 -0.72 -4.92 -47.86
C ALA E 96 -0.32 -6.35 -47.55
N ILE E 97 0.36 -6.53 -46.41
CA ILE E 97 0.82 -7.84 -45.97
C ILE E 97 -0.23 -8.42 -45.03
N PRO E 98 -0.70 -9.69 -45.30
CA PRO E 98 -1.63 -10.23 -44.31
C PRO E 98 -0.96 -10.89 -43.12
N VAL E 99 -1.49 -10.68 -41.93
CA VAL E 99 -0.93 -11.20 -40.69
C VAL E 99 -2.07 -11.85 -39.90
N GLY E 100 -1.92 -13.13 -39.57
CA GLY E 100 -2.93 -13.87 -38.82
C GLY E 100 -2.54 -14.06 -37.36
N VAL E 101 -3.55 -14.22 -36.50
CA VAL E 101 -3.37 -14.19 -35.05
C VAL E 101 -4.18 -15.31 -34.39
N ASP E 102 -3.63 -15.94 -33.35
CA ASP E 102 -4.45 -16.74 -32.44
C ASP E 102 -3.86 -16.67 -31.03
N VAL E 103 -4.67 -17.08 -30.05
CA VAL E 103 -4.45 -16.72 -28.65
C VAL E 103 -4.85 -17.87 -27.74
N GLN E 104 -4.12 -18.05 -26.63
CA GLN E 104 -4.53 -18.93 -25.55
C GLN E 104 -4.47 -18.18 -24.22
N VAL E 105 -5.58 -18.14 -23.46
CA VAL E 105 -5.56 -17.42 -22.19
C VAL E 105 -5.05 -18.34 -21.09
N GLU E 106 -3.99 -17.89 -20.39
CA GLU E 106 -3.54 -18.67 -19.23
C GLU E 106 -4.30 -18.36 -17.94
N SER E 107 -4.51 -17.09 -17.58
CA SER E 107 -5.22 -16.79 -16.33
C SER E 107 -5.90 -15.42 -16.38
N LEU E 108 -6.99 -15.29 -15.63
CA LEU E 108 -7.62 -14.01 -15.35
C LEU E 108 -7.32 -13.67 -13.89
N ASP E 109 -6.53 -12.63 -13.67
CA ASP E 109 -5.75 -12.51 -12.45
C ASP E 109 -6.44 -11.73 -11.33
N SER E 110 -7.10 -10.61 -11.63
CA SER E 110 -7.76 -9.84 -10.58
C SER E 110 -8.71 -8.82 -11.22
N ILE E 111 -9.59 -8.26 -10.39
CA ILE E 111 -10.60 -7.29 -10.83
C ILE E 111 -10.78 -6.25 -9.74
N SER E 112 -10.97 -4.99 -10.14
CA SER E 112 -11.15 -3.89 -9.18
C SER E 112 -12.37 -3.07 -9.55
N GLU E 113 -13.26 -2.85 -8.58
CA GLU E 113 -14.38 -1.95 -8.82
C GLU E 113 -13.98 -0.48 -8.60
N VAL E 114 -13.08 -0.25 -7.65
CA VAL E 114 -12.61 1.09 -7.33
C VAL E 114 -11.82 1.65 -8.50
N ASP E 115 -11.06 0.80 -9.19
CA ASP E 115 -10.29 1.29 -10.32
C ASP E 115 -10.92 1.01 -11.68
N MET E 116 -11.93 0.15 -11.72
CA MET E 116 -12.62 -0.31 -12.92
C MET E 116 -11.64 -0.87 -13.97
N ASP E 117 -11.03 -2.00 -13.64
CA ASP E 117 -10.09 -2.64 -14.55
C ASP E 117 -9.93 -4.12 -14.18
N PHE E 118 -9.36 -4.88 -15.11
CA PHE E 118 -8.94 -6.26 -14.84
C PHE E 118 -7.54 -6.53 -15.39
N THR E 119 -6.97 -7.63 -14.91
CA THR E 119 -5.66 -8.13 -15.33
C THR E 119 -5.74 -9.54 -15.93
N MET E 120 -5.02 -9.77 -17.04
CA MET E 120 -5.02 -11.03 -17.75
C MET E 120 -3.61 -11.40 -18.22
N THR E 121 -3.32 -12.71 -18.22
CA THR E 121 -2.06 -13.28 -18.74
C THR E 121 -2.36 -14.25 -19.87
N LEU E 122 -1.62 -14.15 -20.98
CA LEU E 122 -1.93 -14.96 -22.15
C LEU E 122 -0.69 -15.20 -23.01
N TYR E 123 -0.83 -16.17 -23.93
CA TYR E 123 0.11 -16.45 -25.01
C TYR E 123 -0.45 -15.90 -26.31
N LEU E 124 0.37 -15.19 -27.08
CA LEU E 124 -0.06 -14.51 -28.30
C LEU E 124 0.84 -14.91 -29.47
N ARG E 125 0.24 -15.23 -30.63
CA ARG E 125 0.95 -15.84 -31.75
C ARG E 125 0.66 -15.10 -33.08
N HIS E 126 1.67 -15.06 -33.96
CA HIS E 126 1.60 -14.34 -35.24
C HIS E 126 2.06 -15.23 -36.38
N TYR E 127 1.47 -15.02 -37.57
CA TYR E 127 1.78 -15.83 -38.76
C TYR E 127 1.92 -14.95 -40.00
N TRP E 128 3.04 -15.07 -40.71
CA TRP E 128 3.22 -14.36 -41.97
C TRP E 128 4.33 -15.02 -42.79
N LYS E 129 4.48 -14.56 -44.04
CA LYS E 129 5.51 -15.05 -44.96
C LYS E 129 6.44 -13.92 -45.37
N ASP E 130 7.75 -14.21 -45.37
CA ASP E 130 8.79 -13.28 -45.84
C ASP E 130 9.86 -14.08 -46.57
N GLU E 131 9.98 -13.89 -47.88
CA GLU E 131 10.91 -14.67 -48.69
C GLU E 131 12.37 -14.31 -48.46
N ARG E 132 12.66 -13.23 -47.73
CA ARG E 132 14.05 -12.93 -47.39
C ARG E 132 14.61 -13.88 -46.37
N LEU E 133 13.77 -14.72 -45.77
CA LEU E 133 14.13 -15.68 -44.73
C LEU E 133 14.05 -17.11 -45.21
N SER E 134 14.07 -17.32 -46.53
CA SER E 134 14.09 -18.65 -47.12
C SER E 134 15.46 -19.30 -46.97
N PHE E 135 15.47 -20.64 -46.91
CA PHE E 135 16.70 -21.41 -46.80
C PHE E 135 16.50 -22.79 -47.41
N PRO E 136 17.57 -23.42 -47.89
CA PRO E 136 17.44 -24.72 -48.56
C PRO E 136 17.48 -25.90 -47.58
N SER E 137 16.69 -26.92 -47.89
CA SER E 137 16.68 -28.17 -47.14
C SER E 137 15.96 -29.21 -47.99
N THR E 138 16.15 -30.48 -47.61
CA THR E 138 15.50 -31.59 -48.30
C THR E 138 14.29 -32.12 -47.56
N ASN E 139 14.02 -31.63 -46.36
CA ASN E 139 13.01 -32.26 -45.52
C ASN E 139 11.70 -31.50 -45.52
N ASN E 140 11.73 -30.21 -45.88
CA ASN E 140 10.52 -29.40 -46.00
C ASN E 140 9.86 -29.19 -44.64
N LEU E 141 10.64 -29.25 -43.57
CA LEU E 141 10.10 -29.12 -42.22
C LEU E 141 10.48 -27.77 -41.61
N SER E 142 9.75 -27.42 -40.55
CA SER E 142 9.95 -26.23 -39.73
C SER E 142 11.12 -26.37 -38.76
N MET E 143 11.85 -25.26 -38.59
CA MET E 143 13.00 -25.23 -37.68
C MET E 143 12.90 -24.14 -36.62
N THR E 144 13.41 -24.38 -35.42
CA THR E 144 13.39 -23.44 -34.31
C THR E 144 14.75 -22.78 -34.14
N PHE E 145 14.73 -21.48 -33.86
CA PHE E 145 15.94 -20.68 -33.74
C PHE E 145 15.98 -20.01 -32.36
N ASP E 146 17.21 -19.78 -31.89
CA ASP E 146 17.42 -19.26 -30.52
C ASP E 146 16.45 -18.24 -29.98
N GLY E 147 16.29 -17.14 -30.68
CA GLY E 147 15.48 -16.06 -30.14
C GLY E 147 16.16 -14.70 -30.11
N ARG E 148 17.49 -14.66 -30.19
CA ARG E 148 18.21 -13.40 -30.31
C ARG E 148 18.17 -12.84 -31.73
N LEU E 149 17.61 -13.59 -32.70
CA LEU E 149 17.45 -13.09 -34.05
C LEU E 149 16.22 -12.21 -34.21
N VAL E 150 15.31 -12.23 -33.24
CA VAL E 150 14.07 -11.45 -33.36
C VAL E 150 14.37 -9.96 -33.50
N LYS E 151 15.49 -9.50 -32.94
CA LYS E 151 15.83 -8.09 -33.00
C LYS E 151 16.61 -7.72 -34.25
N LYS E 152 16.87 -8.66 -35.15
CA LYS E 152 17.51 -8.37 -36.43
C LYS E 152 16.55 -8.34 -37.60
N ILE E 153 15.51 -9.18 -37.59
CA ILE E 153 14.55 -9.29 -38.68
C ILE E 153 13.39 -8.32 -38.48
N TRP E 154 12.48 -8.26 -39.45
CA TRP E 154 11.26 -7.50 -39.33
C TRP E 154 10.17 -8.30 -38.63
N VAL E 155 9.37 -7.62 -37.80
CA VAL E 155 8.33 -8.23 -36.98
C VAL E 155 7.14 -7.28 -36.83
N PRO E 156 5.90 -7.79 -36.85
CA PRO E 156 4.71 -6.93 -36.70
C PRO E 156 4.65 -6.21 -35.35
N ASP E 157 3.83 -5.17 -35.27
CA ASP E 157 3.85 -4.21 -34.17
C ASP E 157 2.56 -4.06 -33.37
N MET E 158 2.07 -5.13 -32.76
CA MET E 158 0.75 -5.09 -32.14
C MET E 158 0.80 -4.41 -30.77
N PHE E 159 -0.27 -3.72 -30.41
CA PHE E 159 -0.38 -3.14 -29.07
C PHE E 159 -1.80 -3.34 -28.55
N PHE E 160 -1.96 -3.28 -27.22
CA PHE E 160 -3.26 -3.46 -26.59
C PHE E 160 -3.92 -2.10 -26.37
N VAL E 161 -5.10 -1.90 -26.96
CA VAL E 161 -5.76 -0.60 -26.94
C VAL E 161 -6.51 -0.40 -25.61
N HIS E 162 -6.44 0.83 -25.10
CA HIS E 162 -7.12 1.24 -23.86
C HIS E 162 -6.56 0.52 -22.64
N SER E 163 -5.29 0.16 -22.68
CA SER E 163 -4.66 -0.59 -21.60
C SER E 163 -3.94 0.37 -20.65
N LYS E 164 -3.86 -0.03 -19.38
CA LYS E 164 -3.19 0.77 -18.36
C LYS E 164 -1.69 0.45 -18.27
N ARG E 165 -1.33 -0.84 -18.25
CA ARG E 165 0.08 -1.25 -18.23
C ARG E 165 0.18 -2.72 -18.67
N SER E 166 1.39 -3.12 -19.07
CA SER E 166 1.68 -4.47 -19.55
C SER E 166 3.18 -4.71 -19.51
N PHE E 167 3.58 -5.99 -19.48
CA PHE E 167 4.98 -6.35 -19.71
C PHE E 167 5.09 -7.75 -20.33
N ILE E 168 6.29 -8.03 -20.87
CA ILE E 168 6.68 -9.34 -21.38
C ILE E 168 7.61 -9.99 -20.34
N HIS E 169 7.43 -11.29 -20.12
CA HIS E 169 8.14 -12.04 -19.10
C HIS E 169 9.59 -12.30 -19.55
N ASP E 170 10.53 -12.28 -18.60
CA ASP E 170 11.93 -12.41 -19.02
C ASP E 170 12.80 -13.23 -18.06
N THR E 171 12.24 -14.28 -17.45
CA THR E 171 13.05 -15.18 -16.63
C THR E 171 12.77 -16.61 -17.06
N THR E 172 13.82 -17.39 -17.35
CA THR E 172 15.25 -17.08 -17.20
C THR E 172 15.83 -16.26 -18.36
N THR E 173 15.05 -16.17 -19.45
CA THR E 173 15.35 -15.37 -20.62
C THR E 173 14.03 -14.82 -21.12
N ASP E 174 14.07 -14.01 -22.18
CA ASP E 174 12.85 -13.55 -22.81
C ASP E 174 11.99 -14.73 -23.25
N ASN E 175 10.71 -14.71 -22.88
CA ASN E 175 9.77 -15.78 -23.21
C ASN E 175 9.23 -15.55 -24.62
N VAL E 176 10.06 -15.90 -25.62
CA VAL E 176 9.83 -15.60 -27.03
C VAL E 176 10.21 -16.82 -27.86
N MET E 177 9.50 -17.05 -28.96
CA MET E 177 9.75 -18.22 -29.77
C MET E 177 9.68 -17.82 -31.24
N LEU E 178 10.55 -18.40 -32.06
CA LEU E 178 10.62 -18.09 -33.50
C LEU E 178 10.87 -19.37 -34.28
N ARG E 179 9.96 -19.70 -35.20
CA ARG E 179 10.06 -20.87 -36.06
C ARG E 179 9.89 -20.45 -37.52
N VAL E 180 10.71 -21.02 -38.40
CA VAL E 180 10.72 -20.67 -39.82
C VAL E 180 10.77 -21.94 -40.66
N GLN E 181 10.01 -21.94 -41.79
CA GLN E 181 9.89 -22.90 -42.87
C GLN E 181 10.78 -22.53 -44.05
N PRO E 182 11.27 -23.52 -44.82
CA PRO E 182 12.21 -23.23 -45.94
C PRO E 182 11.70 -22.28 -47.00
N ASP E 183 10.40 -22.08 -47.11
CA ASP E 183 9.84 -21.11 -48.06
C ASP E 183 9.64 -19.75 -47.45
N GLY E 184 10.02 -19.55 -46.19
CA GLY E 184 9.94 -18.25 -45.59
C GLY E 184 8.70 -18.00 -44.77
N LYS E 185 7.88 -19.02 -44.51
CA LYS E 185 6.77 -18.85 -43.59
C LYS E 185 7.28 -18.78 -42.16
N VAL E 186 6.69 -17.90 -41.36
CA VAL E 186 7.21 -17.59 -40.04
C VAL E 186 6.11 -17.75 -38.98
N LEU E 187 6.49 -18.31 -37.84
CA LEU E 187 5.63 -18.36 -36.64
C LEU E 187 6.35 -17.69 -35.47
N TYR E 188 5.67 -16.77 -34.79
CA TYR E 188 6.25 -15.91 -33.76
C TYR E 188 5.35 -15.94 -32.53
N SER E 189 5.89 -16.20 -31.33
CA SER E 189 5.05 -16.28 -30.14
C SER E 189 5.71 -15.60 -28.92
N LEU E 190 4.85 -15.05 -28.04
CA LEU E 190 5.32 -14.40 -26.81
C LEU E 190 4.29 -14.49 -25.67
N ARG E 191 4.78 -14.42 -24.42
CA ARG E 191 3.92 -14.50 -23.22
C ARG E 191 3.84 -13.12 -22.57
N VAL E 192 2.64 -12.66 -22.19
CA VAL E 192 2.45 -11.28 -21.72
C VAL E 192 1.35 -11.22 -20.65
N THR E 193 1.44 -10.17 -19.84
CA THR E 193 0.43 -9.80 -18.84
C THR E 193 -0.05 -8.37 -19.10
N VAL E 194 -1.38 -8.16 -19.06
CA VAL E 194 -2.00 -6.88 -19.39
C VAL E 194 -3.02 -6.50 -18.32
N THR E 195 -3.14 -5.20 -18.05
CA THR E 195 -4.19 -4.61 -17.24
C THR E 195 -4.98 -3.61 -18.08
N ALA E 196 -6.31 -3.77 -18.12
CA ALA E 196 -7.13 -3.11 -19.12
C ALA E 196 -8.38 -2.49 -18.51
N MET E 197 -8.88 -1.45 -19.17
CA MET E 197 -10.03 -0.67 -18.72
C MET E 197 -11.35 -1.41 -18.92
N CYS E 198 -12.27 -1.26 -17.97
CA CYS E 198 -13.59 -1.87 -18.06
C CYS E 198 -14.60 -1.01 -17.31
N ASN E 199 -15.59 -0.46 -18.02
CA ASN E 199 -16.62 0.37 -17.41
C ASN E 199 -17.71 -0.49 -16.78
N MET E 200 -18.06 -0.18 -15.53
CA MET E 200 -18.94 -1.03 -14.74
C MET E 200 -20.18 -0.27 -14.26
N ASP E 201 -21.31 -0.99 -14.22
CA ASP E 201 -22.59 -0.49 -13.75
C ASP E 201 -22.98 -1.20 -12.46
N PHE E 202 -23.19 -0.42 -11.40
CA PHE E 202 -23.49 -0.95 -10.06
C PHE E 202 -24.92 -0.62 -9.60
N SER E 203 -25.85 -0.38 -10.51
CA SER E 203 -27.24 -0.15 -10.07
C SER E 203 -27.92 -1.38 -9.48
N ARG E 204 -27.54 -2.60 -9.84
CA ARG E 204 -28.11 -3.80 -9.24
C ARG E 204 -27.12 -4.51 -8.32
N PHE E 205 -26.13 -3.79 -7.82
CA PHE E 205 -25.11 -4.38 -7.00
C PHE E 205 -25.72 -4.78 -5.66
N PRO E 206 -25.43 -6.03 -5.16
CA PRO E 206 -24.41 -6.94 -5.70
C PRO E 206 -24.95 -8.06 -6.58
N LEU E 207 -26.17 -7.93 -7.03
CA LEU E 207 -26.77 -8.93 -7.92
C LEU E 207 -26.55 -8.59 -9.38
N ASP E 208 -25.33 -8.23 -9.74
CA ASP E 208 -25.05 -7.58 -11.01
C ASP E 208 -24.31 -8.50 -11.97
N THR E 209 -24.33 -8.14 -13.24
CA THR E 209 -23.61 -8.87 -14.28
C THR E 209 -22.77 -7.88 -15.09
N GLN E 210 -21.52 -8.23 -15.38
CA GLN E 210 -20.66 -7.32 -16.14
C GLN E 210 -20.11 -8.01 -17.39
N THR E 211 -19.83 -7.21 -18.44
CA THR E 211 -19.21 -7.71 -19.67
C THR E 211 -17.93 -6.93 -19.99
N CYS E 212 -16.91 -7.64 -20.48
CA CYS E 212 -15.58 -7.07 -20.65
C CYS E 212 -14.99 -7.45 -22.01
N SER E 213 -13.94 -6.73 -22.43
CA SER E 213 -13.24 -7.06 -23.67
C SER E 213 -11.80 -6.56 -23.66
N LEU E 214 -10.95 -7.22 -24.45
CA LEU E 214 -9.55 -6.85 -24.65
C LEU E 214 -9.32 -6.59 -26.12
N GLU E 215 -8.67 -5.47 -26.43
CA GLU E 215 -8.58 -4.93 -27.78
C GLU E 215 -7.15 -5.02 -28.33
N ILE E 216 -7.02 -5.37 -29.61
CA ILE E 216 -5.71 -5.62 -30.22
C ILE E 216 -5.64 -4.89 -31.55
N GLU E 217 -4.52 -4.20 -31.80
CA GLU E 217 -4.41 -3.37 -32.98
C GLU E 217 -2.93 -3.09 -33.29
N SER E 218 -2.67 -2.74 -34.55
CA SER E 218 -1.33 -2.38 -35.02
C SER E 218 -1.10 -0.89 -34.84
N TYR E 219 0.12 -0.51 -34.40
CA TYR E 219 0.35 0.88 -34.07
C TYR E 219 0.65 1.73 -35.29
N ALA E 220 1.53 1.25 -36.18
CA ALA E 220 2.09 2.15 -37.19
C ALA E 220 1.47 1.99 -38.58
N TYR E 221 0.86 0.86 -38.90
CA TYR E 221 0.49 0.51 -40.27
C TYR E 221 -1.03 0.54 -40.42
N THR E 222 -1.53 1.23 -41.45
CA THR E 222 -2.97 1.27 -41.72
C THR E 222 -3.36 0.08 -42.58
N GLU E 223 -4.67 -0.10 -42.77
CA GLU E 223 -5.18 -1.20 -43.57
C GLU E 223 -4.69 -1.15 -45.02
N ASP E 224 -4.04 -0.08 -45.44
CA ASP E 224 -3.46 -0.08 -46.77
C ASP E 224 -2.11 -0.77 -46.81
N ASP E 225 -1.49 -1.01 -45.64
CA ASP E 225 -0.19 -1.65 -45.58
C ASP E 225 -0.17 -2.95 -44.80
N LEU E 226 -1.06 -3.15 -43.83
CA LEU E 226 -1.12 -4.41 -43.10
C LEU E 226 -2.57 -4.82 -42.89
N MET E 227 -2.83 -6.11 -43.07
CA MET E 227 -4.17 -6.69 -42.95
C MET E 227 -4.17 -7.70 -41.81
N LEU E 228 -5.00 -7.47 -40.79
CA LEU E 228 -4.97 -8.24 -39.55
C LEU E 228 -6.27 -9.02 -39.38
N TYR E 229 -6.16 -10.32 -39.11
CA TYR E 229 -7.33 -11.19 -39.03
C TYR E 229 -7.06 -12.34 -38.06
N TRP E 230 -8.15 -12.90 -37.53
CA TRP E 230 -8.09 -14.17 -36.78
C TRP E 230 -7.71 -15.32 -37.69
N LYS E 231 -6.68 -16.07 -37.30
CA LYS E 231 -6.18 -17.15 -38.15
C LYS E 231 -7.21 -18.21 -38.50
N LYS E 232 -7.87 -18.77 -37.50
CA LYS E 232 -8.79 -19.88 -37.76
C LYS E 232 -10.23 -19.50 -37.48
N GLY E 233 -10.61 -18.24 -37.66
CA GLY E 233 -12.02 -17.98 -37.44
C GLY E 233 -12.33 -18.03 -35.95
N ASN E 234 -13.48 -18.63 -35.60
CA ASN E 234 -13.89 -18.68 -34.19
C ASN E 234 -13.04 -19.64 -33.37
N ASP E 235 -12.33 -20.57 -34.01
CA ASP E 235 -11.46 -21.53 -33.36
C ASP E 235 -10.13 -20.93 -32.90
N SER E 236 -9.95 -19.61 -32.97
CA SER E 236 -8.66 -18.96 -32.74
C SER E 236 -8.37 -18.66 -31.27
N LEU E 237 -9.23 -19.09 -30.36
CA LEU E 237 -9.19 -18.68 -28.96
C LEU E 237 -9.36 -19.91 -28.09
N LYS E 238 -8.36 -20.18 -27.26
CA LYS E 238 -8.38 -21.31 -26.34
C LYS E 238 -8.27 -20.77 -24.93
N THR E 239 -8.70 -21.57 -23.96
CA THR E 239 -8.71 -21.14 -22.58
C THR E 239 -8.23 -22.26 -21.67
N ASP E 240 -7.40 -21.88 -20.68
CA ASP E 240 -6.86 -22.85 -19.74
C ASP E 240 -7.96 -23.38 -18.82
N GLU E 241 -7.95 -24.69 -18.58
CA GLU E 241 -8.97 -25.29 -17.73
C GLU E 241 -8.85 -24.91 -16.26
N ARG E 242 -7.74 -24.29 -15.85
CA ARG E 242 -7.50 -23.89 -14.46
C ARG E 242 -8.07 -22.53 -14.08
N ILE E 243 -8.68 -21.82 -15.03
CA ILE E 243 -9.06 -20.42 -14.82
C ILE E 243 -10.23 -20.32 -13.85
N SER E 244 -10.11 -19.42 -12.86
CA SER E 244 -11.08 -19.33 -11.78
C SER E 244 -10.96 -17.98 -11.08
N LEU E 245 -12.09 -17.50 -10.54
CA LEU E 245 -12.13 -16.36 -9.64
C LEU E 245 -12.98 -16.70 -8.43
N SER E 246 -12.56 -16.27 -7.25
CA SER E 246 -13.28 -16.64 -6.03
C SER E 246 -14.64 -15.97 -5.91
N GLN E 247 -14.85 -14.84 -6.58
CA GLN E 247 -16.05 -14.04 -6.41
C GLN E 247 -16.97 -14.04 -7.64
N PHE E 248 -16.53 -14.57 -8.78
CA PHE E 248 -17.30 -14.48 -10.00
C PHE E 248 -17.38 -15.83 -10.71
N LEU E 249 -18.50 -16.03 -11.41
CA LEU E 249 -18.64 -17.07 -12.43
C LEU E 249 -18.29 -16.47 -13.78
N ILE E 250 -17.43 -17.15 -14.55
CA ILE E 250 -16.92 -16.66 -15.82
C ILE E 250 -17.59 -17.43 -16.95
N GLN E 251 -18.04 -16.70 -17.98
CA GLN E 251 -18.79 -17.34 -19.04
C GLN E 251 -18.66 -16.54 -20.33
N GLU E 252 -18.93 -17.23 -21.45
CA GLU E 252 -19.24 -16.61 -22.75
C GLU E 252 -18.02 -15.94 -23.42
N PHE E 253 -16.92 -16.69 -23.50
CA PHE E 253 -15.73 -16.23 -24.23
C PHE E 253 -15.97 -16.26 -25.75
N HIS E 254 -15.69 -15.15 -26.44
CA HIS E 254 -15.78 -15.17 -27.91
C HIS E 254 -15.08 -13.96 -28.52
N THR E 255 -14.91 -14.00 -29.86
CA THR E 255 -14.06 -13.06 -30.60
C THR E 255 -14.82 -12.30 -31.69
N THR E 256 -14.48 -11.01 -31.88
CA THR E 256 -15.10 -10.21 -32.94
C THR E 256 -14.06 -9.30 -33.61
N THR E 257 -14.49 -8.59 -34.67
CA THR E 257 -13.63 -7.67 -35.43
C THR E 257 -14.38 -6.38 -35.75
N LYS E 258 -13.63 -5.27 -35.85
CA LYS E 258 -14.21 -3.98 -36.23
C LYS E 258 -13.13 -3.07 -36.77
N LEU E 259 -13.54 -2.11 -37.61
CA LEU E 259 -12.65 -1.10 -38.19
C LEU E 259 -12.67 0.18 -37.37
N ALA E 260 -11.49 0.82 -37.23
CA ALA E 260 -11.35 2.01 -36.40
C ALA E 260 -10.67 3.14 -37.17
N PHE E 261 -11.01 4.37 -36.79
CA PHE E 261 -10.58 5.58 -37.50
C PHE E 261 -9.94 6.55 -36.54
N TYR E 262 -8.79 7.11 -36.91
CA TYR E 262 -8.18 8.22 -36.21
C TYR E 262 -8.02 9.38 -37.19
N SER E 263 -8.37 10.59 -36.77
CA SER E 263 -8.52 11.72 -37.68
C SER E 263 -7.22 12.06 -38.39
N SER E 264 -6.11 11.96 -37.66
CA SER E 264 -4.84 12.45 -38.14
C SER E 264 -4.07 11.40 -38.92
N THR E 265 -4.44 10.12 -38.83
CA THR E 265 -3.57 9.03 -39.29
C THR E 265 -4.24 7.92 -40.10
N GLY E 266 -5.56 7.71 -39.99
CA GLY E 266 -6.20 6.81 -40.95
C GLY E 266 -6.99 5.68 -40.31
N TRP E 267 -7.17 4.62 -41.09
CA TRP E 267 -8.07 3.50 -40.79
C TRP E 267 -7.29 2.25 -40.37
N TYR E 268 -7.81 1.53 -39.38
CA TYR E 268 -7.11 0.37 -38.81
C TYR E 268 -8.08 -0.77 -38.53
N ASN E 269 -7.55 -2.01 -38.59
CA ASN E 269 -8.29 -3.20 -38.17
C ASN E 269 -8.07 -3.47 -36.68
N ARG E 270 -9.14 -3.85 -35.99
CA ARG E 270 -9.13 -4.07 -34.54
C ARG E 270 -9.78 -5.41 -34.19
N LEU E 271 -9.12 -6.19 -33.33
CA LEU E 271 -9.64 -7.49 -32.93
C LEU E 271 -10.09 -7.43 -31.46
N TYR E 272 -11.14 -8.21 -31.13
CA TYR E 272 -11.77 -8.18 -29.81
C TYR E 272 -11.79 -9.58 -29.21
N ILE E 273 -11.63 -9.64 -27.89
CA ILE E 273 -11.86 -10.83 -27.06
C ILE E 273 -12.88 -10.43 -25.99
N ASN E 274 -14.01 -11.13 -25.93
CA ASN E 274 -15.14 -10.74 -25.10
C ASN E 274 -15.46 -11.83 -24.07
N PHE E 275 -15.95 -11.41 -22.90
CA PHE E 275 -16.40 -12.36 -21.87
C PHE E 275 -17.33 -11.68 -20.87
N THR E 276 -18.00 -12.52 -20.07
CA THR E 276 -19.05 -12.12 -19.14
C THR E 276 -18.75 -12.64 -17.73
N LEU E 277 -19.15 -11.86 -16.72
CA LEU E 277 -18.93 -12.21 -15.32
C LEU E 277 -20.22 -12.11 -14.51
N ARG E 278 -20.42 -13.05 -13.58
CA ARG E 278 -21.57 -13.03 -12.67
C ARG E 278 -21.12 -13.23 -11.23
N ARG E 279 -21.63 -12.39 -10.33
CA ARG E 279 -21.15 -12.27 -8.96
C ARG E 279 -21.83 -13.30 -8.06
N HIS E 280 -21.10 -13.87 -7.08
CA HIS E 280 -21.77 -14.76 -6.13
C HIS E 280 -22.31 -13.92 -4.97
N ILE E 281 -23.53 -14.25 -4.52
CA ILE E 281 -24.21 -13.39 -3.54
C ILE E 281 -24.09 -13.87 -2.10
N PHE E 282 -23.61 -15.09 -1.87
CA PHE E 282 -23.65 -15.68 -0.53
C PHE E 282 -22.94 -14.82 0.52
N PHE E 283 -21.85 -14.16 0.10
CA PHE E 283 -21.05 -13.41 1.06
C PHE E 283 -21.88 -12.24 1.59
N PHE E 284 -22.67 -11.64 0.70
CA PHE E 284 -23.40 -10.42 1.02
C PHE E 284 -24.67 -10.74 1.80
N LEU E 285 -25.36 -11.83 1.46
CA LEU E 285 -26.41 -12.32 2.34
C LEU E 285 -25.91 -12.31 3.76
N LEU E 286 -24.89 -13.15 4.00
CA LEU E 286 -24.45 -13.45 5.35
C LEU E 286 -23.81 -12.25 6.04
N GLN E 287 -23.24 -11.32 5.28
CA GLN E 287 -22.49 -10.24 5.88
C GLN E 287 -23.25 -8.92 5.95
N THR E 288 -24.35 -8.78 5.21
CA THR E 288 -25.11 -7.53 5.22
C THR E 288 -26.61 -7.71 5.44
N TYR E 289 -27.24 -8.65 4.73
CA TYR E 289 -28.69 -8.64 4.71
C TYR E 289 -29.26 -9.31 5.97
N PHE E 290 -28.55 -10.30 6.50
CA PHE E 290 -29.05 -10.99 7.70
C PHE E 290 -28.98 -10.09 8.94
N PRO E 291 -27.85 -9.44 9.25
CA PRO E 291 -27.77 -8.62 10.47
C PRO E 291 -28.74 -7.44 10.47
N ALA E 292 -28.99 -6.82 9.31
CA ALA E 292 -29.98 -5.75 9.26
C ALA E 292 -31.38 -6.25 9.62
N THR E 293 -31.76 -7.42 9.08
CA THR E 293 -33.01 -8.06 9.45
C THR E 293 -33.09 -8.35 10.94
N LEU E 294 -31.98 -8.79 11.54
CA LEU E 294 -32.00 -9.12 12.96
C LEU E 294 -32.17 -7.87 13.81
N MET E 295 -31.58 -6.75 13.39
CA MET E 295 -31.82 -5.49 14.11
C MET E 295 -33.29 -5.08 14.03
N VAL E 296 -33.89 -5.21 12.86
CA VAL E 296 -35.32 -4.91 12.73
C VAL E 296 -36.13 -5.82 13.65
N MET E 297 -35.78 -7.10 13.70
CA MET E 297 -36.57 -7.97 14.58
C MET E 297 -36.34 -7.67 16.05
N LEU E 298 -35.16 -7.18 16.41
CA LEU E 298 -34.93 -6.77 17.80
C LEU E 298 -35.82 -5.58 18.18
N SER E 299 -36.03 -4.64 17.26
CA SER E 299 -36.84 -3.46 17.60
C SER E 299 -38.29 -3.81 17.95
N TRP E 300 -38.79 -4.95 17.48
CA TRP E 300 -40.18 -5.37 17.68
C TRP E 300 -40.41 -5.84 19.11
N VAL E 301 -39.37 -6.32 19.79
CA VAL E 301 -39.48 -6.85 21.15
C VAL E 301 -40.06 -5.79 22.09
N SER E 302 -39.87 -4.51 21.76
CA SER E 302 -40.33 -3.43 22.63
C SER E 302 -41.84 -3.47 22.81
N PHE E 303 -42.57 -3.84 21.77
CA PHE E 303 -44.02 -3.86 21.84
C PHE E 303 -44.54 -4.86 22.85
N TRP E 304 -43.69 -5.74 23.37
CA TRP E 304 -44.11 -6.82 24.26
C TRP E 304 -43.80 -6.56 25.74
N ILE E 305 -43.38 -5.33 26.07
CA ILE E 305 -42.84 -4.97 27.37
C ILE E 305 -43.70 -3.89 28.01
N ASP E 306 -43.87 -3.99 29.33
CA ASP E 306 -44.75 -3.12 30.10
C ASP E 306 -44.41 -1.65 29.83
N ARG E 307 -45.45 -0.87 29.50
CA ARG E 307 -45.24 0.53 29.11
C ARG E 307 -44.69 1.37 30.26
N ARG E 308 -44.71 0.83 31.48
CA ARG E 308 -44.25 1.54 32.66
C ARG E 308 -42.74 1.47 32.84
N ALA E 309 -42.07 0.56 32.14
CA ALA E 309 -40.63 0.37 32.27
C ALA E 309 -39.92 1.26 31.25
N VAL E 310 -39.92 2.56 31.58
CA VAL E 310 -39.38 3.58 30.67
C VAL E 310 -37.89 3.40 30.41
N PRO E 311 -37.04 3.28 31.44
CA PRO E 311 -35.60 3.13 31.17
C PRO E 311 -35.22 1.79 30.55
N ALA E 312 -36.16 0.89 30.31
CA ALA E 312 -35.89 -0.30 29.52
C ALA E 312 -36.28 -0.12 28.07
N ARG E 313 -37.49 0.41 27.84
CA ARG E 313 -38.01 0.51 26.48
C ARG E 313 -37.32 1.60 25.66
N VAL E 314 -36.78 2.63 26.30
CA VAL E 314 -36.12 3.69 25.53
C VAL E 314 -34.76 3.26 24.96
N PRO E 315 -33.82 2.77 25.78
CA PRO E 315 -32.53 2.33 25.21
C PRO E 315 -32.64 1.18 24.23
N LEU E 316 -33.63 0.30 24.41
CA LEU E 316 -33.79 -0.82 23.49
C LEU E 316 -33.98 -0.33 22.06
N GLY E 317 -34.65 0.79 21.89
CA GLY E 317 -34.85 1.31 20.55
C GLY E 317 -33.65 2.10 20.07
N ILE E 318 -33.10 2.92 20.97
CA ILE E 318 -31.99 3.78 20.57
C ILE E 318 -30.78 2.95 20.11
N THR E 319 -30.49 1.87 20.81
CA THR E 319 -29.29 1.09 20.49
C THR E 319 -29.40 0.45 19.11
N THR E 320 -30.61 0.07 18.70
CA THR E 320 -30.80 -0.53 17.39
C THR E 320 -30.62 0.52 16.29
N VAL E 321 -31.14 1.74 16.52
CA VAL E 321 -30.86 2.81 15.56
C VAL E 321 -29.36 2.99 15.38
N LEU E 322 -28.64 3.04 16.50
CA LEU E 322 -27.21 3.33 16.47
C LEU E 322 -26.39 2.21 15.84
N THR E 323 -26.81 0.95 16.01
CA THR E 323 -26.20 -0.16 15.28
C THR E 323 -26.47 -0.12 13.77
N MET E 324 -27.71 0.20 13.39
CA MET E 324 -28.03 0.17 11.96
C MET E 324 -27.20 1.19 11.22
N SER E 325 -26.88 2.31 11.87
CA SER E 325 -25.99 3.30 11.25
C SER E 325 -24.61 2.72 10.95
N THR E 326 -24.05 1.94 11.88
CA THR E 326 -22.74 1.31 11.64
C THR E 326 -22.80 0.34 10.46
N ILE E 327 -23.87 -0.45 10.37
CA ILE E 327 -23.93 -1.37 9.23
C ILE E 327 -23.96 -0.57 7.93
N ILE E 328 -24.79 0.48 7.88
CA ILE E 328 -24.85 1.31 6.68
C ILE E 328 -23.47 1.84 6.32
N THR E 329 -22.71 2.29 7.33
CA THR E 329 -21.41 2.84 7.00
C THR E 329 -20.44 1.76 6.53
N GLY E 330 -20.44 0.60 7.19
CA GLY E 330 -19.50 -0.45 6.83
C GLY E 330 -19.68 -0.96 5.42
N VAL E 331 -20.90 -0.91 4.88
CA VAL E 331 -21.07 -1.38 3.50
C VAL E 331 -20.44 -0.40 2.51
N ASN E 332 -20.85 0.87 2.56
CA ASN E 332 -20.50 1.82 1.52
C ASN E 332 -19.05 2.27 1.56
N ALA E 333 -18.30 1.90 2.59
CA ALA E 333 -16.91 2.32 2.68
C ALA E 333 -16.02 1.52 1.73
N SER E 334 -16.55 0.51 1.07
CA SER E 334 -15.75 -0.38 0.24
C SER E 334 -15.85 -0.07 -1.25
N MET E 335 -16.83 0.70 -1.69
CA MET E 335 -17.14 0.81 -3.10
C MET E 335 -16.75 2.18 -3.66
N PRO E 336 -16.72 2.35 -4.97
CA PRO E 336 -16.55 3.70 -5.53
C PRO E 336 -17.75 4.60 -5.26
N ARG E 337 -17.46 5.90 -5.24
CA ARG E 337 -18.43 6.94 -4.87
C ARG E 337 -19.27 7.35 -6.07
N VAL E 338 -20.17 6.46 -6.46
CA VAL E 338 -21.02 6.71 -7.62
C VAL E 338 -22.11 7.73 -7.37
N SER E 339 -22.70 8.22 -8.44
CA SER E 339 -23.71 9.27 -8.30
C SER E 339 -25.13 8.73 -8.31
N TYR E 340 -25.31 7.43 -8.08
CA TYR E 340 -26.65 6.84 -8.13
C TYR E 340 -26.77 5.78 -7.05
N ILE E 341 -28.03 5.43 -6.73
CA ILE E 341 -28.33 4.50 -5.63
C ILE E 341 -28.12 3.06 -6.08
N LYS E 342 -27.54 2.23 -5.20
CA LYS E 342 -27.36 0.82 -5.49
C LYS E 342 -28.46 -0.01 -4.81
N ALA E 343 -28.59 -1.28 -5.24
CA ALA E 343 -29.70 -2.10 -4.76
C ALA E 343 -29.58 -2.42 -3.27
N VAL E 344 -28.36 -2.38 -2.73
CA VAL E 344 -28.16 -2.70 -1.32
C VAL E 344 -28.48 -1.48 -0.44
N ASP E 345 -28.26 -0.29 -0.98
CA ASP E 345 -28.60 0.95 -0.28
C ASP E 345 -30.10 1.02 0.04
N ILE E 346 -30.94 0.62 -0.92
CA ILE E 346 -32.38 0.65 -0.73
C ILE E 346 -32.78 -0.18 0.48
N TYR E 347 -32.31 -1.42 0.51
CA TYR E 347 -32.64 -2.32 1.60
C TYR E 347 -32.21 -1.73 2.94
N LEU E 348 -30.97 -1.24 3.02
CA LEU E 348 -30.50 -0.79 4.32
C LEU E 348 -31.24 0.46 4.79
N TRP E 349 -31.60 1.38 3.88
CA TRP E 349 -32.20 2.61 4.35
C TRP E 349 -33.67 2.41 4.71
N VAL E 350 -34.35 1.50 4.01
CA VAL E 350 -35.69 1.10 4.41
C VAL E 350 -35.69 0.43 5.80
N SER E 351 -34.72 -0.45 6.05
CA SER E 351 -34.62 -1.02 7.39
C SER E 351 -34.37 0.06 8.45
N PHE E 352 -33.57 1.07 8.09
CA PHE E 352 -33.33 2.18 9.01
C PHE E 352 -34.63 2.88 9.40
N VAL E 353 -35.48 3.20 8.42
CA VAL E 353 -36.69 3.92 8.79
C VAL E 353 -37.62 3.01 9.60
N PHE E 354 -37.65 1.72 9.29
CA PHE E 354 -38.42 0.79 10.11
C PHE E 354 -38.00 0.87 11.58
N VAL E 355 -36.69 0.93 11.83
CA VAL E 355 -36.22 0.98 13.23
C VAL E 355 -36.47 2.35 13.83
N PHE E 356 -36.28 3.41 13.02
CA PHE E 356 -36.48 4.78 13.52
C PHE E 356 -37.91 5.00 14.01
N LEU E 357 -38.88 4.42 13.33
CA LEU E 357 -40.28 4.67 13.65
C LEU E 357 -40.70 4.06 15.00
N SER E 358 -40.07 2.94 15.40
CA SER E 358 -40.40 2.29 16.66
C SER E 358 -40.05 3.14 17.88
N VAL E 359 -39.18 4.14 17.72
CA VAL E 359 -38.87 5.05 18.81
C VAL E 359 -39.96 6.12 18.96
N LEU E 360 -40.40 6.70 17.85
CA LEU E 360 -41.52 7.63 17.87
C LEU E 360 -42.79 6.99 18.42
N GLU E 361 -42.99 5.70 18.16
CA GLU E 361 -44.15 4.97 18.69
C GLU E 361 -44.23 5.03 20.20
N TYR E 362 -43.17 4.63 20.88
CA TYR E 362 -43.14 4.67 22.34
C TYR E 362 -43.17 6.10 22.88
N ALA E 363 -42.55 7.06 22.18
CA ALA E 363 -42.69 8.45 22.61
C ALA E 363 -44.16 8.86 22.66
N ALA E 364 -44.93 8.49 21.63
CA ALA E 364 -46.37 8.76 21.61
C ALA E 364 -47.09 8.08 22.77
N VAL E 365 -46.76 6.82 23.04
CA VAL E 365 -47.44 6.12 24.14
C VAL E 365 -47.15 6.81 25.47
N ASN E 366 -45.89 7.21 25.69
CA ASN E 366 -45.54 7.86 26.95
C ASN E 366 -46.29 9.20 27.11
N TYR E 367 -46.36 9.99 26.04
CA TYR E 367 -47.05 11.28 26.12
C TYR E 367 -48.54 11.10 26.40
N LEU E 368 -49.16 10.12 25.74
CA LEU E 368 -50.60 9.96 25.90
C LEU E 368 -50.94 9.43 27.30
N THR E 369 -50.08 8.56 27.83
CA THR E 369 -50.23 8.11 29.21
C THR E 369 -50.11 9.28 30.19
N THR E 370 -49.16 10.19 29.97
CA THR E 370 -49.05 11.34 30.86
C THR E 370 -50.28 12.23 30.78
N VAL E 371 -50.88 12.39 29.60
CA VAL E 371 -52.12 13.16 29.47
C VAL E 371 -53.24 12.51 30.28
N GLN E 372 -53.36 11.17 30.18
CA GLN E 372 -54.35 10.45 30.99
C GLN E 372 -54.12 10.67 32.49
N GLU E 373 -52.86 10.64 32.92
CA GLU E 373 -52.56 10.92 34.32
C GLU E 373 -53.03 12.31 34.73
N ARG E 374 -52.78 13.30 33.87
CA ARG E 374 -53.18 14.67 34.17
C ARG E 374 -54.68 14.82 34.24
N LYS E 375 -55.40 13.97 33.50
CA LYS E 375 -56.86 14.04 33.51
C LYS E 375 -57.42 13.38 34.77
N GLU E 376 -56.80 12.27 35.17
CA GLU E 376 -57.29 11.55 36.34
C GLU E 376 -56.98 12.30 37.62
N GLN E 377 -55.99 13.18 37.57
CA GLN E 377 -55.50 13.80 38.79
C GLN E 377 -56.38 14.98 39.15
N ASP E 451 -52.91 -2.48 31.93
CA ASP E 451 -53.48 -2.71 30.61
C ASP E 451 -52.50 -2.39 29.52
N THR E 452 -52.89 -2.69 28.29
CA THR E 452 -52.06 -2.48 27.13
C THR E 452 -52.66 -1.37 26.27
N HIS E 453 -51.84 -0.43 25.83
CA HIS E 453 -52.39 0.69 25.07
C HIS E 453 -52.72 0.22 23.65
N ALA E 454 -53.73 0.85 23.05
CA ALA E 454 -54.15 0.48 21.70
C ALA E 454 -53.00 0.57 20.70
N ILE E 455 -52.08 1.52 20.90
CA ILE E 455 -50.96 1.67 19.98
C ILE E 455 -50.05 0.46 20.01
N ASP E 456 -49.71 -0.04 21.21
CA ASP E 456 -48.95 -1.28 21.34
C ASP E 456 -49.69 -2.44 20.68
N LYS E 457 -50.99 -2.56 20.99
CA LYS E 457 -51.81 -3.66 20.50
C LYS E 457 -51.80 -3.73 18.98
N TYR E 458 -51.86 -2.56 18.33
CA TYR E 458 -51.86 -2.55 16.87
C TYR E 458 -50.46 -2.70 16.27
N SER E 459 -49.44 -2.11 16.92
CA SER E 459 -48.08 -2.22 16.39
C SER E 459 -47.64 -3.67 16.33
N ARG E 460 -47.99 -4.47 17.35
CA ARG E 460 -47.66 -5.89 17.37
C ARG E 460 -48.09 -6.63 16.11
N ILE E 461 -49.07 -6.13 15.37
CA ILE E 461 -49.49 -6.75 14.14
C ILE E 461 -48.93 -6.01 12.92
N ILE E 462 -48.91 -4.68 12.98
CA ILE E 462 -48.67 -3.89 11.78
C ILE E 462 -47.21 -3.88 11.37
N PHE E 463 -46.28 -3.76 12.32
CA PHE E 463 -44.88 -3.65 11.89
C PHE E 463 -44.38 -4.90 11.16
N PRO E 464 -44.56 -6.12 11.68
CA PRO E 464 -44.03 -7.30 10.96
C PRO E 464 -44.67 -7.53 9.59
N ALA E 465 -45.98 -7.36 9.48
CA ALA E 465 -46.67 -7.51 8.20
C ALA E 465 -46.10 -6.59 7.13
N ALA E 466 -45.89 -5.32 7.49
CA ALA E 466 -45.30 -4.36 6.56
C ALA E 466 -43.89 -4.77 6.13
N TYR E 467 -43.06 -5.26 7.08
CA TYR E 467 -41.72 -5.66 6.67
C TYR E 467 -41.76 -6.85 5.71
N ILE E 468 -42.67 -7.79 5.95
CA ILE E 468 -42.78 -8.96 5.08
C ILE E 468 -43.26 -8.57 3.68
N LEU E 469 -44.22 -7.64 3.61
CA LEU E 469 -44.63 -7.11 2.30
C LEU E 469 -43.45 -6.46 1.57
N PHE E 470 -42.65 -5.68 2.29
CA PHE E 470 -41.51 -5.03 1.65
C PHE E 470 -40.54 -6.08 1.08
N ASN E 471 -40.26 -7.14 1.83
CA ASN E 471 -39.33 -8.16 1.35
C ASN E 471 -39.88 -8.90 0.13
N LEU E 472 -41.17 -9.20 0.13
CA LEU E 472 -41.77 -9.83 -1.06
C LEU E 472 -41.55 -8.95 -2.29
N ILE E 473 -41.83 -7.65 -2.17
CA ILE E 473 -41.67 -6.76 -3.32
C ILE E 473 -40.20 -6.70 -3.76
N TYR E 474 -39.29 -6.53 -2.80
CA TYR E 474 -37.87 -6.35 -3.13
C TYR E 474 -37.33 -7.56 -3.89
N TRP E 475 -37.58 -8.76 -3.37
CA TRP E 475 -37.01 -9.93 -4.03
C TRP E 475 -37.82 -10.32 -5.26
N SER E 476 -39.00 -9.73 -5.47
CA SER E 476 -39.63 -9.83 -6.77
C SER E 476 -38.95 -8.94 -7.80
N ILE E 477 -38.44 -7.79 -7.37
CA ILE E 477 -37.81 -6.90 -8.32
C ILE E 477 -36.40 -7.34 -8.66
N PHE E 478 -35.59 -7.72 -7.67
CA PHE E 478 -34.20 -8.04 -7.91
C PHE E 478 -33.94 -9.55 -8.01
N SER E 479 -34.96 -10.37 -7.82
CA SER E 479 -34.92 -11.81 -8.13
C SER E 479 -33.76 -12.58 -7.50
C1 A1IFF F . 32.83 6.64 -1.09
C2 A1IFF F . 33.14 8.08 -0.69
C3 A1IFF F . 32.36 8.99 -1.62
C6 A1IFF F . 33.68 5.67 -0.27
O7 A1IFF F . 33.92 5.94 0.91
N4 A1IFF F . 32.77 10.41 -1.45
O5 A1IFF F . 34.54 8.32 -0.87
O8 A1IFF F . 34.09 4.65 -0.87
C1 NAG G . 33.43 37.53 -27.87
C2 NAG G . 32.87 38.81 -27.23
C3 NAG G . 33.23 40.02 -28.09
C4 NAG G . 34.72 40.07 -28.37
C5 NAG G . 35.17 38.73 -28.94
C6 NAG G . 36.66 38.62 -29.21
C7 NAG G . 30.88 38.46 -25.81
C8 NAG G . 29.38 38.46 -25.78
N2 NAG G . 31.44 38.76 -27.00
O3 NAG G . 32.81 41.18 -27.41
O4 NAG G . 34.94 41.12 -29.28
O5 NAG G . 34.81 37.68 -28.05
O6 NAG G . 36.96 37.31 -29.63
O7 NAG G . 31.54 38.19 -24.81
C1 NAG H . 25.39 34.45 2.65
C2 NAG H . 25.55 33.41 3.77
C3 NAG H . 26.59 33.71 4.88
C4 NAG H . 27.34 35.04 4.79
C5 NAG H . 26.71 36.02 3.80
C6 NAG H . 27.61 37.20 3.52
C7 NAG H . 24.01 32.15 5.17
C8 NAG H . 22.76 32.26 6.01
N2 NAG H . 24.37 33.29 4.57
O3 NAG H . 27.44 32.61 5.06
O4 NAG H . 27.38 35.58 6.09
O5 NAG H . 26.49 35.32 2.59
O6 NAG H . 27.32 38.28 4.40
O7 NAG H . 24.63 31.10 5.06
C1 D10 I . -20.90 22.36 32.01
C2 D10 I . -21.55 23.08 33.20
C3 D10 I . -23.06 22.86 33.18
C4 D10 I . -23.73 23.73 34.25
C5 D10 I . -25.26 23.60 34.19
C6 D10 I . -25.89 24.60 35.18
C7 D10 I . -27.41 24.57 35.13
C8 D10 I . -27.96 25.66 36.04
C9 D10 I . -29.48 25.77 35.90
C10 D10 I . -29.98 27.00 36.66
C1 OCT J . -9.48 24.37 24.08
C2 OCT J . -8.42 24.65 23.04
C3 OCT J . -7.85 26.05 23.23
C4 OCT J . -6.88 26.36 22.10
C5 OCT J . -6.13 27.64 22.43
C6 OCT J . -5.16 27.98 21.32
C7 OCT J . -4.41 29.26 21.64
C8 OCT J . -3.58 29.68 20.43
C1 HEX K . -7.95 29.53 27.85
C2 HEX K . -7.25 29.63 26.49
C3 HEX K . -6.37 30.88 26.46
C4 HEX K . -5.02 30.52 25.84
C5 HEX K . -4.42 31.78 25.22
C6 HEX K . -3.15 31.41 24.46
C1 OCT L . 1.02 22.00 33.12
C2 OCT L . 2.24 22.22 32.25
C3 OCT L . 3.24 21.08 32.45
C4 OCT L . 4.56 21.53 31.84
C5 OCT L . 5.49 20.36 31.59
C6 OCT L . 6.65 20.83 30.72
C7 OCT L . 7.76 19.77 30.79
C8 OCT L . 9.00 20.25 30.05
C1 HEX M . 8.47 16.37 30.76
C2 HEX M . 7.43 15.75 31.69
C3 HEX M . 6.10 16.50 31.63
C4 HEX M . 5.04 15.65 32.32
C5 HEX M . 3.78 16.45 32.62
C6 HEX M . 2.69 15.52 33.16
CL CL N . -28.67 2.40 31.36
CL CL O . -32.67 2.68 35.54
C1 A1IFF P . 15.99 23.47 -17.82
C2 A1IFF P . 15.02 24.39 -18.55
C3 A1IFF P . 14.14 23.51 -19.44
C6 A1IFF P . 16.98 24.29 -17.01
O7 A1IFF P . 16.58 25.34 -16.46
N4 A1IFF P . 13.33 24.35 -20.36
O5 A1IFF P . 15.77 25.28 -19.38
O8 A1IFF P . 18.16 23.85 -16.94
C1 NAG Q . 1.75 15.46 -55.30
C2 NAG Q . 0.29 15.92 -55.43
C3 NAG Q . -0.12 15.95 -56.91
C4 NAG Q . 0.86 16.79 -57.71
C5 NAG Q . 2.28 16.30 -57.46
C6 NAG Q . 3.36 17.08 -58.17
C7 NAG Q . -1.10 15.42 -53.46
C8 NAG Q . -2.06 14.43 -52.85
N2 NAG Q . -0.63 15.10 -54.67
O3 NAG Q . -1.41 16.49 -56.98
O4 NAG Q . 0.51 16.65 -59.07
O5 NAG Q . 2.55 16.33 -56.07
O6 NAG Q . 4.62 16.61 -57.77
O7 NAG Q . -0.80 16.46 -52.88
C1 NAG R . -9.92 29.59 -29.42
C2 NAG R . -9.38 30.13 -28.07
C3 NAG R . -9.29 31.66 -27.91
C4 NAG R . -9.75 32.52 -29.09
C5 NAG R . -10.56 31.73 -30.12
C6 NAG R . -10.78 32.52 -31.39
C7 NAG R . -9.84 29.65 -25.73
C8 NAG R . -10.95 29.40 -24.73
N2 NAG R . -10.27 29.83 -26.99
O3 NAG R . -8.00 32.01 -27.45
O4 NAG R . -10.50 33.60 -28.55
O5 NAG R . -9.85 30.56 -30.43
O6 NAG R . -11.99 33.23 -31.34
O7 NAG R . -8.66 29.65 -25.41
C1 D10 S . -38.57 14.37 16.41
C2 D10 S . -39.84 14.95 17.01
C3 D10 S . -40.62 13.85 17.74
C4 D10 S . -41.98 14.39 18.19
C5 D10 S . -42.83 13.29 18.84
C6 D10 S . -44.22 13.83 19.16
C7 D10 S . -45.13 12.76 19.74
C8 D10 S . -46.55 13.34 19.91
C9 D10 S . -47.52 12.26 20.34
C10 D10 S . -48.95 12.82 20.31
C1 OCT T . -30.60 17.37 5.23
C2 OCT T . -29.82 17.46 3.92
C3 OCT T . -30.55 18.41 2.97
C4 OCT T . -29.83 18.40 1.62
C5 OCT T . -30.41 19.52 0.77
C6 OCT T . -29.71 19.53 -0.60
C7 OCT T . -30.27 20.66 -1.47
C8 OCT T . -29.70 20.53 -2.88
C1 HEX U . -34.48 22.52 4.01
C2 HEX U . -33.73 22.11 2.75
C3 HEX U . -34.07 23.07 1.62
C4 HEX U . -32.80 23.44 0.88
C5 HEX U . -33.14 23.83 -0.56
C6 HEX U . -31.86 24.06 -1.36
C1 OCT V . -24.96 29.76 8.68
C2 OCT V . -24.10 30.07 7.46
C3 OCT V . -22.71 30.52 7.90
C4 OCT V . -22.04 31.15 6.69
C5 OCT V . -20.53 31.25 6.87
C6 OCT V . -19.90 31.58 5.52
C7 OCT V . -18.47 32.05 5.78
C8 OCT V . -17.82 32.54 4.49
C1 HEX W . -15.54 31.45 7.58
C2 HEX W . -16.01 31.19 9.00
C3 HEX W . -17.36 30.49 9.03
C4 HEX W . -17.61 29.97 10.44
C5 HEX W . -19.07 29.57 10.65
C6 HEX W . -19.22 28.92 12.03
C1 A1IFF X . 25.41 -21.07 -5.84
C2 A1IFF X . 26.42 -21.08 -4.69
C3 A1IFF X . 26.91 -19.66 -4.49
C6 A1IFF X . 24.97 -22.48 -6.17
O7 A1IFF X . 24.84 -23.30 -5.24
N4 A1IFF X . 28.06 -19.63 -3.54
O5 A1IFF X . 27.52 -21.91 -5.06
O8 A1IFF X . 24.77 -22.74 -7.39
C1 NAG Y . 57.15 4.63 -3.61
C2 NAG Y . 57.41 5.04 -2.15
C3 NAG Y . 58.79 5.68 -2.03
C4 NAG Y . 59.86 4.78 -2.62
C5 NAG Y . 59.46 4.39 -4.05
C6 NAG Y . 60.43 3.45 -4.73
C7 NAG Y . 55.37 5.49 -0.85
C8 NAG Y . 54.42 6.57 -0.39
N2 NAG Y . 56.39 5.90 -1.62
O3 NAG Y . 59.03 5.93 -0.67
O4 NAG Y . 61.07 5.52 -2.61
O5 NAG Y . 58.18 3.78 -4.04
O6 NAG Y . 59.90 3.09 -5.98
O7 NAG Y . 55.21 4.32 -0.53
C1 NAG Z . 38.02 -9.29 17.52
C2 NAG Z . 36.97 -10.43 17.54
C3 NAG Z . 37.39 -11.75 18.19
C4 NAG Z . 38.80 -11.83 18.80
C5 NAG Z . 39.45 -10.46 18.96
C6 NAG Z . 40.92 -10.57 19.31
C7 NAG Z . 34.61 -10.56 18.10
C8 NAG Z . 33.57 -10.14 19.11
N2 NAG Z . 35.84 -10.10 18.34
O3 NAG Z . 37.11 -12.83 17.33
O4 NAG Z . 38.68 -12.50 20.05
O5 NAG Z . 39.32 -9.77 17.74
O6 NAG Z . 41.12 -10.57 20.70
O7 NAG Z . 34.34 -11.26 17.13
C1 D10 AA . -10.64 2.39 42.95
C2 D10 AA . -11.02 2.36 44.43
C3 D10 AA . -12.11 3.40 44.72
C4 D10 AA . -12.36 3.49 46.22
C5 D10 AA . -13.38 4.59 46.54
C6 D10 AA . -13.50 4.75 48.06
C7 D10 AA . -14.45 5.88 48.45
C8 D10 AA . -14.41 6.06 49.98
C9 D10 AA . -15.23 7.29 50.39
C10 D10 AA . -15.02 7.55 51.88
C1 OCT BA . 0.98 -0.37 35.56
C2 OCT BA . 2.25 -0.41 34.72
C3 OCT BA . 3.47 -0.50 35.63
C4 OCT BA . 4.72 -0.42 34.77
C5 OCT BA . 5.93 -0.76 35.65
C6 OCT BA . 7.20 -0.67 34.83
C7 OCT BA . 8.41 -1.01 35.69
C8 OCT BA . 9.70 -0.75 34.90
C1 HEX CA . 3.94 -2.19 41.14
C2 HEX CA . 4.97 -1.82 40.07
C3 HEX CA . 6.37 -2.06 40.64
C4 HEX CA . 7.22 -2.75 39.58
C5 HEX CA . 8.69 -2.42 39.82
C6 HEX CA . 9.54 -2.99 38.68
C1 OCT DA . 2.38 -14.27 37.09
C2 OCT DA . 3.65 -14.55 36.29
C3 OCT DA . 3.43 -15.75 35.37
C4 OCT DA . 4.80 -16.20 34.86
C5 OCT DA . 4.68 -17.08 33.64
C6 OCT DA . 6.06 -17.24 33.02
C7 OCT DA . 6.02 -18.42 32.05
C8 OCT DA . 7.41 -18.71 31.50
C1 HEX EA . 4.18 -19.97 29.53
C2 HEX EA . 2.75 -19.99 30.06
C3 HEX EA . 2.45 -18.76 30.91
C4 HEX EA . 0.94 -18.67 31.11
C5 HEX EA . 0.58 -17.69 32.22
C6 HEX EA . -0.94 -17.54 32.28
C1 A1IFF FA . 3.98 -21.39 -25.50
C2 A1IFF FA . 4.14 -22.83 -25.03
C3 A1IFF FA . 5.33 -22.87 -24.07
C6 A1IFF FA . 2.89 -21.30 -26.56
O7 A1IFF FA . 1.88 -22.03 -26.43
N4 A1IFF FA . 5.70 -24.26 -23.74
O5 A1IFF FA . 4.43 -23.66 -26.15
O8 A1IFF FA . 3.07 -20.50 -27.50
C1 NAG GA . 40.22 -37.77 -16.00
C2 NAG GA . 40.08 -38.73 -14.81
C3 NAG GA . 41.33 -39.60 -14.69
C4 NAG GA . 41.63 -40.29 -16.01
C5 NAG GA . 41.68 -39.25 -17.13
C6 NAG GA . 41.92 -39.83 -18.51
C7 NAG GA . 38.60 -37.92 -13.02
C8 NAG GA . 38.56 -37.17 -11.71
N2 NAG GA . 39.83 -38.05 -13.56
O3 NAG GA . 41.11 -40.54 -13.67
O4 NAG GA . 42.87 -40.95 -15.87
O5 NAG GA . 40.46 -38.53 -17.16
O6 NAG GA . 41.84 -38.80 -19.46
O7 NAG GA . 37.59 -38.35 -13.53
C1 NAG HA . 10.56 -41.21 -5.34
C2 NAG HA . 9.13 -40.82 -5.78
C3 NAG HA . 8.23 -41.94 -6.34
C4 NAG HA . 8.82 -43.36 -6.38
C5 NAG HA . 10.09 -43.50 -5.56
C6 NAG HA . 10.79 -44.82 -5.81
C7 NAG HA . 7.34 -39.50 -4.80
C8 NAG HA . 6.58 -39.24 -3.52
N2 NAG HA . 8.33 -40.39 -4.68
O3 NAG HA . 7.67 -41.53 -7.57
O4 NAG HA . 7.79 -44.24 -5.95
O5 NAG HA . 10.95 -42.44 -5.89
O6 NAG HA . 10.37 -45.81 -4.92
O7 NAG HA . 7.08 -38.92 -5.85
C1 D10 IA . -22.00 -17.92 34.02
C2 D10 IA . -22.85 -18.57 35.12
C3 D10 IA . -22.94 -17.62 36.32
C4 D10 IA . -23.63 -18.34 37.50
C5 D10 IA . -23.65 -17.45 38.75
C6 D10 IA . -24.21 -18.25 39.92
C7 D10 IA . -24.20 -17.45 41.22
C8 D10 IA . -24.66 -18.36 42.37
C9 D10 IA . -24.51 -17.64 43.72
C10 D10 IA . -24.78 -18.62 44.85
C1 OCT JA . -13.69 -22.67 23.74
C2 OCT JA . -12.59 -23.08 22.76
C3 OCT JA . -12.25 -24.55 22.98
C4 OCT JA . -11.07 -24.92 22.07
C5 OCT JA . -10.90 -26.43 22.11
C6 OCT JA . -9.71 -26.83 21.22
C7 OCT JA . -9.53 -28.34 21.24
C8 OCT JA . -8.23 -28.69 20.51
C1 HEX KA . -15.27 -28.81 25.47
C2 HEX KA . -13.96 -28.78 24.69
C3 HEX KA . -13.46 -30.22 24.52
C4 HEX KA . -12.99 -30.40 23.08
C5 HEX KA . -11.94 -31.51 23.04
C6 HEX KA . -11.35 -31.60 21.62
C1 OCT LA . -22.78 -28.94 15.06
C2 OCT LA . -21.87 -29.46 13.95
C3 OCT LA . -22.45 -29.11 12.59
C4 OCT LA . -21.70 -29.93 11.54
C5 OCT LA . -21.89 -29.36 10.15
C6 OCT LA . -20.87 -30.04 9.22
C7 OCT LA . -21.31 -29.77 7.78
C8 OCT LA . -20.42 -30.54 6.80
C1 HEX MA . -22.52 -27.38 5.55
C2 HEX MA . -23.63 -26.67 6.32
C3 HEX MA . -23.32 -26.59 7.82
C4 HEX MA . -24.29 -25.59 8.45
C5 HEX MA . -24.29 -25.72 9.98
C6 HEX MA . -25.15 -24.59 10.55
C1 A1IFF NA . -1.84 6.13 -32.91
C2 A1IFF NA . -2.90 5.27 -33.60
C3 A1IFF NA . -2.56 3.81 -33.31
C6 A1IFF NA . -2.05 7.60 -33.25
O7 A1IFF NA . -3.22 8.02 -33.36
N4 A1IFF NA . -3.41 2.92 -34.13
O5 A1IFF NA . -2.84 5.50 -35.00
O8 A1IFF NA . -1.02 8.29 -33.40
C1 NAG OA . 5.98 -31.08 -47.95
C2 NAG OA . 4.78 -32.00 -47.74
C3 NAG OA . 4.92 -33.26 -48.61
C4 NAG OA . 5.17 -32.88 -50.07
C5 NAG OA . 6.34 -31.91 -50.15
C6 NAG OA . 6.64 -31.41 -51.54
C7 NAG OA . 3.69 -31.78 -45.54
C8 NAG OA . 3.64 -32.32 -44.13
N2 NAG OA . 4.58 -32.37 -46.36
O3 NAG OA . 3.75 -34.02 -48.47
O4 NAG OA . 5.44 -34.07 -50.76
O5 NAG OA . 6.08 -30.78 -49.32
O6 NAG OA . 7.67 -30.44 -51.47
O7 NAG OA . 2.96 -30.86 -45.89
C1 NAG PA . -19.07 -17.19 -34.34
C2 NAG PA . -19.52 -15.77 -33.97
C3 NAG PA . -20.62 -15.12 -34.84
C4 NAG PA . -21.19 -15.95 -35.99
C5 NAG PA . -20.83 -17.43 -35.89
C6 NAG PA . -21.16 -18.18 -37.15
C7 NAG PA . -20.14 -14.65 -31.89
C8 NAG PA . -20.94 -14.82 -30.62
N2 NAG PA . -20.17 -15.73 -32.69
O3 NAG PA . -20.20 -13.83 -35.24
O4 NAG PA . -22.59 -15.76 -35.98
O5 NAG PA . -19.44 -17.53 -35.65
O6 NAG PA . -22.45 -18.75 -37.08
O7 NAG PA . -19.50 -13.65 -32.14
C1 D10 QA . -39.26 -10.53 17.62
C2 D10 QA . -40.65 -10.79 18.19
C3 D10 QA . -40.55 -11.18 19.67
C4 D10 QA . -41.92 -11.62 20.19
C5 D10 QA . -41.83 -12.10 21.64
C6 D10 QA . -43.19 -12.66 22.07
C7 D10 QA . -43.15 -13.22 23.50
C8 D10 QA . -44.51 -13.87 23.80
C9 D10 QA . -44.46 -14.58 25.16
C10 D10 QA . -45.74 -15.38 25.36
C1 OCT RA . -33.19 -11.72 5.00
C2 OCT RA . -32.40 -12.05 3.74
C3 OCT RA . -33.28 -12.87 2.79
C4 OCT RA . -32.43 -13.29 1.60
C5 OCT RA . -33.34 -13.90 0.55
C6 OCT RA . -32.53 -14.35 -0.66
C7 OCT RA . -33.44 -14.95 -1.72
C8 OCT RA . -32.58 -15.55 -2.83
C1 HEX SA . -39.01 -13.55 2.53
C2 HEX SA . -37.87 -14.01 1.63
C3 HEX SA . -38.45 -14.70 0.40
C4 HEX SA . -37.71 -14.22 -0.84
C5 HEX SA . -37.79 -15.30 -1.92
C6 HEX SA . -36.92 -14.89 -3.10
C1 OCT TA . -39.67 -1.74 -2.49
C2 OCT TA . -39.00 -1.89 -3.85
C3 OCT TA . -38.59 -0.51 -4.38
C4 OCT TA . -38.28 -0.68 -5.86
C5 OCT TA . -37.45 0.49 -6.38
C6 OCT TA . -36.91 0.12 -7.76
C7 OCT TA . -36.44 1.40 -8.43
C8 OCT TA . -36.02 1.12 -9.87
C1 HEX UA . -34.70 4.39 -8.00
C2 HEX UA . -35.22 4.95 -6.68
C3 HEX UA . -35.56 3.83 -5.70
C4 HEX UA . -35.75 4.46 -4.31
C5 HEX UA . -36.43 3.49 -3.35
C6 HEX UA . -36.45 4.10 -1.95
#